data_8TY1
#
_entry.id   8TY1
#
_cell.length_a   1.00
_cell.length_b   1.00
_cell.length_c   1.00
_cell.angle_alpha   90.00
_cell.angle_beta   90.00
_cell.angle_gamma   90.00
#
_symmetry.space_group_name_H-M   'P 1'
#
loop_
_entity.id
_entity.type
_entity.pdbx_description
1 polymer 'Coagulation factor VIII'
2 polymer 'NB2E9 light chain'
3 polymer 'NB2E9 heavy chain'
4 branched alpha-D-mannopyranose-(1-3)-beta-D-mannopyranose-(1-4)-2-acetamido-2-deoxy-beta-D-glucopyranose-(1-4)-2-acetamido-2-deoxy-beta-D-glucopyranose
#
loop_
_entity_poly.entity_id
_entity_poly.type
_entity_poly.pdbx_seq_one_letter_code
_entity_poly.pdbx_strand_id
1 'polypeptide(L)'
;MQLELSTCVFLCLLPLGFSAIRRYYLGAVELSWDYRQSELLRELHVDTRFPATAPGALPLGPSVLYKKTVFVEFTDQLFS
VARPRPPWMGLLGPTIQAEVYDTVVVTLKNMASHPVSLHAVGVSFWKSSEGAEYEDHTSQREKEDDKVLPGKSQTYVWQV
LKENGPTASDPPCLTYSYLSHVDLVKDLNSGLIGALLVCREGSLTRERTQNLHEFVLLFAVFDEGKSWHSARNDSWTRAM
DPAPARAQPAMHTVNGYVNRSLPGLIGCHKKSVYWHVIGMGTSPEVHSIFLEGHTFLVRHHRQASLEISPLTFLTAQTFL
MDLGQFLLFCHISSHHHGGMEAHVRVESCAEEPQLRRKADEEEDYDDNLYDSDMDVVRLDGDDVSPFIQIRSVAKKHPKT
WVHYIAAEEEDWDYAPLVLAPDDRSYKSQYLNNGPQRIGRKYKKVRFMAYTDETFKTREAIQHESGILGPLLYGEVGDTL
LIIFKNQASRPYNIYPHGITDVRPLYSRRLPKGVKHLKDFPILPGEIFKYKWTVTVEDGPTKSDPRCLTRYYSSFVNMER
DLASGLIGPLLICYKESVDQRGNQIMSDKRNVILFSVFDENRSWYLTENIQRFLPNPAGVQLEDPEFQASNIMHSINGYV
FDSLQLSVCLHEVAYWYILSIGAQTDFLSVFFSGYTFKHKMVYEDTLTLFPFSGETVFMSMENPGLWILGCHNSDFRNRG
MTALLKVSSCDKNTGDYYEDSYEDISAYLLSKNNAIEPRSFAQNSRPPSASAPKPPVLRRHQRDISLPTFQPEEDKMDYD
DIFSTETKGEDFDIYGEDENQDPRSFQKRTRHYFIAAVEQLWDYGMSESPRALRNRAQNGEVPRFKKVVFREFADGSFTQ
PSYRGELNKHLGLLGPYIRAEVEDNIMVTFKNQASRPYSFYSSLISYPDDQEQGAEPRHNFVQPNETRTYFWKVQHHMAP
TEDEFDCKAWAYFSDVDLEKDVHSGLIGPLLICRANTLNAAHGRQVTVQEFALFFTIFDETKSWYFTENVERNCRAPCHL
QMEDPTLKENYRFHAINGYVMDTLPGLVMAQNQRIRWYLLSMGSNENIHSIHFSGHVFSVRKKEEYKMAVYNLYPGVFET
VEMLPSKVGIWRIECLIGEHLQAGMSTTFLVYSKKCQTPLGMASGHIRDFQITASGQYGQWAPKLARLHYSGSINAWSTK
EPFSWIKVDLLAPMIIHGIKTQGARQKFSSLYISQFIIMYSLDGKKWQTYRGNSTGTLMVFFGNVDSSGIKHNIFNPPII
ARYIRLHPTHYSIRSTLRMELMGCDLNSCSMPLGMESKAISDAQITASSYFTNMFATWSPSKARLHLQGRSNAWRPQVNN
PKEWLQVDFQKTMKVTGVTTQGVKSLLTSMYVKEFLISSSQDGHQWTLFFQNGKVKVFQGNQDSFTPVVNSLDPPLLTRY
LRIHPQSWVHQIALRMEVLGCEAQDLY
;
A
2 'polypeptide(L)'
;EIVLTQFPGTLSLSPGERATLSCRASQSVASAYLAWYQQKPGQAPRLLIYGASSRATDIPHRFSGSGSGTDFTLTISRLE
PEDFAVYYCQQYGTSALLTFGGGTKVEIKRTVAAPSVFIFPPSDEQLKSGTASVVCLLNNFYPREAKVQWKVDNALQSGN
SQESVTEQDSKDSTYSLSSTLTLSKADYEKHKVYACEVTHQGLSSPVTKSFNRGEC
;
B
3 'polypeptide(L)'
;QVQLVQSGAEVKKPGASVKVSCKTSGYNFTGYSASGHIFTAYSVHWVRQAPGQGLEWMGRINPNSGATDYAHKFQGRVTM
SRDTSISTAYMELSRLTSDDTAMYYCARADNYFDIVTGYTSHYFDYWGRGTLVTVSSASTKGPSVFPLAPCSRSTSESTA
ALGCLVKDYFPEPVTVSWNSGALTSGVHTFPAVLQSSGLYSLSSVVTVPSSSLGTKTYTCNVDHKPSNTKVDKRV
;
C
#
# COMPACT_ATOMS: atom_id res chain seq x y z
N ALA A 20 -3.43 -19.73 42.59
CA ALA A 20 -3.02 -18.74 41.60
C ALA A 20 -2.24 -19.39 40.46
N ILE A 21 -1.01 -19.81 40.77
CA ILE A 21 -0.19 -20.45 39.75
C ILE A 21 -0.81 -21.79 39.35
N ARG A 22 -0.83 -22.05 38.05
CA ARG A 22 -1.28 -23.32 37.52
C ARG A 22 -0.16 -23.93 36.68
N ARG A 23 -0.11 -25.25 36.67
CA ARG A 23 0.97 -25.95 35.98
C ARG A 23 0.40 -27.22 35.37
N TYR A 24 0.84 -27.52 34.15
CA TYR A 24 0.30 -28.66 33.42
C TYR A 24 1.43 -29.34 32.66
N TYR A 25 1.48 -30.66 32.73
CA TYR A 25 2.42 -31.44 31.93
C TYR A 25 1.66 -32.10 30.81
N LEU A 26 1.45 -31.35 29.74
CA LEU A 26 0.80 -31.93 28.59
C LEU A 26 1.80 -32.77 27.81
N GLY A 27 1.36 -33.31 26.69
CA GLY A 27 2.23 -34.08 25.84
C GLY A 27 1.54 -34.42 24.55
N ALA A 28 2.33 -34.83 23.57
CA ALA A 28 1.82 -35.14 22.23
C ALA A 28 1.98 -36.62 21.95
N VAL A 29 0.86 -37.35 21.89
CA VAL A 29 0.85 -38.80 21.72
C VAL A 29 0.32 -39.17 20.34
N GLU A 30 1.08 -40.02 19.65
CA GLU A 30 0.58 -40.67 18.44
C GLU A 30 -0.34 -41.81 18.84
N LEU A 31 -1.38 -42.04 18.05
CA LEU A 31 -2.27 -43.14 18.31
C LEU A 31 -2.92 -43.60 17.01
N SER A 32 -3.47 -44.81 17.04
CA SER A 32 -4.09 -45.41 15.87
C SER A 32 -5.61 -45.34 16.01
N TRP A 33 -6.22 -44.54 15.15
CA TRP A 33 -7.67 -44.37 15.10
C TRP A 33 -8.09 -44.32 13.64
N ASP A 34 -8.82 -45.33 13.20
CA ASP A 34 -9.33 -45.37 11.84
C ASP A 34 -10.78 -44.90 11.75
N TYR A 35 -11.35 -44.43 12.85
CA TYR A 35 -12.72 -43.94 12.91
C TYR A 35 -13.73 -45.05 12.60
N ARG A 36 -13.25 -46.24 12.24
CA ARG A 36 -14.16 -47.33 11.95
C ARG A 36 -14.76 -47.91 13.23
N GLN A 37 -13.94 -48.03 14.28
CA GLN A 37 -14.38 -48.52 15.57
C GLN A 37 -14.46 -47.31 16.51
N SER A 38 -15.65 -47.05 17.02
CA SER A 38 -15.93 -45.90 17.87
C SER A 38 -16.30 -46.40 19.26
N GLU A 39 -16.79 -45.48 20.09
CA GLU A 39 -17.20 -45.78 21.46
C GLU A 39 -16.08 -46.50 22.21
N LEU A 40 -14.92 -45.84 22.21
CA LEU A 40 -13.74 -46.37 22.90
C LEU A 40 -13.93 -46.30 24.41
N LEU A 41 -14.43 -47.39 24.99
CA LEU A 41 -14.69 -47.45 26.42
C LEU A 41 -13.47 -47.91 27.22
N ARG A 42 -12.47 -48.46 26.55
CA ARG A 42 -11.22 -48.94 27.15
C ARG A 42 -10.06 -48.00 26.86
N GLU A 43 -10.30 -46.70 26.92
CA GLU A 43 -9.30 -45.71 26.55
C GLU A 43 -8.24 -45.59 27.64
N LEU A 44 -7.43 -44.52 27.53
CA LEU A 44 -6.25 -44.26 28.34
C LEU A 44 -5.15 -45.25 27.95
N HIS A 45 -5.42 -46.07 26.94
CA HIS A 45 -4.43 -47.00 26.41
C HIS A 45 -3.65 -46.36 25.27
N TYR A 66 -6.23 -44.89 10.97
CA TYR A 66 -5.48 -43.68 10.69
C TYR A 66 -4.49 -43.37 11.80
N LYS A 67 -3.56 -42.45 11.53
CA LYS A 67 -2.59 -42.00 12.50
C LYS A 67 -3.01 -40.63 13.01
N LYS A 68 -3.13 -40.49 14.33
CA LYS A 68 -3.52 -39.24 14.94
C LYS A 68 -2.46 -38.81 15.93
N THR A 69 -2.33 -37.51 16.13
CA THR A 69 -1.42 -36.96 17.12
C THR A 69 -2.23 -36.05 18.04
N VAL A 70 -2.39 -36.44 19.30
CA VAL A 70 -3.39 -35.83 20.17
C VAL A 70 -2.73 -35.39 21.47
N PHE A 71 -3.31 -34.36 22.08
CA PHE A 71 -2.83 -33.89 23.38
C PHE A 71 -3.26 -34.86 24.47
N VAL A 72 -2.33 -35.20 25.35
CA VAL A 72 -2.63 -35.95 26.57
C VAL A 72 -2.11 -35.14 27.74
N GLU A 73 -2.63 -35.45 28.93
CA GLU A 73 -2.20 -34.78 30.14
C GLU A 73 -1.64 -35.79 31.12
N PHE A 74 -0.51 -35.45 31.76
CA PHE A 74 0.06 -36.28 32.80
C PHE A 74 -0.07 -35.58 34.15
N THR A 75 0.43 -36.23 35.20
CA THR A 75 0.30 -35.72 36.56
C THR A 75 1.62 -35.66 37.33
N ASP A 76 2.75 -36.00 36.70
CA ASP A 76 4.04 -35.98 37.39
C ASP A 76 5.11 -35.50 36.43
N GLN A 77 6.16 -34.90 37.00
CA GLN A 77 7.26 -34.39 36.20
C GLN A 77 7.97 -35.51 35.46
N LEU A 78 7.88 -36.74 35.98
CA LEU A 78 8.45 -37.89 35.28
C LEU A 78 7.68 -38.24 34.02
N PHE A 79 6.45 -37.75 33.87
CA PHE A 79 5.63 -38.03 32.70
C PHE A 79 5.42 -39.54 32.53
N SER A 80 4.86 -40.15 33.58
CA SER A 80 4.66 -41.60 33.63
C SER A 80 3.20 -42.01 33.63
N VAL A 81 2.38 -41.44 34.51
CA VAL A 81 1.00 -41.84 34.69
C VAL A 81 0.09 -40.71 34.24
N ALA A 82 -0.83 -41.02 33.32
CA ALA A 82 -1.75 -40.02 32.80
C ALA A 82 -2.82 -39.69 33.83
N ARG A 83 -3.35 -38.47 33.73
CA ARG A 83 -4.50 -38.11 34.53
C ARG A 83 -5.71 -38.92 34.07
N PRO A 84 -6.59 -39.33 35.00
CA PRO A 84 -7.77 -40.09 34.59
C PRO A 84 -8.66 -39.28 33.66
N ARG A 85 -8.70 -39.67 32.39
CA ARG A 85 -9.44 -38.81 31.48
C ARG A 85 -10.78 -39.40 31.13
N PRO A 86 -11.78 -38.55 30.90
CA PRO A 86 -13.09 -39.06 30.50
C PRO A 86 -12.99 -39.81 29.19
N PRO A 87 -13.83 -40.83 28.99
CA PRO A 87 -13.64 -41.73 27.84
C PRO A 87 -14.15 -41.17 26.53
N TRP A 88 -14.95 -40.12 26.55
CA TRP A 88 -15.52 -39.54 25.35
C TRP A 88 -14.78 -38.32 24.80
N MET A 89 -13.68 -37.89 25.44
CA MET A 89 -12.90 -36.80 24.86
C MET A 89 -12.39 -37.17 23.49
N GLY A 90 -12.31 -38.46 23.19
CA GLY A 90 -12.03 -38.92 21.84
C GLY A 90 -10.69 -38.45 21.34
N LEU A 91 -10.71 -37.48 20.42
CA LEU A 91 -9.50 -36.90 19.85
C LEU A 91 -9.20 -35.52 20.39
N LEU A 92 -9.92 -35.08 21.41
CA LEU A 92 -9.73 -33.74 21.97
C LEU A 92 -8.64 -33.79 23.04
N GLY A 93 -7.88 -32.72 23.17
CA GLY A 93 -6.86 -32.61 24.19
C GLY A 93 -7.49 -32.35 25.55
N PRO A 94 -6.68 -32.08 26.54
CA PRO A 94 -7.23 -31.83 27.88
C PRO A 94 -8.01 -30.53 27.92
N THR A 95 -8.44 -30.13 29.11
CA THR A 95 -9.04 -28.83 29.31
C THR A 95 -8.17 -28.03 30.26
N ILE A 96 -8.10 -26.72 30.02
CA ILE A 96 -7.17 -25.83 30.70
C ILE A 96 -7.97 -24.73 31.36
N GLN A 97 -7.83 -24.59 32.67
CA GLN A 97 -8.54 -23.54 33.37
C GLN A 97 -7.57 -22.40 33.68
N ALA A 98 -8.13 -21.28 34.12
CA ALA A 98 -7.32 -20.12 34.51
C ALA A 98 -8.24 -19.12 35.20
N GLU A 99 -7.63 -18.05 35.71
CA GLU A 99 -8.36 -16.95 36.30
C GLU A 99 -7.62 -15.66 36.00
N VAL A 100 -8.09 -14.56 36.59
CA VAL A 100 -7.45 -13.26 36.39
C VAL A 100 -6.09 -13.27 37.07
N TYR A 101 -5.07 -12.85 36.33
CA TYR A 101 -3.68 -12.80 36.78
C TYR A 101 -3.12 -14.17 37.14
N ASP A 102 -3.83 -15.25 36.80
CA ASP A 102 -3.36 -16.59 37.12
C ASP A 102 -2.42 -17.07 36.03
N THR A 103 -1.17 -17.29 36.41
CA THR A 103 -0.19 -17.80 35.47
C THR A 103 -0.57 -19.20 35.01
N VAL A 104 -0.14 -19.55 33.81
CA VAL A 104 -0.29 -20.90 33.27
C VAL A 104 1.07 -21.37 32.79
N VAL A 105 1.43 -22.60 33.12
CA VAL A 105 2.74 -23.14 32.77
C VAL A 105 2.50 -24.46 32.04
N VAL A 106 2.35 -24.40 30.72
CA VAL A 106 2.28 -25.61 29.92
C VAL A 106 3.69 -26.17 29.78
N THR A 107 3.79 -27.49 29.68
CA THR A 107 5.08 -28.15 29.63
C THR A 107 5.12 -29.14 28.48
N LEU A 108 4.68 -28.69 27.30
CA LEU A 108 4.34 -29.59 26.22
C LEU A 108 5.51 -30.44 25.74
N LYS A 109 5.56 -31.69 26.16
CA LYS A 109 6.57 -32.62 25.64
C LYS A 109 6.12 -33.17 24.31
N ASN A 110 7.05 -33.24 23.37
CA ASN A 110 6.79 -33.83 22.05
C ASN A 110 7.12 -35.31 22.10
N MET A 111 6.10 -36.14 22.30
CA MET A 111 6.29 -37.59 22.21
C MET A 111 6.01 -38.11 20.81
N ALA A 112 5.31 -37.34 19.98
CA ALA A 112 4.89 -37.82 18.67
C ALA A 112 6.10 -38.02 17.77
N SER A 113 5.87 -38.74 16.66
CA SER A 113 6.97 -39.13 15.78
C SER A 113 7.39 -38.01 14.82
N HIS A 114 6.68 -36.89 14.83
CA HIS A 114 6.98 -35.77 13.94
C HIS A 114 6.80 -34.49 14.72
N PRO A 115 7.46 -33.40 14.29
CA PRO A 115 7.46 -32.20 15.11
C PRO A 115 6.06 -31.70 15.43
N VAL A 116 5.88 -31.25 16.66
CA VAL A 116 4.65 -30.64 17.12
C VAL A 116 4.99 -29.25 17.64
N SER A 117 3.99 -28.58 18.22
CA SER A 117 4.19 -27.25 18.74
C SER A 117 3.10 -26.97 19.76
N LEU A 118 3.16 -25.80 20.37
CA LEU A 118 2.03 -25.24 21.10
C LEU A 118 1.72 -23.86 20.55
N HIS A 119 0.43 -23.54 20.48
CA HIS A 119 -0.05 -22.30 19.86
C HIS A 119 -1.26 -21.85 20.65
N ALA A 120 -1.05 -20.99 21.64
CA ALA A 120 -2.16 -20.53 22.45
C ALA A 120 -2.94 -19.43 21.75
N VAL A 121 -4.18 -19.24 22.19
CA VAL A 121 -5.12 -18.32 21.56
C VAL A 121 -5.82 -17.52 22.64
N GLY A 122 -5.68 -16.19 22.58
CA GLY A 122 -6.38 -15.35 23.54
C GLY A 122 -5.71 -15.20 24.88
N VAL A 123 -4.40 -15.35 24.97
CA VAL A 123 -3.68 -15.23 26.23
C VAL A 123 -2.29 -14.65 25.93
N SER A 124 -1.81 -13.80 26.84
CA SER A 124 -0.60 -13.02 26.61
C SER A 124 0.64 -13.75 27.09
N PHE A 125 1.77 -13.43 26.48
CA PHE A 125 3.06 -14.03 26.80
C PHE A 125 4.15 -13.18 26.15
N TRP A 126 5.39 -13.68 26.13
CA TRP A 126 6.51 -13.00 25.47
C TRP A 126 7.29 -14.01 24.64
N LYS A 127 6.82 -14.28 23.41
CA LYS A 127 7.40 -15.32 22.56
C LYS A 127 7.55 -16.64 23.32
N SER A 128 6.78 -16.82 24.38
CA SER A 128 6.67 -18.15 24.97
C SER A 128 5.97 -19.10 23.99
N SER A 129 4.87 -18.64 23.40
CA SER A 129 3.99 -19.49 22.61
C SER A 129 3.55 -18.80 21.32
N GLU A 130 4.49 -18.26 20.56
CA GLU A 130 4.13 -17.79 19.23
C GLU A 130 4.01 -18.93 18.25
N GLY A 131 4.71 -20.04 18.50
CA GLY A 131 4.49 -21.24 17.72
C GLY A 131 4.96 -21.13 16.29
N ALA A 132 4.70 -19.99 15.67
CA ALA A 132 4.79 -19.88 14.22
C ALA A 132 6.23 -19.80 13.73
N GLU A 133 6.45 -20.36 12.54
CA GLU A 133 7.73 -20.27 11.83
C GLU A 133 7.65 -19.06 10.89
N TYR A 134 8.06 -17.89 11.35
CA TYR A 134 7.94 -16.69 10.54
C TYR A 134 8.99 -15.67 10.99
N GLU A 135 8.84 -14.42 10.53
CA GLU A 135 9.84 -13.38 10.75
C GLU A 135 9.46 -12.56 11.99
N ASP A 136 9.81 -13.10 13.15
CA ASP A 136 9.60 -12.43 14.42
C ASP A 136 10.79 -11.56 14.82
N HIS A 137 11.97 -11.84 14.28
CA HIS A 137 13.22 -11.14 14.59
C HIS A 137 13.47 -11.08 16.10
N THR A 138 13.64 -12.27 16.67
CA THR A 138 13.97 -12.43 18.08
C THR A 138 15.22 -13.27 18.22
N SER A 139 15.84 -13.18 19.40
CA SER A 139 17.06 -13.92 19.67
C SER A 139 16.82 -15.42 19.60
N GLN A 140 17.87 -16.17 19.26
CA GLN A 140 17.75 -17.61 19.09
C GLN A 140 17.31 -18.31 20.37
N ARG A 141 17.44 -17.65 21.52
CA ARG A 141 16.89 -18.19 22.76
C ARG A 141 15.38 -18.39 22.63
N GLU A 142 14.72 -17.55 21.85
CA GLU A 142 13.26 -17.60 21.69
C GLU A 142 12.83 -18.33 20.43
N LYS A 143 13.76 -18.92 19.69
CA LYS A 143 13.52 -19.61 18.43
C LYS A 143 13.11 -21.08 18.65
N GLU A 144 12.87 -21.47 19.89
CA GLU A 144 12.60 -22.87 20.22
C GLU A 144 11.36 -23.40 19.49
N ASP A 145 10.22 -22.71 19.65
CA ASP A 145 8.90 -23.26 19.34
C ASP A 145 8.71 -23.64 17.87
N ASP A 146 9.69 -23.32 17.04
CA ASP A 146 9.56 -23.46 15.59
C ASP A 146 9.55 -24.91 15.13
N LYS A 147 10.44 -25.74 15.68
CA LYS A 147 10.50 -27.15 15.36
C LYS A 147 11.03 -27.91 16.56
N VAL A 148 10.42 -29.04 16.89
CA VAL A 148 10.76 -29.81 18.08
C VAL A 148 11.05 -31.24 17.70
N LEU A 149 12.23 -31.73 18.10
CA LEU A 149 12.60 -33.12 17.93
C LEU A 149 11.86 -33.98 18.97
N PRO A 150 11.86 -35.30 18.79
CA PRO A 150 11.26 -36.17 19.82
C PRO A 150 11.85 -35.91 21.18
N GLY A 151 10.98 -35.85 22.19
CA GLY A 151 11.38 -35.41 23.51
C GLY A 151 11.18 -33.91 23.65
N LYS A 152 12.15 -33.22 24.25
CA LYS A 152 12.16 -31.77 24.31
C LYS A 152 10.91 -31.23 25.00
N SER A 153 10.85 -31.49 26.31
CA SER A 153 9.67 -31.16 27.11
C SER A 153 9.28 -29.69 27.02
N GLN A 154 10.25 -28.79 26.85
CA GLN A 154 9.99 -27.36 26.70
C GLN A 154 9.22 -26.78 27.88
N THR A 155 8.86 -25.50 27.79
CA THR A 155 8.02 -24.86 28.81
C THR A 155 7.47 -23.54 28.30
N TYR A 156 6.15 -23.44 28.26
CA TYR A 156 5.44 -22.31 27.66
C TYR A 156 4.62 -21.67 28.77
N VAL A 157 5.02 -20.49 29.20
CA VAL A 157 4.38 -19.82 30.34
C VAL A 157 3.60 -18.62 29.82
N TRP A 158 2.36 -18.49 30.26
CA TRP A 158 1.58 -17.31 29.92
C TRP A 158 1.05 -16.70 31.21
N GLN A 159 0.69 -15.42 31.15
CA GLN A 159 0.37 -14.71 32.39
C GLN A 159 -1.11 -14.46 32.62
N VAL A 160 -1.92 -14.38 31.56
CA VAL A 160 -3.36 -14.14 31.68
C VAL A 160 -3.61 -12.87 32.50
N LEU A 161 -3.36 -11.71 31.90
CA LEU A 161 -3.52 -10.44 32.60
C LEU A 161 -5.00 -10.09 32.73
N LYS A 162 -5.28 -8.91 33.26
CA LYS A 162 -6.66 -8.50 33.51
C LYS A 162 -7.44 -8.36 32.21
N GLU A 163 -6.82 -7.81 31.17
CA GLU A 163 -7.51 -7.69 29.89
C GLU A 163 -7.82 -9.05 29.28
N ASN A 164 -7.16 -10.12 29.74
CA ASN A 164 -7.50 -11.45 29.27
C ASN A 164 -8.65 -12.05 30.06
N GLY A 165 -8.61 -11.92 31.39
CA GLY A 165 -9.60 -12.54 32.24
C GLY A 165 -10.91 -11.75 32.29
N PRO A 166 -12.02 -12.46 32.24
CA PRO A 166 -13.33 -11.79 32.24
C PRO A 166 -13.93 -11.63 33.63
N THR A 167 -15.10 -11.01 33.68
CA THR A 167 -15.86 -10.81 34.90
C THR A 167 -17.21 -11.53 34.79
N ALA A 168 -18.07 -11.31 35.77
CA ALA A 168 -19.40 -11.91 35.73
C ALA A 168 -20.22 -11.37 34.58
N SER A 169 -20.17 -10.05 34.35
CA SER A 169 -20.95 -9.45 33.27
C SER A 169 -20.42 -9.87 31.90
N ASP A 170 -19.14 -10.19 31.81
CA ASP A 170 -18.56 -10.74 30.60
C ASP A 170 -19.10 -12.16 30.38
N PRO A 171 -18.82 -12.77 29.23
CA PRO A 171 -19.28 -14.14 29.00
C PRO A 171 -18.77 -15.09 30.07
N PRO A 172 -19.55 -16.10 30.44
CA PRO A 172 -19.23 -16.88 31.65
C PRO A 172 -17.84 -17.48 31.68
N CYS A 173 -17.34 -17.98 30.56
CA CYS A 173 -15.97 -18.54 30.56
C CYS A 173 -15.49 -18.61 29.12
N LEU A 174 -14.51 -17.76 28.78
CA LEU A 174 -13.97 -17.70 27.43
C LEU A 174 -13.32 -19.03 27.08
N THR A 175 -13.50 -19.47 25.85
CA THR A 175 -13.32 -20.87 25.47
C THR A 175 -12.43 -21.04 24.26
N TYR A 176 -11.24 -20.45 24.29
CA TYR A 176 -10.38 -20.54 23.12
C TYR A 176 -9.88 -21.97 22.93
N SER A 177 -9.12 -22.21 21.87
CA SER A 177 -8.51 -23.50 21.65
C SER A 177 -7.01 -23.31 21.50
N TYR A 178 -6.23 -23.98 22.34
CA TYR A 178 -4.78 -23.88 22.26
C TYR A 178 -4.25 -24.88 21.24
N LEU A 179 -4.51 -24.58 19.98
CA LEU A 179 -4.14 -25.43 18.87
C LEU A 179 -2.62 -25.61 18.83
N SER A 180 -2.17 -26.43 17.88
CA SER A 180 -0.75 -26.60 17.62
C SER A 180 -0.42 -26.07 16.22
N HIS A 181 0.66 -25.31 16.11
CA HIS A 181 1.06 -24.73 14.83
C HIS A 181 2.53 -24.98 14.52
N VAL A 182 2.77 -25.87 13.56
CA VAL A 182 3.96 -25.80 12.72
C VAL A 182 3.63 -25.87 11.23
N ASP A 183 2.48 -26.45 10.87
CA ASP A 183 1.98 -26.45 9.49
C ASP A 183 0.48 -26.74 9.65
N LEU A 184 -0.31 -25.66 9.70
CA LEU A 184 -1.62 -25.74 10.34
C LEU A 184 -2.52 -26.78 9.69
N VAL A 185 -2.46 -26.90 8.36
CA VAL A 185 -3.31 -27.88 7.68
C VAL A 185 -3.03 -29.28 8.21
N LYS A 186 -1.77 -29.68 8.21
CA LYS A 186 -1.45 -31.03 8.67
C LYS A 186 -1.49 -31.14 10.19
N ASP A 187 -1.21 -30.05 10.91
CA ASP A 187 -1.26 -30.12 12.38
C ASP A 187 -2.68 -30.34 12.87
N LEU A 188 -3.67 -29.65 12.31
CA LEU A 188 -5.05 -29.87 12.71
C LEU A 188 -5.76 -30.93 11.87
N ASN A 189 -5.09 -31.49 10.87
CA ASN A 189 -5.50 -32.77 10.31
C ASN A 189 -4.90 -33.93 11.08
N SER A 190 -3.95 -33.67 11.97
CA SER A 190 -3.42 -34.68 12.87
C SER A 190 -4.15 -34.68 14.21
N GLY A 191 -5.15 -33.82 14.39
CA GLY A 191 -6.01 -33.88 15.55
C GLY A 191 -5.59 -33.06 16.74
N LEU A 192 -4.41 -32.44 16.70
CA LEU A 192 -3.94 -31.65 17.82
C LEU A 192 -4.90 -30.50 18.08
N ILE A 193 -5.56 -30.50 19.23
CA ILE A 193 -6.48 -29.42 19.57
C ILE A 193 -6.87 -29.54 21.03
N GLY A 194 -7.22 -28.42 21.66
CA GLY A 194 -7.55 -28.39 23.07
C GLY A 194 -8.50 -27.26 23.41
N ALA A 195 -8.80 -27.06 24.68
CA ALA A 195 -9.84 -26.11 25.07
C ALA A 195 -9.32 -25.19 26.16
N LEU A 196 -8.63 -24.14 25.75
CA LEU A 196 -8.05 -23.16 26.67
C LEU A 196 -9.17 -22.31 27.23
N LEU A 197 -9.62 -22.62 28.43
CA LEU A 197 -10.67 -21.85 29.08
C LEU A 197 -10.08 -20.83 30.02
N VAL A 198 -10.67 -19.65 30.05
CA VAL A 198 -10.30 -18.60 30.98
C VAL A 198 -11.55 -17.92 31.51
N CYS A 199 -11.66 -17.78 32.82
CA CYS A 199 -12.79 -17.06 33.40
C CYS A 199 -12.52 -16.72 34.87
N ARG A 200 -13.58 -16.33 35.56
CA ARG A 200 -13.49 -15.37 36.66
C ARG A 200 -12.66 -15.91 37.82
N GLU A 201 -12.06 -14.97 38.56
CA GLU A 201 -11.26 -15.31 39.73
C GLU A 201 -12.14 -15.88 40.84
N GLY A 202 -11.54 -16.72 41.67
CA GLY A 202 -12.25 -17.39 42.75
C GLY A 202 -12.80 -18.75 42.39
N SER A 203 -12.61 -19.22 41.17
CA SER A 203 -13.11 -20.52 40.73
C SER A 203 -12.12 -21.66 40.94
N LEU A 204 -10.96 -21.38 41.56
CA LEU A 204 -10.03 -22.46 41.88
C LEU A 204 -10.64 -23.44 42.86
N THR A 205 -11.31 -22.93 43.88
CA THR A 205 -11.93 -23.78 44.89
C THR A 205 -13.12 -24.51 44.31
N ARG A 206 -13.25 -25.80 44.65
CA ARG A 206 -14.36 -26.62 44.17
C ARG A 206 -15.61 -26.39 45.03
N GLU A 207 -15.97 -25.11 45.16
CA GLU A 207 -17.19 -24.75 45.89
C GLU A 207 -18.41 -24.92 45.01
N ARG A 208 -18.47 -24.17 43.90
CA ARG A 208 -19.53 -24.31 42.91
C ARG A 208 -18.93 -24.39 41.50
N THR A 209 -17.73 -24.95 41.38
CA THR A 209 -17.02 -25.00 40.11
C THR A 209 -16.77 -26.41 39.61
N GLN A 210 -16.64 -27.40 40.50
CA GLN A 210 -16.44 -28.77 40.07
C GLN A 210 -17.70 -29.39 39.46
N ASN A 211 -18.84 -28.69 39.54
CA ASN A 211 -20.09 -29.20 39.00
C ASN A 211 -19.95 -29.46 37.51
N LEU A 212 -20.33 -30.68 37.09
CA LEU A 212 -20.38 -31.10 35.70
C LEU A 212 -19.02 -30.99 35.02
N HIS A 213 -18.00 -30.58 35.76
CA HIS A 213 -16.60 -30.53 35.35
C HIS A 213 -16.36 -29.64 34.13
N GLU A 214 -17.38 -28.91 33.68
CA GLU A 214 -17.26 -27.97 32.56
C GLU A 214 -16.69 -28.67 31.32
N PHE A 215 -17.39 -29.71 30.89
CA PHE A 215 -16.98 -30.47 29.72
C PHE A 215 -17.13 -29.64 28.45
N VAL A 216 -16.26 -29.89 27.48
CA VAL A 216 -16.18 -29.06 26.28
C VAL A 216 -16.69 -29.82 25.07
N LEU A 217 -17.15 -29.05 24.08
CA LEU A 217 -17.69 -29.58 22.83
C LEU A 217 -16.92 -28.96 21.67
N LEU A 218 -16.48 -29.81 20.73
CA LEU A 218 -15.61 -29.39 19.62
C LEU A 218 -16.14 -29.95 18.31
N PHE A 219 -17.06 -29.24 17.68
CA PHE A 219 -17.55 -29.67 16.38
C PHE A 219 -16.44 -29.49 15.36
N ALA A 220 -16.03 -30.58 14.73
CA ALA A 220 -14.78 -30.59 14.01
C ALA A 220 -14.95 -31.34 12.70
N VAL A 221 -14.08 -31.01 11.74
CA VAL A 221 -14.08 -31.63 10.43
C VAL A 221 -12.64 -32.08 10.17
N PHE A 222 -12.34 -33.31 10.53
CA PHE A 222 -10.97 -33.79 10.48
C PHE A 222 -10.71 -34.37 9.09
N ASP A 223 -9.68 -33.87 8.42
CA ASP A 223 -9.30 -34.32 7.09
C ASP A 223 -8.15 -35.31 7.24
N GLU A 224 -8.42 -36.58 6.95
CA GLU A 224 -7.40 -37.61 7.09
C GLU A 224 -6.70 -37.95 5.78
N GLY A 225 -7.20 -37.44 4.66
CA GLY A 225 -6.69 -37.86 3.36
C GLY A 225 -5.38 -37.24 2.92
N LYS A 226 -5.15 -35.98 3.28
CA LYS A 226 -4.01 -35.24 2.75
C LYS A 226 -2.92 -35.06 3.81
N SER A 227 -2.66 -36.10 4.58
CA SER A 227 -1.54 -36.10 5.51
C SER A 227 -0.43 -36.97 4.96
N TRP A 228 0.73 -36.95 5.62
CA TRP A 228 1.82 -37.83 5.23
C TRP A 228 1.50 -39.28 5.54
N HIS A 229 0.50 -39.54 6.37
CA HIS A 229 0.12 -40.90 6.72
C HIS A 229 -0.63 -41.53 5.55
N SER A 230 0.01 -41.53 4.38
CA SER A 230 -0.53 -42.10 3.16
C SER A 230 0.61 -42.18 2.15
N ALA A 231 0.47 -43.08 1.19
CA ALA A 231 1.47 -43.24 0.15
C ALA A 231 0.85 -43.86 -1.10
N ALA A 247 -9.33 -45.38 1.05
CA ALA A 247 -10.19 -44.21 1.15
C ALA A 247 -10.10 -43.58 2.54
N GLN A 248 -9.82 -42.27 2.58
CA GLN A 248 -9.64 -41.54 3.82
C GLN A 248 -10.46 -40.26 3.79
N PRO A 249 -11.78 -40.36 3.82
CA PRO A 249 -12.63 -39.18 3.70
C PRO A 249 -12.61 -38.32 4.96
N ALA A 250 -12.99 -37.06 4.77
CA ALA A 250 -13.13 -36.17 5.90
C ALA A 250 -14.25 -36.66 6.81
N MET A 251 -14.10 -36.41 8.12
CA MET A 251 -15.06 -36.88 9.10
C MET A 251 -15.55 -35.69 9.92
N HIS A 252 -16.87 -35.46 9.91
CA HIS A 252 -17.50 -34.57 10.88
C HIS A 252 -17.58 -35.30 12.20
N THR A 253 -17.15 -34.63 13.27
CA THR A 253 -17.10 -35.24 14.59
C THR A 253 -17.56 -34.24 15.64
N VAL A 254 -18.04 -34.76 16.76
CA VAL A 254 -18.31 -33.99 17.97
C VAL A 254 -17.38 -34.52 19.05
N ASN A 255 -16.40 -33.72 19.45
CA ASN A 255 -15.30 -34.19 20.29
C ASN A 255 -14.77 -35.50 19.74
N GLY A 256 -14.54 -35.52 18.44
CA GLY A 256 -13.84 -36.59 17.78
C GLY A 256 -14.68 -37.81 17.49
N TYR A 257 -15.94 -37.85 17.90
CA TYR A 257 -16.76 -39.04 17.79
C TYR A 257 -17.84 -38.86 16.74
N VAL A 258 -17.73 -39.63 15.65
CA VAL A 258 -18.63 -39.62 14.51
C VAL A 258 -20.01 -40.16 14.90
N ASN A 259 -20.91 -40.24 13.93
CA ASN A 259 -22.36 -40.32 14.10
C ASN A 259 -22.86 -41.04 15.35
N ARG A 260 -23.63 -40.34 16.17
CA ARG A 260 -24.43 -40.93 17.25
C ARG A 260 -23.67 -41.82 18.22
N SER A 261 -22.33 -41.84 18.15
CA SER A 261 -21.54 -42.76 18.95
C SER A 261 -20.71 -42.04 20.00
N LEU A 262 -21.18 -40.90 20.48
CA LEU A 262 -20.45 -40.16 21.49
C LEU A 262 -20.86 -40.69 22.85
N PRO A 263 -19.98 -41.35 23.59
CA PRO A 263 -20.40 -42.03 24.82
C PRO A 263 -20.88 -41.07 25.89
N GLY A 264 -22.10 -40.58 25.71
CA GLY A 264 -22.90 -40.09 26.81
C GLY A 264 -22.53 -38.79 27.48
N LEU A 265 -22.71 -37.69 26.77
CA LEU A 265 -22.79 -36.40 27.45
C LEU A 265 -23.94 -36.45 28.45
N ILE A 266 -23.62 -36.16 29.71
CA ILE A 266 -24.58 -36.31 30.80
C ILE A 266 -24.98 -34.92 31.28
N GLY A 267 -26.27 -34.61 31.19
CA GLY A 267 -26.80 -33.34 31.63
C GLY A 267 -27.70 -33.50 32.85
N CYS A 268 -27.95 -32.37 33.50
CA CYS A 268 -28.70 -32.33 34.76
C CYS A 268 -30.18 -32.07 34.52
N HIS A 269 -31.00 -32.57 35.43
CA HIS A 269 -32.46 -32.48 35.29
C HIS A 269 -32.93 -31.04 35.26
N LYS A 270 -32.74 -30.31 36.37
CA LYS A 270 -33.18 -28.92 36.47
C LYS A 270 -31.97 -28.11 36.95
N LYS A 271 -31.14 -27.68 35.99
CA LYS A 271 -29.96 -26.87 36.26
C LYS A 271 -29.61 -26.08 35.02
N SER A 272 -29.06 -24.89 35.22
CA SER A 272 -28.57 -24.07 34.12
C SER A 272 -27.10 -24.42 33.89
N VAL A 273 -26.79 -24.92 32.70
CA VAL A 273 -25.46 -25.44 32.40
C VAL A 273 -24.82 -24.59 31.30
N TYR A 274 -23.50 -24.47 31.39
CA TYR A 274 -22.69 -23.78 30.40
C TYR A 274 -22.06 -24.81 29.48
N TRP A 275 -22.35 -24.69 28.18
CA TRP A 275 -21.77 -25.56 27.17
C TRP A 275 -20.75 -24.77 26.38
N HIS A 276 -19.61 -25.39 26.10
CA HIS A 276 -18.48 -24.71 25.50
C HIS A 276 -18.23 -25.30 24.11
N VAL A 277 -18.44 -24.49 23.08
CA VAL A 277 -18.44 -24.95 21.70
C VAL A 277 -17.25 -24.34 20.99
N ILE A 278 -16.41 -25.18 20.40
CA ILE A 278 -15.24 -24.74 19.63
C ILE A 278 -15.29 -25.43 18.28
N GLY A 279 -15.41 -24.66 17.22
CA GLY A 279 -15.32 -25.23 15.90
C GLY A 279 -13.93 -25.77 15.63
N MET A 280 -13.80 -26.50 14.54
CA MET A 280 -12.47 -26.88 14.09
C MET A 280 -12.57 -27.23 12.62
N GLY A 281 -11.57 -26.82 11.85
CA GLY A 281 -11.57 -27.05 10.43
C GLY A 281 -10.53 -26.23 9.69
N THR A 282 -9.99 -26.78 8.62
CA THR A 282 -9.03 -26.09 7.77
C THR A 282 -9.64 -25.62 6.45
N SER A 283 -10.84 -26.07 6.13
CA SER A 283 -11.59 -25.67 4.96
C SER A 283 -12.80 -24.84 5.39
N PRO A 284 -13.38 -24.06 4.49
CA PRO A 284 -14.62 -23.35 4.84
C PRO A 284 -15.80 -24.30 4.95
N GLU A 285 -17.01 -23.73 5.06
CA GLU A 285 -18.30 -24.39 5.29
C GLU A 285 -18.55 -24.57 6.77
N VAL A 286 -19.82 -24.47 7.17
CA VAL A 286 -20.24 -24.42 8.55
C VAL A 286 -21.42 -25.35 8.74
N HIS A 287 -21.85 -25.50 9.99
CA HIS A 287 -23.01 -26.32 10.28
C HIS A 287 -23.63 -25.88 11.60
N SER A 288 -24.94 -25.63 11.58
CA SER A 288 -25.66 -25.28 12.79
C SER A 288 -25.84 -26.51 13.69
N ILE A 289 -26.15 -26.27 14.95
CA ILE A 289 -26.26 -27.31 15.97
C ILE A 289 -27.58 -27.14 16.70
N PHE A 290 -28.33 -28.24 16.83
CA PHE A 290 -29.65 -28.18 17.43
C PHE A 290 -29.87 -29.35 18.37
N LEU A 291 -30.50 -29.05 19.50
CA LEU A 291 -31.01 -30.06 20.41
C LEU A 291 -32.50 -30.23 20.12
N GLU A 292 -32.93 -31.47 19.86
CA GLU A 292 -34.23 -31.68 19.26
C GLU A 292 -35.36 -31.19 20.16
N GLY A 293 -35.26 -31.43 21.46
CA GLY A 293 -36.36 -31.10 22.34
C GLY A 293 -36.03 -30.17 23.49
N HIS A 294 -35.06 -29.28 23.30
CA HIS A 294 -34.62 -28.39 24.37
C HIS A 294 -34.78 -26.95 23.93
N THR A 295 -35.31 -26.12 24.82
CA THR A 295 -35.51 -24.70 24.51
C THR A 295 -34.17 -24.00 24.44
N PHE A 296 -34.05 -23.05 23.51
CA PHE A 296 -32.84 -22.27 23.31
C PHE A 296 -33.14 -20.81 23.66
N LEU A 297 -32.64 -20.38 24.82
CA LEU A 297 -32.75 -18.99 25.23
C LEU A 297 -31.57 -18.66 26.15
N VAL A 298 -30.97 -17.49 25.93
CA VAL A 298 -29.80 -17.06 26.67
C VAL A 298 -29.93 -15.58 27.01
N ARG A 299 -29.98 -15.27 28.31
CA ARG A 299 -30.04 -13.90 28.82
C ARG A 299 -31.06 -13.07 28.07
N HIS A 300 -30.59 -12.21 27.16
CA HIS A 300 -31.46 -11.42 26.31
C HIS A 300 -31.20 -11.67 24.83
N HIS A 301 -30.35 -12.64 24.50
CA HIS A 301 -30.06 -12.96 23.12
C HIS A 301 -31.19 -13.79 22.54
N ARG A 302 -31.89 -13.23 21.55
CA ARG A 302 -32.98 -13.93 20.87
C ARG A 302 -32.37 -14.97 19.92
N GLN A 303 -31.76 -15.98 20.53
CA GLN A 303 -31.01 -17.00 19.81
C GLN A 303 -31.67 -18.34 19.98
N ALA A 304 -31.80 -19.08 18.88
CA ALA A 304 -32.36 -20.41 18.88
C ALA A 304 -31.47 -21.44 18.20
N SER A 305 -30.61 -21.03 17.28
CA SER A 305 -29.68 -21.94 16.62
C SER A 305 -28.27 -21.67 17.12
N LEU A 306 -27.64 -22.70 17.67
CA LEU A 306 -26.25 -22.63 18.09
C LEU A 306 -25.37 -22.89 16.87
N GLU A 307 -24.44 -21.98 16.62
CA GLU A 307 -23.70 -21.97 15.37
C GLU A 307 -22.21 -22.09 15.63
N ILE A 308 -21.49 -22.61 14.63
CA ILE A 308 -20.06 -22.72 14.64
C ILE A 308 -19.53 -22.29 13.26
N SER A 309 -18.20 -22.34 13.11
CA SER A 309 -17.53 -21.99 11.88
C SER A 309 -16.10 -22.48 11.97
N PRO A 310 -15.41 -22.68 10.82
CA PRO A 310 -14.18 -23.50 10.79
C PRO A 310 -13.21 -23.36 11.95
N LEU A 311 -13.18 -22.20 12.61
CA LEU A 311 -12.65 -22.07 13.97
C LEU A 311 -13.36 -20.91 14.64
N THR A 312 -14.25 -21.20 15.57
CA THR A 312 -14.96 -20.16 16.29
C THR A 312 -15.34 -20.67 17.67
N PHE A 313 -15.39 -19.75 18.62
CA PHE A 313 -15.59 -20.08 20.02
C PHE A 313 -16.90 -19.49 20.50
N LEU A 314 -17.71 -20.31 21.17
CA LEU A 314 -19.01 -19.90 21.67
C LEU A 314 -19.23 -20.52 23.05
N THR A 315 -19.98 -19.81 23.89
CA THR A 315 -20.29 -20.23 25.25
C THR A 315 -21.82 -20.22 25.41
N ALA A 316 -22.46 -21.34 25.06
CA ALA A 316 -23.90 -21.44 25.16
C ALA A 316 -24.32 -21.69 26.60
N GLN A 317 -25.55 -21.29 26.93
CA GLN A 317 -26.12 -21.54 28.25
C GLN A 317 -27.50 -22.15 28.06
N THR A 318 -27.74 -23.29 28.69
CA THR A 318 -29.01 -23.99 28.54
C THR A 318 -29.55 -24.41 29.90
N PHE A 319 -30.82 -24.09 30.16
CA PHE A 319 -31.48 -24.50 31.39
C PHE A 319 -32.39 -25.67 31.09
N LEU A 320 -32.20 -26.77 31.80
CA LEU A 320 -32.93 -28.00 31.54
C LEU A 320 -34.12 -28.12 32.50
N MET A 321 -35.18 -28.76 32.01
CA MET A 321 -36.40 -28.95 32.78
C MET A 321 -36.84 -30.41 32.71
N ASP A 322 -36.45 -31.10 31.64
CA ASP A 322 -36.89 -32.45 31.37
C ASP A 322 -35.75 -33.45 31.50
N LEU A 323 -36.06 -34.71 31.22
CA LEU A 323 -35.12 -35.82 31.35
C LEU A 323 -35.12 -36.63 30.06
N GLY A 324 -34.24 -37.62 29.97
CA GLY A 324 -34.27 -38.60 28.89
C GLY A 324 -33.08 -38.48 27.97
N GLN A 325 -33.33 -38.59 26.67
CA GLN A 325 -32.28 -38.56 25.66
C GLN A 325 -32.67 -37.61 24.54
N PHE A 326 -31.74 -36.72 24.17
CA PHE A 326 -31.88 -35.83 23.02
C PHE A 326 -30.72 -36.07 22.06
N LEU A 327 -30.76 -35.35 20.93
CA LEU A 327 -29.76 -35.49 19.88
C LEU A 327 -29.13 -34.14 19.58
N LEU A 328 -27.81 -34.06 19.66
CA LEU A 328 -27.07 -32.95 19.08
C LEU A 328 -26.98 -33.18 17.59
N PHE A 329 -27.60 -32.28 16.83
CA PHE A 329 -27.90 -32.49 15.42
C PHE A 329 -27.28 -31.37 14.59
N CYS A 330 -26.57 -31.74 13.53
CA CYS A 330 -26.14 -30.79 12.52
C CYS A 330 -27.30 -30.61 11.56
N HIS A 331 -28.03 -29.50 11.70
CA HIS A 331 -29.31 -29.33 11.04
C HIS A 331 -29.17 -28.98 9.57
N ILE A 332 -28.46 -29.83 8.83
CA ILE A 332 -28.31 -29.68 7.38
C ILE A 332 -28.33 -31.07 6.76
N SER A 333 -29.08 -31.22 5.67
CA SER A 333 -29.17 -32.50 4.98
C SER A 333 -28.15 -32.59 3.86
N SER A 334 -26.88 -32.43 4.22
CA SER A 334 -25.81 -32.51 3.24
C SER A 334 -25.62 -33.95 2.77
N HIS A 335 -25.14 -34.09 1.53
CA HIS A 335 -25.01 -35.41 0.92
C HIS A 335 -23.98 -36.26 1.64
N HIS A 336 -22.84 -35.66 1.99
CA HIS A 336 -21.78 -36.33 2.73
C HIS A 336 -21.70 -35.85 4.17
N HIS A 337 -22.48 -34.85 4.54
CA HIS A 337 -22.32 -34.23 5.84
C HIS A 337 -23.67 -34.24 6.55
N GLY A 338 -23.71 -33.65 7.75
CA GLY A 338 -24.87 -33.78 8.60
C GLY A 338 -24.87 -35.03 9.46
N GLY A 339 -23.82 -35.84 9.40
CA GLY A 339 -23.62 -36.99 10.25
C GLY A 339 -22.93 -36.69 11.57
N MET A 340 -22.71 -35.42 11.87
CA MET A 340 -22.12 -34.99 13.14
C MET A 340 -23.15 -34.99 14.25
N GLU A 341 -23.86 -36.09 14.43
CA GLU A 341 -24.90 -36.19 15.44
C GLU A 341 -24.38 -36.99 16.63
N ALA A 342 -24.81 -36.59 17.82
CA ALA A 342 -24.38 -37.27 19.03
C ALA A 342 -25.54 -37.36 20.01
N HIS A 343 -25.79 -38.54 20.54
CA HIS A 343 -26.84 -38.72 21.54
C HIS A 343 -26.37 -38.11 22.86
N VAL A 344 -27.04 -37.06 23.28
CA VAL A 344 -26.87 -36.47 24.60
C VAL A 344 -27.92 -37.06 25.50
N ARG A 345 -27.57 -37.38 26.74
CA ARG A 345 -28.51 -37.91 27.70
C ARG A 345 -28.57 -36.97 28.89
N VAL A 346 -29.78 -36.60 29.29
CA VAL A 346 -30.00 -35.81 30.49
C VAL A 346 -30.57 -36.74 31.56
N GLU A 347 -29.81 -36.90 32.64
CA GLU A 347 -30.18 -37.78 33.74
C GLU A 347 -30.11 -37.03 35.06
N SER A 348 -30.18 -37.74 36.17
CA SER A 348 -30.03 -37.12 37.48
C SER A 348 -28.55 -37.10 37.83
N CYS A 349 -27.92 -35.92 37.72
CA CYS A 349 -26.52 -35.80 38.11
C CYS A 349 -26.35 -36.05 39.61
N ALA A 350 -27.25 -35.52 40.42
CA ALA A 350 -27.19 -35.69 41.86
C ALA A 350 -28.59 -35.71 42.44
N GLU A 351 -28.69 -36.05 43.72
CA GLU A 351 -29.95 -36.10 44.42
C GLU A 351 -30.07 -34.96 45.42
N LYS A 396 -51.42 -11.80 34.96
CA LYS A 396 -51.68 -12.75 33.88
C LYS A 396 -52.80 -12.23 32.98
N HIS A 397 -52.70 -12.53 31.69
CA HIS A 397 -53.67 -12.10 30.69
C HIS A 397 -54.12 -13.29 29.86
N PRO A 398 -54.95 -14.16 30.42
CA PRO A 398 -55.44 -15.31 29.65
C PRO A 398 -56.47 -14.89 28.62
N LYS A 399 -56.34 -15.45 27.41
CA LYS A 399 -57.26 -15.16 26.33
C LYS A 399 -57.40 -16.41 25.47
N THR A 400 -58.55 -16.51 24.80
CA THR A 400 -58.89 -17.68 24.00
C THR A 400 -58.84 -17.32 22.53
N TRP A 401 -57.90 -17.93 21.80
CA TRP A 401 -57.76 -17.75 20.37
C TRP A 401 -57.72 -19.10 19.66
N VAL A 402 -58.19 -19.11 18.42
CA VAL A 402 -58.15 -20.31 17.58
C VAL A 402 -57.60 -19.93 16.21
N HIS A 403 -57.00 -20.91 15.54
CA HIS A 403 -56.44 -20.70 14.22
C HIS A 403 -56.87 -21.85 13.31
N TYR A 404 -57.60 -21.52 12.25
CA TYR A 404 -57.99 -22.51 11.25
C TYR A 404 -56.96 -22.52 10.13
N ILE A 405 -56.48 -23.70 9.78
CA ILE A 405 -55.43 -23.85 8.78
C ILE A 405 -55.59 -25.22 8.15
N ALA A 406 -55.38 -25.28 6.84
CA ALA A 406 -55.49 -26.53 6.12
C ALA A 406 -54.47 -26.57 5.01
N ALA A 407 -53.90 -27.74 4.80
CA ALA A 407 -52.92 -27.94 3.75
C ALA A 407 -53.62 -28.49 2.51
N GLU A 408 -53.44 -27.82 1.38
CA GLU A 408 -53.95 -28.39 0.14
C GLU A 408 -53.13 -27.87 -1.03
N GLU A 409 -53.23 -28.59 -2.14
CA GLU A 409 -52.45 -28.28 -3.32
C GLU A 409 -53.05 -27.08 -4.04
N GLU A 410 -52.22 -26.44 -4.86
CA GLU A 410 -52.62 -25.27 -5.62
C GLU A 410 -51.49 -24.95 -6.58
N ASP A 411 -51.86 -24.36 -7.71
CA ASP A 411 -50.88 -23.95 -8.71
C ASP A 411 -50.35 -22.57 -8.38
N TRP A 412 -49.03 -22.41 -8.39
CA TRP A 412 -48.39 -21.14 -8.12
C TRP A 412 -47.31 -20.86 -9.15
N ASP A 413 -47.17 -19.59 -9.50
CA ASP A 413 -46.06 -19.10 -10.31
C ASP A 413 -45.24 -18.11 -9.51
N TYR A 414 -43.94 -18.13 -9.75
CA TYR A 414 -43.04 -17.16 -9.13
C TYR A 414 -42.83 -15.90 -9.96
N ALA A 415 -43.35 -15.86 -11.18
CA ALA A 415 -43.28 -14.68 -12.03
C ALA A 415 -44.68 -14.34 -12.50
N PRO A 416 -45.46 -13.64 -11.68
CA PRO A 416 -46.83 -13.30 -12.07
C PRO A 416 -46.91 -12.45 -13.32
N LEU A 417 -45.84 -11.76 -13.69
CA LEU A 417 -45.78 -10.99 -14.91
C LEU A 417 -44.68 -11.54 -15.80
N VAL A 418 -44.72 -11.17 -17.07
CA VAL A 418 -43.73 -11.66 -18.05
C VAL A 418 -42.53 -10.72 -17.96
N LEU A 419 -41.68 -11.00 -16.97
CA LEU A 419 -40.45 -10.24 -16.77
C LEU A 419 -39.24 -10.93 -17.36
N ALA A 420 -39.44 -11.73 -18.41
CA ALA A 420 -38.36 -12.45 -19.07
C ALA A 420 -38.40 -12.12 -20.55
N PRO A 421 -37.90 -10.94 -20.94
CA PRO A 421 -37.87 -10.62 -22.37
C PRO A 421 -36.86 -11.46 -23.14
N ASP A 422 -35.66 -11.61 -22.59
CA ASP A 422 -34.67 -12.48 -23.21
C ASP A 422 -35.12 -13.92 -23.16
N ASP A 423 -34.86 -14.67 -24.23
CA ASP A 423 -35.34 -16.03 -24.37
C ASP A 423 -34.26 -17.08 -24.29
N ARG A 424 -32.99 -16.69 -24.24
CA ARG A 424 -31.90 -17.66 -24.25
C ARG A 424 -30.84 -17.46 -23.18
N SER A 425 -30.71 -16.26 -22.61
CA SER A 425 -29.67 -15.98 -21.63
C SER A 425 -30.28 -16.04 -20.23
N TYR A 426 -30.43 -17.26 -19.72
CA TYR A 426 -30.52 -17.53 -18.29
C TYR A 426 -31.92 -17.19 -17.77
N LYS A 427 -32.80 -16.69 -18.65
CA LYS A 427 -34.14 -16.30 -18.25
C LYS A 427 -35.18 -17.37 -18.56
N SER A 428 -35.29 -17.75 -19.83
CA SER A 428 -36.32 -18.70 -20.23
C SER A 428 -36.09 -20.07 -19.62
N GLN A 429 -34.83 -20.40 -19.31
CA GLN A 429 -34.52 -21.69 -18.72
C GLN A 429 -35.16 -21.85 -17.34
N TYR A 430 -35.56 -20.76 -16.72
CA TYR A 430 -36.15 -20.78 -15.39
C TYR A 430 -37.48 -20.05 -15.27
N LEU A 431 -37.99 -19.44 -16.34
CA LEU A 431 -39.34 -18.90 -16.28
C LEU A 431 -40.15 -19.20 -17.54
N ASN A 432 -39.71 -20.14 -18.36
CA ASN A 432 -40.42 -20.55 -19.57
C ASN A 432 -40.46 -22.06 -19.66
N ASN A 433 -41.45 -22.58 -20.40
CA ASN A 433 -41.60 -24.02 -20.61
C ASN A 433 -41.09 -24.41 -21.98
N GLY A 434 -40.42 -25.56 -22.06
CA GLY A 434 -39.85 -26.03 -23.31
C GLY A 434 -39.51 -27.51 -23.30
N PRO A 435 -38.79 -27.96 -24.34
CA PRO A 435 -38.45 -29.38 -24.45
C PRO A 435 -37.55 -29.91 -23.34
N GLN A 436 -36.71 -29.08 -22.72
CA GLN A 436 -35.78 -29.57 -21.70
C GLN A 436 -35.84 -28.75 -20.42
N ARG A 437 -36.97 -28.10 -20.14
CA ARG A 437 -37.15 -27.35 -18.91
C ARG A 437 -38.60 -27.43 -18.45
N ILE A 438 -38.78 -27.45 -17.13
CA ILE A 438 -40.08 -27.75 -16.55
C ILE A 438 -41.05 -26.59 -16.77
N GLY A 439 -40.60 -25.36 -16.61
CA GLY A 439 -41.46 -24.23 -16.90
C GLY A 439 -41.45 -23.11 -15.88
N ARG A 440 -42.54 -22.35 -15.84
CA ARG A 440 -42.65 -21.15 -15.01
C ARG A 440 -43.46 -21.40 -13.74
N LYS A 441 -44.68 -21.91 -13.90
CA LYS A 441 -45.59 -22.13 -12.78
C LYS A 441 -45.69 -23.63 -12.51
N TYR A 442 -45.69 -24.00 -11.23
CA TYR A 442 -45.79 -25.39 -10.83
C TYR A 442 -46.82 -25.53 -9.72
N LYS A 443 -47.24 -26.76 -9.47
CA LYS A 443 -48.23 -27.03 -8.43
C LYS A 443 -47.54 -27.46 -7.14
N LYS A 444 -47.84 -26.76 -6.05
CA LYS A 444 -47.29 -27.07 -4.75
C LYS A 444 -48.41 -27.05 -3.71
N VAL A 445 -48.18 -27.75 -2.61
CA VAL A 445 -49.15 -27.89 -1.54
C VAL A 445 -48.79 -26.94 -0.39
N ARG A 446 -49.71 -26.05 -0.05
CA ARG A 446 -49.44 -25.03 0.95
C ARG A 446 -50.33 -25.22 2.16
N PHE A 447 -50.19 -24.28 3.09
CA PHE A 447 -51.16 -24.07 4.16
C PHE A 447 -51.92 -22.79 3.84
N MET A 448 -53.25 -22.89 3.83
CA MET A 448 -54.11 -21.72 3.74
C MET A 448 -55.22 -21.82 4.78
N ALA A 449 -55.73 -20.67 5.20
CA ALA A 449 -56.77 -20.64 6.20
C ALA A 449 -58.15 -20.79 5.58
N TYR A 450 -59.09 -21.31 6.37
CA TYR A 450 -60.49 -21.38 5.98
C TYR A 450 -61.34 -20.92 7.15
N THR A 451 -62.20 -19.93 6.93
CA THR A 451 -62.96 -19.33 8.02
C THR A 451 -63.97 -20.29 8.63
N ASP A 452 -64.58 -21.17 7.84
CA ASP A 452 -65.62 -22.05 8.34
C ASP A 452 -65.01 -23.25 9.04
N GLU A 453 -65.86 -23.94 9.81
CA GLU A 453 -65.43 -25.18 10.44
C GLU A 453 -65.32 -26.31 9.42
N THR A 454 -66.20 -26.32 8.42
CA THR A 454 -66.18 -27.35 7.40
C THR A 454 -65.03 -27.18 6.41
N PHE A 455 -64.32 -26.06 6.48
CA PHE A 455 -63.15 -25.81 5.63
C PHE A 455 -63.52 -25.87 4.14
N LYS A 456 -64.36 -24.91 3.76
CA LYS A 456 -64.84 -24.81 2.38
C LYS A 456 -64.52 -23.48 1.72
N THR A 457 -64.53 -22.37 2.46
CA THR A 457 -64.36 -21.04 1.89
C THR A 457 -62.93 -20.56 2.11
N ARG A 458 -62.22 -20.32 1.02
CA ARG A 458 -60.84 -19.85 1.09
C ARG A 458 -60.79 -18.36 1.37
N GLU A 459 -59.68 -17.93 1.95
CA GLU A 459 -59.48 -16.51 2.22
C GLU A 459 -59.14 -15.77 0.93
N ALA A 460 -59.27 -14.44 0.98
CA ALA A 460 -58.85 -13.58 -0.12
C ALA A 460 -57.33 -13.52 -0.10
N ILE A 461 -56.72 -14.57 -0.66
CA ILE A 461 -55.26 -14.66 -0.67
C ILE A 461 -54.68 -13.47 -1.43
N GLN A 462 -53.72 -12.80 -0.81
CA GLN A 462 -53.15 -11.59 -1.37
C GLN A 462 -51.86 -11.90 -2.12
N HIS A 463 -51.49 -10.98 -3.00
CA HIS A 463 -50.28 -11.15 -3.78
C HIS A 463 -49.05 -10.87 -2.91
N GLU A 464 -47.91 -11.35 -3.40
CA GLU A 464 -46.59 -11.17 -2.80
C GLU A 464 -46.45 -12.03 -1.55
N SER A 465 -47.55 -12.59 -1.06
CA SER A 465 -47.51 -13.56 0.04
C SER A 465 -47.59 -14.98 -0.53
N GLY A 466 -46.68 -15.28 -1.44
CA GLY A 466 -46.74 -16.53 -2.17
C GLY A 466 -46.33 -17.69 -1.28
N ILE A 467 -47.05 -18.81 -1.42
CA ILE A 467 -46.66 -20.10 -0.86
C ILE A 467 -46.69 -20.10 0.67
N LEU A 468 -46.28 -19.00 1.28
CA LEU A 468 -46.26 -18.91 2.73
C LEU A 468 -47.66 -19.01 3.30
N GLY A 469 -47.73 -19.49 4.54
CA GLY A 469 -49.00 -19.63 5.22
C GLY A 469 -49.34 -18.40 6.05
N PRO A 470 -50.41 -18.50 6.84
CA PRO A 470 -50.85 -17.36 7.64
C PRO A 470 -49.90 -17.09 8.80
N LEU A 471 -49.87 -15.82 9.22
CA LEU A 471 -49.07 -15.42 10.36
C LEU A 471 -49.69 -15.91 11.66
N LEU A 472 -48.83 -16.16 12.64
CA LEU A 472 -49.25 -16.61 13.96
C LEU A 472 -48.64 -15.69 15.01
N TYR A 473 -49.29 -15.61 16.16
CA TYR A 473 -48.86 -14.68 17.19
C TYR A 473 -49.39 -15.16 18.55
N GLY A 474 -48.55 -15.05 19.57
CA GLY A 474 -48.94 -15.46 20.91
C GLY A 474 -48.37 -14.53 21.96
N GLU A 475 -48.95 -14.59 23.16
CA GLU A 475 -48.57 -13.71 24.25
C GLU A 475 -48.61 -14.51 25.56
N VAL A 476 -48.58 -13.79 26.67
CA VAL A 476 -48.57 -14.40 27.99
C VAL A 476 -49.98 -14.88 28.34
N GLY A 477 -50.10 -16.13 28.76
CA GLY A 477 -51.38 -16.69 29.10
C GLY A 477 -52.23 -17.12 27.93
N ASP A 478 -51.67 -17.16 26.73
CA ASP A 478 -52.43 -17.54 25.54
C ASP A 478 -52.87 -19.01 25.61
N THR A 479 -54.10 -19.25 25.17
CA THR A 479 -54.70 -20.58 25.14
C THR A 479 -55.06 -20.99 23.72
N LEU A 480 -54.18 -20.68 22.76
CA LEU A 480 -54.49 -20.91 21.36
C LEU A 480 -54.51 -22.40 21.06
N LEU A 481 -55.52 -22.82 20.29
CA LEU A 481 -55.64 -24.18 19.79
C LEU A 481 -55.78 -24.14 18.28
N ILE A 482 -55.14 -25.10 17.60
CA ILE A 482 -54.90 -25.04 16.17
C ILE A 482 -55.51 -26.26 15.50
N ILE A 483 -56.40 -26.04 14.55
CA ILE A 483 -57.09 -27.12 13.85
C ILE A 483 -56.47 -27.28 12.47
N PHE A 484 -55.92 -28.45 12.17
CA PHE A 484 -55.31 -28.72 10.89
C PHE A 484 -56.14 -29.74 10.13
N LYS A 485 -56.20 -29.58 8.82
CA LYS A 485 -56.85 -30.52 7.94
C LYS A 485 -55.93 -30.78 6.75
N ASN A 486 -55.92 -32.03 6.28
CA ASN A 486 -55.21 -32.38 5.07
C ASN A 486 -56.21 -32.53 3.93
N GLN A 487 -55.84 -32.02 2.76
CA GLN A 487 -56.62 -32.20 1.55
C GLN A 487 -55.77 -32.64 0.38
N ALA A 488 -54.50 -32.92 0.60
CA ALA A 488 -53.58 -33.27 -0.47
C ALA A 488 -53.53 -34.77 -0.66
N SER A 489 -52.87 -35.18 -1.74
CA SER A 489 -52.76 -36.57 -2.10
C SER A 489 -51.82 -37.34 -1.19
N ARG A 490 -51.42 -36.78 -0.05
CA ARG A 490 -50.52 -37.46 0.86
C ARG A 490 -50.89 -37.06 2.29
N PRO A 491 -50.57 -37.89 3.27
CA PRO A 491 -50.78 -37.49 4.68
C PRO A 491 -49.70 -36.49 5.10
N TYR A 492 -50.13 -35.33 5.59
CA TYR A 492 -49.24 -34.25 5.98
C TYR A 492 -49.58 -33.79 7.39
N ASN A 493 -48.62 -33.12 8.04
CA ASN A 493 -48.82 -32.64 9.40
C ASN A 493 -47.92 -31.45 9.68
N ILE A 494 -48.27 -30.69 10.72
CA ILE A 494 -47.50 -29.53 11.13
C ILE A 494 -47.00 -29.74 12.55
N TYR A 495 -45.87 -29.11 12.85
CA TYR A 495 -45.19 -29.18 14.14
C TYR A 495 -44.21 -28.01 14.21
N PRO A 496 -44.41 -27.05 15.10
CA PRO A 496 -43.56 -25.86 15.11
C PRO A 496 -42.14 -26.18 15.55
N HIS A 497 -41.20 -25.35 15.09
CA HIS A 497 -39.77 -25.53 15.37
C HIS A 497 -39.40 -24.78 16.65
N GLY A 498 -38.77 -25.50 17.58
CA GLY A 498 -38.35 -24.91 18.83
C GLY A 498 -39.48 -24.38 19.68
N ILE A 499 -40.68 -24.95 19.53
CA ILE A 499 -41.85 -24.41 20.20
C ILE A 499 -41.75 -24.60 21.71
N THR A 500 -42.40 -23.71 22.45
CA THR A 500 -42.34 -23.77 23.90
C THR A 500 -43.00 -25.04 24.43
N ASP A 501 -44.22 -25.32 23.99
CA ASP A 501 -44.89 -26.57 24.34
C ASP A 501 -45.89 -26.92 23.25
N VAL A 502 -45.86 -28.17 22.80
CA VAL A 502 -46.79 -28.67 21.80
C VAL A 502 -47.36 -29.99 22.30
N ARG A 503 -48.67 -30.13 22.23
CA ARG A 503 -49.36 -31.29 22.79
C ARG A 503 -50.55 -31.64 21.91
N PRO A 504 -51.01 -32.90 21.95
CA PRO A 504 -52.31 -33.22 21.34
C PRO A 504 -53.44 -32.64 22.17
N LEU A 505 -54.67 -32.74 21.69
CA LEU A 505 -55.81 -32.10 22.33
C LEU A 505 -56.84 -33.15 22.76
N TYR A 506 -57.60 -32.80 23.81
CA TYR A 506 -58.70 -33.59 24.34
C TYR A 506 -58.26 -34.91 24.96
N SER A 507 -56.96 -35.09 25.23
CA SER A 507 -56.49 -36.32 25.82
C SER A 507 -55.12 -36.08 26.45
N ARG A 508 -54.89 -36.71 27.60
CA ARG A 508 -53.56 -36.70 28.20
C ARG A 508 -52.55 -37.37 27.29
N ARG A 509 -52.94 -38.50 26.69
CA ARG A 509 -52.14 -39.18 25.67
C ARG A 509 -53.09 -39.93 24.75
N LEU A 510 -52.61 -40.26 23.56
CA LEU A 510 -53.42 -40.96 22.59
C LEU A 510 -53.24 -42.46 22.79
N PRO A 511 -54.25 -43.18 23.30
CA PRO A 511 -54.07 -44.62 23.55
C PRO A 511 -54.00 -45.46 22.29
N LYS A 512 -54.36 -44.91 21.13
CA LYS A 512 -54.38 -45.69 19.90
C LYS A 512 -52.98 -45.83 19.31
N GLY A 513 -52.90 -46.25 18.06
CA GLY A 513 -51.62 -46.55 17.44
C GLY A 513 -50.84 -45.32 17.03
N VAL A 514 -51.01 -44.22 17.77
CA VAL A 514 -50.26 -43.00 17.59
C VAL A 514 -49.28 -42.88 18.75
N LYS A 515 -48.00 -42.75 18.44
CA LYS A 515 -46.96 -42.71 19.47
C LYS A 515 -46.69 -41.28 19.93
N HIS A 516 -46.35 -40.40 19.00
CA HIS A 516 -46.01 -39.01 19.33
C HIS A 516 -46.59 -38.09 18.26
N LEU A 517 -46.58 -36.80 18.56
CA LEU A 517 -47.08 -35.78 17.65
C LEU A 517 -46.04 -35.33 16.64
N LYS A 518 -44.79 -35.79 16.77
CA LYS A 518 -43.72 -35.30 15.90
C LYS A 518 -43.77 -35.92 14.50
N ASP A 519 -44.37 -37.10 14.35
CA ASP A 519 -44.48 -37.75 13.06
C ASP A 519 -45.89 -38.28 12.78
N PHE A 520 -46.86 -37.94 13.61
CA PHE A 520 -48.19 -38.51 13.45
C PHE A 520 -48.85 -37.90 12.24
N PRO A 521 -49.20 -38.67 11.22
CA PRO A 521 -49.72 -38.11 9.96
C PRO A 521 -51.23 -37.93 10.01
N ILE A 522 -51.73 -37.25 8.98
CA ILE A 522 -53.15 -36.97 8.83
C ILE A 522 -53.58 -37.42 7.44
N LEU A 523 -54.46 -38.41 7.39
CA LEU A 523 -54.91 -38.98 6.14
C LEU A 523 -55.72 -37.96 5.34
N PRO A 524 -55.76 -38.08 4.01
CA PRO A 524 -56.51 -37.12 3.18
C PRO A 524 -57.94 -36.94 3.64
N GLY A 525 -58.26 -35.72 4.09
CA GLY A 525 -59.57 -35.38 4.59
C GLY A 525 -59.69 -35.40 6.10
N GLU A 526 -58.77 -36.06 6.80
CA GLU A 526 -58.85 -36.13 8.25
C GLU A 526 -58.55 -34.76 8.85
N ILE A 527 -59.03 -34.55 10.07
CA ILE A 527 -58.86 -33.30 10.79
C ILE A 527 -58.31 -33.59 12.17
N PHE A 528 -57.31 -32.82 12.58
CA PHE A 528 -56.68 -32.98 13.89
C PHE A 528 -56.57 -31.64 14.58
N LYS A 529 -56.30 -31.68 15.89
CA LYS A 529 -56.16 -30.48 16.70
C LYS A 529 -54.91 -30.56 17.57
N TYR A 530 -54.17 -29.45 17.62
CA TYR A 530 -52.96 -29.34 18.42
C TYR A 530 -53.07 -28.17 19.39
N LYS A 531 -52.33 -28.27 20.49
CA LYS A 531 -52.28 -27.23 21.52
C LYS A 531 -50.85 -26.77 21.68
N TRP A 532 -50.61 -25.49 21.40
CA TRP A 532 -49.29 -24.87 21.57
C TRP A 532 -49.40 -23.88 22.72
N THR A 533 -48.47 -23.98 23.66
CA THR A 533 -48.53 -23.22 24.90
C THR A 533 -47.15 -22.69 25.25
N VAL A 534 -47.13 -21.56 25.95
CA VAL A 534 -45.90 -20.89 26.37
C VAL A 534 -45.86 -20.85 27.90
N THR A 535 -44.73 -20.36 28.43
CA THR A 535 -44.52 -20.33 29.86
C THR A 535 -45.38 -19.26 30.53
N VAL A 536 -45.36 -19.26 31.86
CA VAL A 536 -46.23 -18.39 32.66
C VAL A 536 -45.40 -17.52 33.61
N GLU A 537 -44.43 -18.13 34.28
CA GLU A 537 -43.70 -17.46 35.36
C GLU A 537 -42.54 -16.60 34.87
N ASP A 538 -42.52 -16.21 33.60
CA ASP A 538 -41.46 -15.36 33.07
C ASP A 538 -41.70 -13.93 33.55
N GLY A 539 -40.92 -13.50 34.54
CA GLY A 539 -41.05 -12.17 35.10
C GLY A 539 -40.63 -11.09 34.12
N PRO A 540 -41.28 -9.93 34.20
CA PRO A 540 -40.92 -8.82 33.31
C PRO A 540 -39.53 -8.29 33.61
N THR A 541 -38.86 -7.83 32.56
CA THR A 541 -37.51 -7.30 32.65
C THR A 541 -37.34 -5.93 31.99
N LYS A 542 -38.20 -5.57 31.04
CA LYS A 542 -38.17 -4.32 30.29
C LYS A 542 -36.98 -4.22 29.36
N SER A 543 -36.12 -5.24 29.31
CA SER A 543 -35.00 -5.29 28.37
C SER A 543 -34.79 -6.68 27.83
N ASP A 544 -35.83 -7.51 27.84
CA ASP A 544 -35.78 -8.89 27.41
C ASP A 544 -36.12 -9.02 25.94
N PRO A 545 -35.74 -10.13 25.29
CA PRO A 545 -36.13 -10.32 23.90
C PRO A 545 -37.61 -10.61 23.76
N ARG A 546 -38.38 -9.64 23.27
CA ARG A 546 -39.83 -9.76 23.22
C ARG A 546 -40.34 -10.33 21.91
N CYS A 547 -39.65 -10.08 20.80
CA CYS A 547 -40.09 -10.55 19.48
C CYS A 547 -39.06 -11.51 18.92
N LEU A 548 -39.55 -12.69 18.49
CA LEU A 548 -38.71 -13.71 17.88
C LEU A 548 -39.51 -14.37 16.78
N THR A 549 -38.80 -14.85 15.77
CA THR A 549 -39.36 -15.41 14.55
C THR A 549 -39.00 -16.87 14.37
N ARG A 550 -39.98 -17.71 14.08
CA ARG A 550 -39.72 -19.06 13.61
C ARG A 550 -40.73 -19.46 12.56
N TYR A 551 -40.69 -20.72 12.11
CA TYR A 551 -41.59 -21.17 11.06
C TYR A 551 -42.07 -22.57 11.40
N TYR A 552 -42.94 -23.11 10.55
CA TYR A 552 -43.40 -24.47 10.66
C TYR A 552 -43.45 -25.11 9.27
N SER A 553 -43.20 -26.42 9.23
CA SER A 553 -43.13 -27.17 7.99
C SER A 553 -43.69 -28.56 8.25
N SER A 554 -43.42 -29.50 7.34
CA SER A 554 -43.89 -30.87 7.47
C SER A 554 -42.70 -31.82 7.63
N PHE A 555 -42.96 -32.96 8.26
CA PHE A 555 -41.93 -33.93 8.63
C PHE A 555 -42.30 -35.35 8.23
N VAL A 556 -43.27 -35.51 7.32
CA VAL A 556 -43.41 -36.80 6.66
C VAL A 556 -42.17 -37.08 5.82
N ASN A 557 -41.60 -36.04 5.22
CA ASN A 557 -40.22 -36.06 4.75
C ASN A 557 -39.77 -34.61 4.71
N MET A 558 -39.05 -34.16 5.74
CA MET A 558 -38.64 -32.77 5.82
C MET A 558 -37.87 -32.34 4.59
N GLU A 559 -36.88 -33.13 4.18
CA GLU A 559 -36.07 -32.80 3.01
C GLU A 559 -36.92 -32.72 1.75
N ARG A 560 -38.08 -33.36 1.72
CA ARG A 560 -39.01 -33.24 0.61
C ARG A 560 -40.16 -32.29 0.92
N ASP A 561 -40.54 -32.14 2.19
CA ASP A 561 -41.63 -31.23 2.54
C ASP A 561 -41.26 -29.79 2.28
N LEU A 562 -40.03 -29.39 2.68
CA LEU A 562 -39.61 -28.03 2.45
C LEU A 562 -39.46 -27.73 0.96
N ALA A 563 -38.90 -28.67 0.20
CA ALA A 563 -38.77 -28.48 -1.24
C ALA A 563 -40.12 -28.57 -1.96
N SER A 564 -41.14 -29.16 -1.32
CA SER A 564 -42.47 -29.23 -1.91
C SER A 564 -43.32 -28.02 -1.58
N GLY A 565 -42.86 -27.14 -0.70
CA GLY A 565 -43.59 -25.92 -0.40
C GLY A 565 -44.30 -25.90 0.92
N LEU A 566 -43.77 -26.57 1.94
CA LEU A 566 -44.54 -26.80 3.16
C LEU A 566 -44.05 -25.79 4.20
N ILE A 567 -44.47 -24.53 4.07
CA ILE A 567 -43.95 -23.48 4.95
C ILE A 567 -45.09 -22.63 5.49
N GLY A 568 -44.94 -22.25 6.76
CA GLY A 568 -45.74 -21.20 7.33
C GLY A 568 -44.95 -20.42 8.36
N PRO A 569 -45.32 -19.16 8.57
CA PRO A 569 -44.59 -18.30 9.52
C PRO A 569 -45.09 -18.48 10.94
N LEU A 570 -44.32 -17.92 11.88
CA LEU A 570 -44.69 -17.98 13.29
C LEU A 570 -43.95 -16.86 14.01
N LEU A 571 -44.69 -16.09 14.81
CA LEU A 571 -44.18 -14.92 15.48
C LEU A 571 -44.44 -15.01 16.97
N ILE A 572 -43.54 -14.43 17.76
CA ILE A 572 -43.69 -14.35 19.21
C ILE A 572 -43.31 -12.93 19.63
N CYS A 573 -44.32 -12.13 19.95
CA CYS A 573 -44.07 -10.74 20.30
C CYS A 573 -44.77 -10.41 21.62
N TYR A 574 -44.25 -9.40 22.30
CA TYR A 574 -44.78 -8.96 23.59
C TYR A 574 -45.12 -7.48 23.48
N LYS A 575 -46.34 -7.13 23.88
CA LYS A 575 -46.77 -5.74 23.85
C LYS A 575 -46.57 -5.02 25.18
N GLU A 576 -46.65 -5.75 26.29
CA GLU A 576 -46.47 -5.15 27.61
C GLU A 576 -45.03 -5.31 28.09
N SER A 587 -49.44 -0.75 7.48
CA SER A 587 -49.80 -0.34 8.84
C SER A 587 -48.95 -1.07 9.86
N ASP A 588 -49.58 -1.47 10.97
CA ASP A 588 -48.88 -2.18 12.03
C ASP A 588 -48.54 -3.62 11.66
N LYS A 589 -49.05 -4.10 10.52
CA LYS A 589 -48.82 -5.47 10.09
C LYS A 589 -48.02 -5.48 8.80
N ARG A 590 -47.20 -6.51 8.64
CA ARG A 590 -46.30 -6.62 7.50
C ARG A 590 -46.07 -8.08 7.18
N ASN A 591 -46.19 -8.44 5.91
CA ASN A 591 -45.78 -9.76 5.47
C ASN A 591 -44.26 -9.90 5.63
N VAL A 592 -43.83 -11.15 5.76
CA VAL A 592 -42.43 -11.46 5.99
C VAL A 592 -41.81 -11.97 4.70
N ILE A 593 -40.48 -12.01 4.68
CA ILE A 593 -39.72 -12.54 3.57
C ILE A 593 -39.21 -13.92 3.93
N LEU A 594 -39.32 -14.86 2.99
CA LEU A 594 -38.80 -16.21 3.17
C LEU A 594 -37.83 -16.48 2.03
N PHE A 595 -36.54 -16.45 2.33
CA PHE A 595 -35.52 -16.82 1.37
C PHE A 595 -35.46 -18.33 1.27
N SER A 596 -35.45 -18.86 0.06
CA SER A 596 -35.49 -20.31 -0.07
C SER A 596 -34.93 -20.71 -1.41
N VAL A 597 -34.67 -22.00 -1.55
CA VAL A 597 -34.40 -22.65 -2.82
C VAL A 597 -35.29 -23.88 -2.84
N PHE A 598 -36.32 -23.86 -3.68
CA PHE A 598 -37.24 -24.98 -3.76
C PHE A 598 -36.79 -25.89 -4.90
N ASP A 599 -36.56 -27.16 -4.58
CA ASP A 599 -36.03 -28.13 -5.52
C ASP A 599 -37.14 -29.06 -5.98
N GLU A 600 -37.36 -29.10 -7.29
CA GLU A 600 -38.32 -30.03 -7.83
C GLU A 600 -37.81 -31.47 -7.78
N ASN A 601 -36.48 -31.66 -7.85
CA ASN A 601 -35.95 -33.01 -7.71
C ASN A 601 -36.27 -33.60 -6.34
N ARG A 602 -36.19 -32.79 -5.29
CA ARG A 602 -36.58 -33.23 -3.96
C ARG A 602 -38.04 -32.94 -3.64
N SER A 603 -38.79 -32.39 -4.58
CA SER A 603 -40.21 -32.18 -4.35
C SER A 603 -40.96 -33.51 -4.30
N TRP A 604 -42.12 -33.48 -3.63
CA TRP A 604 -42.89 -34.70 -3.45
C TRP A 604 -43.38 -35.27 -4.78
N TYR A 605 -43.83 -34.40 -5.68
CA TYR A 605 -44.56 -34.80 -6.88
C TYR A 605 -43.98 -34.10 -8.10
N LEU A 606 -42.66 -34.21 -8.27
CA LEU A 606 -42.03 -33.76 -9.51
C LEU A 606 -42.61 -34.44 -10.74
N THR A 607 -43.00 -35.72 -10.61
CA THR A 607 -43.57 -36.43 -11.75
C THR A 607 -44.85 -35.78 -12.23
N GLU A 608 -45.70 -35.34 -11.31
CA GLU A 608 -46.92 -34.64 -11.70
C GLU A 608 -46.59 -33.38 -12.47
N ASN A 609 -45.61 -32.62 -11.98
CA ASN A 609 -45.23 -31.38 -12.65
C ASN A 609 -44.68 -31.64 -14.05
N ILE A 610 -43.81 -32.65 -14.20
CA ILE A 610 -43.19 -32.89 -15.50
C ILE A 610 -44.22 -33.42 -16.49
N GLN A 611 -45.11 -34.32 -16.04
CA GLN A 611 -46.13 -34.82 -16.96
C GLN A 611 -47.12 -33.72 -17.33
N ARG A 612 -47.39 -32.79 -16.42
CA ARG A 612 -48.33 -31.72 -16.71
C ARG A 612 -47.73 -30.64 -17.58
N PHE A 613 -46.42 -30.41 -17.50
CA PHE A 613 -45.82 -29.25 -18.15
C PHE A 613 -44.94 -29.59 -19.35
N LEU A 614 -44.06 -30.57 -19.26
CA LEU A 614 -43.26 -30.93 -20.43
C LEU A 614 -44.17 -31.51 -21.51
N PRO A 615 -44.11 -30.99 -22.73
CA PRO A 615 -44.95 -31.54 -23.80
C PRO A 615 -44.71 -33.02 -24.07
N ASN A 616 -43.46 -33.48 -23.98
CA ASN A 616 -43.17 -34.88 -24.20
C ASN A 616 -42.06 -35.35 -23.26
N PRO A 617 -42.33 -36.34 -22.39
CA PRO A 617 -41.30 -36.91 -21.52
C PRO A 617 -40.54 -38.06 -22.18
N ALA A 618 -40.06 -37.84 -23.40
CA ALA A 618 -39.32 -38.89 -24.10
C ALA A 618 -37.97 -39.14 -23.45
N GLY A 619 -37.23 -38.08 -23.17
CA GLY A 619 -35.93 -38.23 -22.55
C GLY A 619 -35.29 -36.91 -22.16
N VAL A 620 -34.78 -36.84 -20.93
CA VAL A 620 -34.10 -35.64 -20.45
C VAL A 620 -32.74 -36.06 -19.90
N GLN A 621 -32.50 -37.37 -19.85
CA GLN A 621 -31.25 -37.96 -19.36
C GLN A 621 -31.06 -37.73 -17.86
N LEU A 622 -31.97 -36.97 -17.25
CA LEU A 622 -32.04 -36.76 -15.81
C LEU A 622 -30.78 -36.04 -15.31
N GLU A 623 -29.88 -35.69 -16.22
CA GLU A 623 -28.60 -35.12 -15.86
C GLU A 623 -28.29 -33.81 -16.56
N ASP A 624 -29.18 -33.31 -17.42
CA ASP A 624 -28.92 -32.06 -18.12
C ASP A 624 -28.88 -30.91 -17.13
N PRO A 625 -27.88 -30.03 -17.20
CA PRO A 625 -27.77 -28.95 -16.22
C PRO A 625 -28.96 -28.02 -16.19
N GLU A 626 -29.58 -27.73 -17.34
CA GLU A 626 -30.64 -26.74 -17.38
C GLU A 626 -31.87 -27.20 -16.60
N PHE A 627 -32.31 -28.44 -16.83
CA PHE A 627 -33.47 -28.95 -16.12
C PHE A 627 -33.18 -29.07 -14.63
N GLN A 628 -32.00 -29.57 -14.27
CA GLN A 628 -31.65 -29.74 -12.87
C GLN A 628 -31.62 -28.40 -12.16
N ALA A 629 -31.03 -27.38 -12.79
CA ALA A 629 -31.00 -26.05 -12.19
C ALA A 629 -32.39 -25.44 -12.11
N SER A 630 -33.22 -25.68 -13.12
CA SER A 630 -34.59 -25.18 -13.07
C SER A 630 -35.37 -25.83 -11.94
N ASN A 631 -35.06 -27.08 -11.62
CA ASN A 631 -35.69 -27.72 -10.46
C ASN A 631 -35.37 -26.96 -9.18
N ILE A 632 -34.10 -26.59 -9.00
CA ILE A 632 -33.67 -25.82 -7.84
C ILE A 632 -33.83 -24.34 -8.14
N MET A 633 -35.04 -23.81 -7.94
CA MET A 633 -35.27 -22.40 -8.18
C MET A 633 -35.11 -21.61 -6.90
N HIS A 634 -34.55 -20.41 -7.01
CA HIS A 634 -34.24 -19.56 -5.88
C HIS A 634 -35.36 -18.55 -5.71
N SER A 635 -35.93 -18.47 -4.52
CA SER A 635 -37.10 -17.65 -4.33
C SER A 635 -36.94 -16.76 -3.11
N ILE A 636 -37.43 -15.54 -3.23
CA ILE A 636 -37.59 -14.62 -2.11
C ILE A 636 -39.08 -14.57 -1.82
N ASN A 637 -39.49 -15.08 -0.67
CA ASN A 637 -40.88 -15.54 -0.47
C ASN A 637 -41.18 -16.49 -1.63
N GLY A 638 -42.27 -16.32 -2.35
CA GLY A 638 -42.59 -17.30 -3.38
C GLY A 638 -42.38 -16.78 -4.78
N TYR A 639 -41.32 -16.02 -5.01
CA TYR A 639 -41.13 -15.35 -6.29
C TYR A 639 -39.66 -15.34 -6.68
N VAL A 640 -39.41 -15.09 -7.96
CA VAL A 640 -38.06 -15.04 -8.52
C VAL A 640 -38.03 -14.01 -9.64
N PHE A 641 -36.85 -13.45 -9.89
CA PHE A 641 -36.59 -12.61 -11.05
C PHE A 641 -37.54 -11.41 -11.09
N ASP A 642 -37.36 -10.53 -10.10
CA ASP A 642 -38.00 -9.22 -10.11
C ASP A 642 -39.51 -9.32 -10.08
N SER A 643 -40.04 -10.20 -9.24
CA SER A 643 -41.47 -10.39 -9.13
C SER A 643 -42.05 -9.83 -7.84
N LEU A 644 -41.29 -9.02 -7.12
CA LEU A 644 -41.74 -8.45 -5.85
C LEU A 644 -41.88 -6.94 -5.96
N GLN A 645 -42.86 -6.41 -5.23
CA GLN A 645 -42.98 -4.98 -5.01
C GLN A 645 -43.47 -4.78 -3.58
N LEU A 646 -42.69 -4.03 -2.80
CA LEU A 646 -43.03 -3.83 -1.39
C LEU A 646 -43.17 -2.34 -1.09
N SER A 647 -43.89 -1.62 -1.95
CA SER A 647 -44.08 -0.19 -1.75
C SER A 647 -44.80 0.07 -0.43
N VAL A 648 -44.13 0.76 0.48
CA VAL A 648 -44.71 1.14 1.77
C VAL A 648 -44.50 2.64 1.95
N CYS A 649 -45.48 3.30 2.56
CA CYS A 649 -45.42 4.74 2.74
C CYS A 649 -44.19 5.14 3.54
N LEU A 650 -43.73 6.36 3.31
CA LEU A 650 -42.52 6.86 3.94
C LEU A 650 -42.79 7.14 5.42
N HIS A 651 -41.78 7.69 6.09
CA HIS A 651 -41.86 8.11 7.48
C HIS A 651 -42.00 6.91 8.42
N GLU A 652 -43.08 6.14 8.28
CA GLU A 652 -43.35 5.06 9.23
C GLU A 652 -42.20 4.07 9.27
N VAL A 653 -41.74 3.76 10.49
CA VAL A 653 -40.69 2.78 10.67
C VAL A 653 -41.21 1.40 10.29
N ALA A 654 -40.31 0.53 9.89
CA ALA A 654 -40.66 -0.79 9.36
C ALA A 654 -40.15 -1.87 10.30
N TYR A 655 -41.00 -2.85 10.57
CA TYR A 655 -40.61 -4.04 11.31
C TYR A 655 -40.74 -5.24 10.37
N TRP A 656 -39.61 -5.83 9.99
CA TRP A 656 -39.60 -6.98 9.11
C TRP A 656 -39.12 -8.18 9.92
N TYR A 657 -39.48 -9.37 9.48
CA TYR A 657 -39.10 -10.59 10.19
C TYR A 657 -38.57 -11.54 9.13
N ILE A 658 -37.24 -11.61 9.01
CA ILE A 658 -36.58 -12.14 7.81
C ILE A 658 -36.05 -13.53 8.13
N LEU A 659 -36.44 -14.50 7.30
CA LEU A 659 -36.12 -15.91 7.49
C LEU A 659 -35.53 -16.48 6.20
N SER A 660 -34.84 -17.61 6.32
CA SER A 660 -34.08 -18.20 5.22
C SER A 660 -34.23 -19.71 5.16
N ILE A 661 -35.42 -20.23 5.41
CA ILE A 661 -35.63 -21.68 5.38
C ILE A 661 -35.79 -22.14 3.93
N GLY A 662 -35.09 -23.20 3.56
CA GLY A 662 -35.15 -23.74 2.22
C GLY A 662 -34.14 -24.84 2.02
N ALA A 663 -33.46 -24.84 0.88
CA ALA A 663 -32.38 -25.79 0.59
C ALA A 663 -31.14 -25.07 0.11
N GLN A 664 -30.79 -23.96 0.76
CA GLN A 664 -29.67 -23.15 0.30
C GLN A 664 -28.33 -23.81 0.54
N THR A 665 -28.26 -24.79 1.45
CA THR A 665 -27.05 -25.57 1.81
C THR A 665 -25.82 -24.68 2.00
N ASP A 666 -26.00 -23.45 2.46
CA ASP A 666 -24.90 -22.57 2.86
C ASP A 666 -25.49 -21.39 3.62
N PHE A 667 -24.65 -20.40 3.87
CA PHE A 667 -25.08 -19.23 4.63
C PHE A 667 -25.52 -18.11 3.70
N LEU A 668 -26.36 -17.23 4.24
CA LEU A 668 -26.89 -16.09 3.51
C LEU A 668 -26.10 -14.83 3.85
N SER A 669 -26.25 -13.83 2.98
CA SER A 669 -25.63 -12.53 3.19
C SER A 669 -26.62 -11.42 2.80
N VAL A 670 -27.87 -11.56 3.25
CA VAL A 670 -28.95 -10.71 2.76
C VAL A 670 -28.64 -9.24 3.03
N PHE A 671 -28.82 -8.42 2.01
CA PHE A 671 -28.49 -7.01 2.09
C PHE A 671 -29.65 -6.19 1.56
N PHE A 672 -29.88 -5.05 2.20
CA PHE A 672 -30.84 -4.06 1.72
C PHE A 672 -30.06 -2.91 1.11
N SER A 673 -30.34 -2.58 -0.15
CA SER A 673 -29.75 -1.41 -0.77
C SER A 673 -30.46 -0.16 -0.27
N GLY A 674 -29.68 0.90 -0.07
CA GLY A 674 -30.22 2.18 0.32
C GLY A 674 -30.47 2.35 1.81
N TYR A 675 -30.51 1.27 2.57
CA TYR A 675 -30.77 1.38 4.00
C TYR A 675 -29.81 0.48 4.76
N THR A 676 -29.77 0.69 6.07
CA THR A 676 -29.19 -0.24 7.02
C THR A 676 -30.28 -0.63 8.01
N PHE A 677 -30.34 -1.91 8.34
CA PHE A 677 -31.44 -2.47 9.13
C PHE A 677 -31.00 -2.73 10.55
N LYS A 678 -31.75 -2.19 11.51
CA LYS A 678 -31.34 -2.22 12.91
C LYS A 678 -31.33 -3.65 13.42
N HIS A 679 -30.14 -4.12 13.76
CA HIS A 679 -29.95 -5.36 14.51
C HIS A 679 -30.21 -5.07 15.98
N LYS A 680 -29.74 -5.95 16.86
CA LYS A 680 -29.87 -5.65 18.28
C LYS A 680 -28.97 -4.46 18.62
N MET A 681 -29.54 -3.25 18.54
CA MET A 681 -28.94 -1.98 18.87
C MET A 681 -27.85 -1.54 17.89
N VAL A 682 -27.67 -2.23 16.77
CA VAL A 682 -26.66 -1.88 15.78
C VAL A 682 -27.29 -1.91 14.40
N TYR A 683 -26.82 -1.04 13.51
CA TYR A 683 -27.29 -0.95 12.13
C TYR A 683 -26.22 -1.49 11.19
N GLU A 684 -26.53 -2.60 10.51
CA GLU A 684 -25.55 -3.33 9.72
C GLU A 684 -25.71 -3.02 8.24
N ASP A 685 -24.66 -3.34 7.49
CA ASP A 685 -24.69 -3.17 6.04
C ASP A 685 -25.41 -4.34 5.38
N THR A 686 -24.84 -5.54 5.51
CA THR A 686 -25.49 -6.76 5.07
C THR A 686 -25.59 -7.72 6.25
N LEU A 687 -26.65 -8.52 6.27
CA LEU A 687 -26.92 -9.42 7.38
C LEU A 687 -26.87 -10.87 6.91
N THR A 688 -26.45 -11.75 7.81
CA THR A 688 -26.29 -13.16 7.50
C THR A 688 -27.31 -13.99 8.28
N LEU A 689 -27.89 -14.96 7.58
CA LEU A 689 -28.81 -15.92 8.18
C LEU A 689 -28.37 -17.32 7.80
N PHE A 690 -28.19 -18.18 8.79
CA PHE A 690 -28.01 -19.59 8.53
C PHE A 690 -29.35 -20.22 8.18
N PRO A 691 -29.36 -21.26 7.35
CA PRO A 691 -30.62 -21.90 7.01
C PRO A 691 -31.33 -22.40 8.26
N PHE A 692 -32.66 -22.44 8.20
CA PHE A 692 -33.49 -22.87 9.32
C PHE A 692 -33.35 -21.93 10.52
N SER A 693 -32.94 -20.69 10.25
CA SER A 693 -32.83 -19.66 11.26
C SER A 693 -33.17 -18.31 10.64
N GLY A 694 -33.63 -17.38 11.48
CA GLY A 694 -34.03 -16.06 11.02
C GLY A 694 -33.99 -15.08 12.17
N GLU A 695 -34.36 -13.84 11.87
CA GLU A 695 -34.27 -12.81 12.91
C GLU A 695 -35.25 -11.67 12.66
N THR A 696 -35.48 -10.89 13.72
CA THR A 696 -36.36 -9.73 13.70
C THR A 696 -35.55 -8.51 13.27
N VAL A 697 -35.78 -8.03 12.06
CA VAL A 697 -35.09 -6.86 11.53
C VAL A 697 -35.94 -5.63 11.81
N PHE A 698 -35.33 -4.59 12.36
CA PHE A 698 -35.95 -3.28 12.48
C PHE A 698 -35.38 -2.36 11.43
N MET A 699 -36.19 -1.41 10.97
CA MET A 699 -35.82 -0.61 9.82
C MET A 699 -36.55 0.72 9.87
N SER A 700 -36.05 1.67 9.09
CA SER A 700 -36.72 2.95 8.89
C SER A 700 -36.93 3.15 7.40
N MET A 701 -38.07 3.74 7.03
CA MET A 701 -38.36 3.90 5.61
C MET A 701 -38.57 5.39 5.35
N GLU A 702 -37.60 6.19 5.77
CA GLU A 702 -37.52 7.60 5.42
C GLU A 702 -36.78 7.85 4.12
N ASN A 703 -36.17 6.81 3.53
CA ASN A 703 -35.34 6.98 2.36
C ASN A 703 -36.07 6.44 1.14
N PRO A 704 -36.62 7.30 0.28
CA PRO A 704 -37.36 6.83 -0.90
C PRO A 704 -36.42 6.41 -2.02
N GLY A 705 -37.01 6.00 -3.13
CA GLY A 705 -36.24 5.66 -4.31
C GLY A 705 -36.50 4.29 -4.87
N LEU A 706 -35.58 3.80 -5.69
CA LEU A 706 -35.63 2.46 -6.28
C LEU A 706 -34.58 1.60 -5.59
N TRP A 707 -35.03 0.57 -4.87
CA TRP A 707 -34.12 -0.25 -4.09
C TRP A 707 -34.42 -1.71 -4.34
N ILE A 708 -33.38 -2.51 -4.53
CA ILE A 708 -33.53 -3.94 -4.79
C ILE A 708 -32.82 -4.73 -3.69
N LEU A 709 -33.35 -5.90 -3.40
CA LEU A 709 -32.82 -6.78 -2.37
C LEU A 709 -31.84 -7.76 -3.00
N GLY A 710 -31.42 -8.77 -2.25
CA GLY A 710 -30.54 -9.77 -2.79
C GLY A 710 -29.78 -10.49 -1.71
N CYS A 711 -29.22 -11.64 -2.10
CA CYS A 711 -28.41 -12.44 -1.19
C CYS A 711 -26.98 -11.93 -1.08
N HIS A 712 -26.58 -11.02 -1.98
CA HIS A 712 -25.25 -10.44 -2.06
C HIS A 712 -24.23 -11.44 -2.59
N ASN A 713 -24.65 -12.70 -2.69
CA ASN A 713 -23.77 -13.71 -3.27
C ASN A 713 -23.53 -13.42 -4.74
N SER A 714 -22.36 -13.83 -5.22
CA SER A 714 -22.04 -13.61 -6.63
C SER A 714 -23.01 -14.33 -7.55
N ASP A 715 -23.35 -15.56 -7.21
CA ASP A 715 -24.21 -16.38 -8.06
C ASP A 715 -25.67 -16.36 -7.65
N PHE A 716 -25.96 -16.22 -6.36
CA PHE A 716 -27.36 -16.25 -5.92
C PHE A 716 -28.13 -15.04 -6.42
N ARG A 717 -27.49 -13.87 -6.48
CA ARG A 717 -28.17 -12.70 -7.03
C ARG A 717 -28.48 -12.89 -8.51
N ASN A 718 -27.56 -13.49 -9.26
CA ASN A 718 -27.77 -13.67 -10.69
C ASN A 718 -28.79 -14.76 -10.99
N ARG A 719 -29.17 -15.56 -9.98
CA ARG A 719 -30.18 -16.60 -10.09
C ARG A 719 -31.60 -16.04 -10.01
N GLY A 720 -31.78 -14.74 -10.20
CA GLY A 720 -33.10 -14.15 -10.05
C GLY A 720 -33.50 -13.91 -8.61
N MET A 721 -32.63 -14.23 -7.66
CA MET A 721 -32.92 -14.04 -6.25
C MET A 721 -32.67 -12.57 -5.91
N THR A 722 -33.54 -11.71 -6.44
CA THR A 722 -33.32 -10.27 -6.35
C THR A 722 -34.40 -9.55 -5.55
N ALA A 723 -35.65 -9.57 -6.02
CA ALA A 723 -36.75 -8.75 -5.47
C ALA A 723 -36.45 -7.26 -5.53
N LEU A 724 -37.49 -6.44 -5.69
CA LEU A 724 -37.37 -4.98 -5.68
C LEU A 724 -38.28 -4.40 -4.62
N LEU A 725 -37.76 -3.43 -3.86
CA LEU A 725 -38.53 -2.84 -2.77
C LEU A 725 -39.50 -1.78 -3.29
N LYS A 726 -38.99 -0.80 -4.03
CA LYS A 726 -39.82 0.22 -4.70
C LYS A 726 -40.73 0.95 -3.71
N VAL A 727 -40.11 1.70 -2.81
CA VAL A 727 -40.88 2.52 -1.87
C VAL A 727 -41.65 3.59 -2.62
N SER A 728 -41.01 4.25 -3.58
CA SER A 728 -41.60 5.36 -4.32
C SER A 728 -42.10 6.44 -3.38
N SER A 729 -43.30 6.95 -3.64
CA SER A 729 -43.91 7.98 -2.81
C SER A 729 -45.34 7.58 -2.47
N CYS A 730 -45.80 8.07 -1.33
CA CYS A 730 -47.14 7.76 -0.85
C CYS A 730 -47.96 9.01 -0.59
N LYS A 828 -22.94 20.11 9.00
CA LYS A 828 -22.61 21.52 9.06
C LYS A 828 -21.59 21.89 7.99
N ARG A 829 -20.43 21.23 8.00
CA ARG A 829 -19.38 21.55 7.06
C ARG A 829 -19.40 20.59 5.88
N THR A 830 -19.31 21.15 4.67
CA THR A 830 -19.28 20.34 3.45
C THR A 830 -17.92 19.69 3.34
N ARG A 831 -17.83 18.42 3.71
CA ARG A 831 -16.56 17.73 3.83
C ARG A 831 -16.25 17.07 2.50
N HIS A 832 -15.30 17.65 1.76
CA HIS A 832 -15.01 17.20 0.40
C HIS A 832 -14.19 15.92 0.42
N TYR A 833 -14.36 15.12 -0.64
CA TYR A 833 -13.47 13.98 -0.90
C TYR A 833 -13.45 13.76 -2.42
N PHE A 834 -12.53 14.43 -3.10
CA PHE A 834 -12.54 14.38 -4.56
C PHE A 834 -11.94 13.05 -5.03
N ILE A 835 -12.52 11.96 -4.54
CA ILE A 835 -11.94 10.66 -4.76
C ILE A 835 -11.88 10.36 -6.25
N ALA A 836 -10.99 9.46 -6.63
CA ALA A 836 -10.86 9.07 -8.01
C ALA A 836 -10.57 7.58 -8.09
N ALA A 837 -10.63 7.04 -9.30
CA ALA A 837 -10.38 5.62 -9.54
C ALA A 837 -9.24 5.50 -10.55
N VAL A 838 -8.07 5.07 -10.07
CA VAL A 838 -6.87 5.03 -10.91
C VAL A 838 -6.47 3.59 -11.16
N GLU A 839 -5.70 3.39 -12.23
CA GLU A 839 -5.26 2.05 -12.65
C GLU A 839 -3.78 1.86 -12.31
N GLN A 840 -3.48 0.80 -11.57
CA GLN A 840 -2.13 0.51 -11.11
C GLN A 840 -1.75 -0.91 -11.53
N LEU A 841 -0.54 -1.09 -12.05
CA LEU A 841 0.01 -2.42 -12.24
C LEU A 841 0.48 -2.94 -10.89
N TRP A 842 -0.30 -3.86 -10.31
CA TRP A 842 -0.15 -4.26 -8.92
C TRP A 842 0.56 -5.60 -8.82
N ASP A 843 1.39 -5.70 -7.79
CA ASP A 843 2.12 -6.92 -7.44
C ASP A 843 1.61 -7.34 -6.07
N TYR A 844 0.84 -8.43 -6.03
CA TYR A 844 0.20 -8.85 -4.78
C TYR A 844 1.22 -9.24 -3.72
N GLY A 845 2.45 -9.52 -4.10
CA GLY A 845 3.47 -9.90 -3.13
C GLY A 845 4.70 -10.53 -3.76
N MET A 846 5.85 -10.30 -3.14
CA MET A 846 7.12 -10.85 -3.60
C MET A 846 7.56 -12.07 -2.78
N SER A 847 6.60 -12.82 -2.24
CA SER A 847 6.87 -14.04 -1.49
C SER A 847 6.37 -15.24 -2.28
N GLU A 848 7.27 -16.19 -2.55
CA GLU A 848 6.93 -17.41 -3.30
C GLU A 848 6.29 -17.09 -4.64
N SER A 849 6.86 -16.11 -5.35
CA SER A 849 6.38 -15.68 -6.66
C SER A 849 4.91 -15.25 -6.60
N VAL A 862 4.85 -14.10 -11.66
CA VAL A 862 4.91 -12.91 -10.81
C VAL A 862 3.63 -12.09 -10.97
N PRO A 863 2.95 -11.83 -9.85
CA PRO A 863 1.72 -11.02 -9.91
C PRO A 863 2.01 -9.60 -10.35
N ARG A 864 1.51 -9.24 -11.53
CA ARG A 864 1.67 -7.91 -12.09
C ARG A 864 0.39 -7.45 -12.78
N PHE A 865 -0.75 -7.66 -12.13
CA PHE A 865 -2.04 -7.48 -12.79
C PHE A 865 -2.51 -6.05 -12.68
N LYS A 866 -3.19 -5.58 -13.72
CA LYS A 866 -3.75 -4.24 -13.70
C LYS A 866 -4.98 -4.21 -12.80
N LYS A 867 -4.94 -3.42 -11.75
CA LYS A 867 -6.04 -3.30 -10.80
C LYS A 867 -6.47 -1.84 -10.72
N VAL A 868 -7.68 -1.62 -10.23
CA VAL A 868 -8.27 -0.29 -10.14
C VAL A 868 -8.51 0.02 -8.68
N VAL A 869 -8.25 1.26 -8.27
CA VAL A 869 -8.24 1.59 -6.86
C VAL A 869 -8.73 3.01 -6.63
N PHE A 870 -9.29 3.22 -5.44
CA PHE A 870 -9.73 4.54 -5.01
C PHE A 870 -8.55 5.32 -4.42
N ARG A 871 -8.34 6.55 -4.91
CA ARG A 871 -7.32 7.45 -4.38
C ARG A 871 -7.95 8.79 -4.06
N GLU A 872 -7.78 9.26 -2.83
CA GLU A 872 -8.38 10.53 -2.41
C GLU A 872 -7.57 11.70 -2.93
N PHE A 873 -8.25 12.81 -3.17
CA PHE A 873 -7.63 14.08 -3.50
C PHE A 873 -8.19 15.14 -2.56
N ALA A 874 -7.75 16.38 -2.75
CA ALA A 874 -8.27 17.52 -1.99
C ALA A 874 -8.55 18.74 -2.86
N ASP A 875 -8.16 18.73 -4.13
CA ASP A 875 -8.34 19.87 -5.02
C ASP A 875 -9.12 19.42 -6.27
N GLY A 876 -9.85 20.38 -6.84
CA GLY A 876 -10.66 20.07 -8.02
C GLY A 876 -9.82 19.57 -9.18
N SER A 877 -8.61 20.12 -9.35
CA SER A 877 -7.71 19.62 -10.37
C SER A 877 -7.13 18.29 -9.88
N PHE A 878 -7.55 17.20 -10.50
CA PHE A 878 -7.14 15.86 -10.06
C PHE A 878 -5.68 15.65 -10.46
N THR A 879 -4.79 16.21 -9.62
CA THR A 879 -3.36 16.22 -9.88
C THR A 879 -2.50 15.67 -8.77
N GLN A 880 -3.02 15.49 -7.56
CA GLN A 880 -2.24 15.06 -6.40
C GLN A 880 -2.82 13.77 -5.85
N PRO A 881 -2.30 12.63 -6.27
CA PRO A 881 -2.91 11.36 -5.83
C PRO A 881 -2.52 10.95 -4.41
N SER A 882 -2.53 11.92 -3.49
CA SER A 882 -2.47 11.70 -2.04
C SER A 882 -1.57 10.51 -1.69
N TYR A 883 -0.30 10.66 -2.02
CA TYR A 883 0.66 9.56 -1.94
C TYR A 883 0.61 8.83 -0.61
N ARG A 884 0.91 7.53 -0.67
CA ARG A 884 0.77 6.61 0.46
C ARG A 884 1.94 6.81 1.41
N GLY A 885 1.74 7.62 2.45
CA GLY A 885 2.79 7.92 3.39
C GLY A 885 2.40 7.64 4.84
N GLU A 886 3.21 6.83 5.51
CA GLU A 886 3.00 6.47 6.90
C GLU A 886 1.61 5.88 7.14
N LEU A 887 0.68 6.69 7.65
CA LEU A 887 -0.60 6.14 8.11
C LEU A 887 -1.32 5.40 7.00
N ASN A 888 -1.37 5.97 5.80
CA ASN A 888 -2.05 5.35 4.67
C ASN A 888 -1.12 4.48 3.82
N LYS A 889 -0.01 4.01 4.39
CA LYS A 889 0.88 3.13 3.65
C LYS A 889 0.24 1.78 3.39
N HIS A 890 -0.52 1.28 4.37
CA HIS A 890 -0.96 -0.10 4.40
C HIS A 890 -2.18 -0.38 3.52
N LEU A 891 -2.84 0.65 2.98
CA LEU A 891 -4.11 0.47 2.30
C LEU A 891 -3.99 -0.35 1.04
N GLY A 892 -2.78 -0.61 0.54
CA GLY A 892 -2.60 -1.53 -0.55
C GLY A 892 -3.51 -1.26 -1.72
N LEU A 893 -4.47 -2.15 -1.94
CA LEU A 893 -5.46 -2.00 -2.99
C LEU A 893 -6.72 -1.30 -2.53
N LEU A 894 -6.77 -0.80 -1.30
CA LEU A 894 -7.97 -0.14 -0.79
C LEU A 894 -8.05 1.29 -1.29
N GLY A 895 -8.96 2.06 -0.70
CA GLY A 895 -9.10 3.46 -0.98
C GLY A 895 -9.04 4.27 0.29
N PRO A 896 -9.60 5.46 0.26
CA PRO A 896 -9.38 6.43 1.34
C PRO A 896 -10.39 6.27 2.48
N TYR A 897 -10.06 6.90 3.59
CA TYR A 897 -10.87 6.82 4.80
C TYR A 897 -11.92 7.91 4.77
N ILE A 898 -13.10 7.58 4.27
CA ILE A 898 -14.12 8.61 4.16
C ILE A 898 -14.71 8.81 5.54
N ARG A 899 -14.12 9.70 6.31
CA ARG A 899 -14.59 9.90 7.67
C ARG A 899 -15.71 10.93 7.70
N ALA A 900 -16.50 10.88 8.77
CA ALA A 900 -17.56 11.86 8.97
C ALA A 900 -18.06 11.76 10.40
N GLU A 901 -18.75 12.82 10.85
CA GLU A 901 -19.32 12.91 12.18
C GLU A 901 -20.82 13.13 12.07
N VAL A 902 -21.45 13.52 13.19
CA VAL A 902 -22.84 13.94 13.13
C VAL A 902 -22.93 15.29 12.43
N GLU A 903 -24.05 15.51 11.74
CA GLU A 903 -24.42 16.76 11.08
C GLU A 903 -23.55 17.11 9.88
N ASP A 904 -22.49 16.36 9.60
CA ASP A 904 -21.58 16.76 8.53
C ASP A 904 -22.21 16.49 7.16
N ASN A 905 -21.58 17.06 6.14
CA ASN A 905 -22.03 16.93 4.75
C ASN A 905 -20.87 16.37 3.93
N ILE A 906 -21.13 15.30 3.20
CA ILE A 906 -20.10 14.58 2.45
C ILE A 906 -20.14 15.07 1.01
N MET A 907 -19.11 15.81 0.61
CA MET A 907 -18.99 16.33 -0.75
C MET A 907 -18.01 15.43 -1.49
N VAL A 908 -18.51 14.29 -1.96
CA VAL A 908 -17.68 13.30 -2.62
C VAL A 908 -17.83 13.45 -4.13
N THR A 909 -16.84 14.10 -4.75
CA THR A 909 -16.88 14.41 -6.18
C THR A 909 -16.11 13.32 -6.91
N PHE A 910 -16.75 12.16 -7.03
CA PHE A 910 -16.12 11.02 -7.67
C PHE A 910 -15.76 11.33 -9.12
N LYS A 911 -14.59 10.88 -9.53
CA LYS A 911 -14.22 10.87 -10.94
C LYS A 911 -13.81 9.45 -11.29
N ASN A 912 -13.89 9.12 -12.56
CA ASN A 912 -13.66 7.75 -13.00
C ASN A 912 -12.65 7.74 -14.12
N GLN A 913 -11.98 6.61 -14.29
CA GLN A 913 -11.03 6.42 -15.38
C GLN A 913 -11.17 4.98 -15.88
N ALA A 914 -10.17 4.54 -16.64
CA ALA A 914 -10.03 3.18 -17.17
C ALA A 914 -10.93 2.92 -18.37
N SER A 915 -10.68 1.80 -19.07
CA SER A 915 -11.45 1.46 -20.26
C SER A 915 -12.92 1.26 -19.95
N ARG A 916 -13.22 0.73 -18.77
CA ARG A 916 -14.61 0.47 -18.43
C ARG A 916 -15.06 1.41 -17.32
N PRO A 917 -16.23 2.02 -17.46
CA PRO A 917 -16.74 2.90 -16.42
C PRO A 917 -17.22 2.12 -15.19
N TYR A 918 -16.95 2.69 -14.02
CA TYR A 918 -17.41 2.14 -12.75
C TYR A 918 -18.14 3.24 -12.00
N SER A 919 -18.40 3.06 -10.71
CA SER A 919 -19.05 4.12 -9.97
C SER A 919 -18.74 3.96 -8.49
N PHE A 920 -19.57 4.57 -7.65
CA PHE A 920 -19.38 4.68 -6.22
C PHE A 920 -20.68 4.34 -5.52
N TYR A 921 -20.59 3.71 -4.36
CA TYR A 921 -21.78 3.33 -3.60
C TYR A 921 -21.38 2.98 -2.19
N SER A 922 -22.16 3.46 -1.21
CA SER A 922 -21.86 3.22 0.18
C SER A 922 -23.13 3.01 0.98
N SER A 923 -24.11 2.34 0.39
CA SER A 923 -25.37 2.05 1.06
C SER A 923 -26.07 3.31 1.57
N LEU A 924 -25.58 4.50 1.18
CA LEU A 924 -26.20 5.75 1.60
C LEU A 924 -26.58 6.66 0.44
N ILE A 925 -26.24 6.30 -0.81
CA ILE A 925 -26.65 7.10 -1.94
C ILE A 925 -28.19 7.15 -2.00
N SER A 926 -28.69 8.22 -2.60
CA SER A 926 -30.13 8.41 -2.71
C SER A 926 -30.43 9.18 -3.98
N TYR A 927 -31.26 8.60 -4.84
CA TYR A 927 -31.67 9.29 -6.04
C TYR A 927 -32.63 10.41 -5.68
N PRO A 928 -32.34 11.66 -6.04
CA PRO A 928 -33.35 12.72 -5.88
C PRO A 928 -34.60 12.38 -6.67
N ASP A 929 -35.75 12.75 -6.11
CA ASP A 929 -37.02 12.36 -6.71
C ASP A 929 -37.35 13.24 -7.90
N ASP A 930 -36.45 13.29 -8.88
CA ASP A 930 -36.76 13.93 -10.15
C ASP A 930 -37.72 13.06 -10.96
N GLN A 931 -38.42 13.70 -11.89
CA GLN A 931 -39.42 13.03 -12.73
C GLN A 931 -40.51 12.39 -11.86
N GLU A 932 -41.28 13.25 -11.20
CA GLU A 932 -42.38 12.81 -10.38
C GLU A 932 -43.38 12.00 -11.21
N GLN A 933 -44.17 11.18 -10.51
CA GLN A 933 -45.04 10.18 -11.15
C GLN A 933 -44.22 9.23 -12.01
N GLY A 934 -43.03 8.90 -11.53
CA GLY A 934 -42.15 7.96 -12.20
C GLY A 934 -41.05 7.51 -11.27
N ALA A 935 -40.33 6.48 -11.70
CA ALA A 935 -39.28 5.91 -10.87
C ALA A 935 -38.30 5.13 -11.75
N GLU A 936 -37.02 5.45 -11.59
CA GLU A 936 -35.95 4.75 -12.29
C GLU A 936 -34.78 4.57 -11.32
N PRO A 937 -33.91 3.60 -11.59
CA PRO A 937 -32.72 3.43 -10.74
C PRO A 937 -31.81 4.65 -10.80
N ARG A 938 -31.10 4.91 -9.70
CA ARG A 938 -30.07 5.93 -9.70
C ARG A 938 -29.08 5.64 -10.82
N HIS A 939 -28.77 6.66 -11.61
CA HIS A 939 -27.99 6.44 -12.82
C HIS A 939 -26.60 5.91 -12.49
N ASN A 940 -25.88 6.61 -11.61
CA ASN A 940 -24.49 6.29 -11.29
C ASN A 940 -23.71 6.05 -12.57
N PHE A 941 -23.01 4.92 -12.64
CA PHE A 941 -22.39 4.42 -13.86
C PHE A 941 -21.62 5.55 -14.58
N VAL A 942 -20.64 6.10 -13.87
CA VAL A 942 -19.97 7.31 -14.32
C VAL A 942 -18.96 6.96 -15.41
N GLN A 943 -19.11 7.57 -16.57
CA GLN A 943 -18.38 7.19 -17.76
C GLN A 943 -16.91 7.59 -17.65
N PRO A 944 -16.04 7.04 -18.51
CA PRO A 944 -14.63 7.42 -18.47
C PRO A 944 -14.45 8.93 -18.59
N ASN A 945 -13.54 9.46 -17.76
CA ASN A 945 -13.16 10.87 -17.72
C ASN A 945 -14.28 11.74 -17.16
N GLU A 946 -15.47 11.18 -16.99
CA GLU A 946 -16.59 11.94 -16.48
C GLU A 946 -16.62 11.85 -14.97
N THR A 947 -17.03 12.94 -14.34
CA THR A 947 -17.13 13.02 -12.89
C THR A 947 -18.60 12.94 -12.49
N ARG A 948 -18.83 13.05 -11.19
CA ARG A 948 -20.17 13.22 -10.63
C ARG A 948 -20.04 13.98 -9.32
N THR A 949 -21.10 13.97 -8.53
CA THR A 949 -21.05 14.51 -7.17
C THR A 949 -22.18 13.85 -6.39
N TYR A 950 -21.82 12.89 -5.56
CA TYR A 950 -22.76 12.10 -4.79
C TYR A 950 -23.15 12.77 -3.49
N PHE A 951 -23.05 14.10 -3.42
CA PHE A 951 -23.25 14.84 -2.19
C PHE A 951 -24.53 14.43 -1.48
N TRP A 952 -24.40 13.85 -0.30
CA TRP A 952 -25.56 13.44 0.50
C TRP A 952 -25.31 13.80 1.95
N LYS A 953 -26.37 13.69 2.76
CA LYS A 953 -26.35 14.09 4.16
C LYS A 953 -26.63 12.83 4.96
N VAL A 954 -25.62 12.38 5.73
CA VAL A 954 -25.77 11.16 6.51
C VAL A 954 -26.68 11.41 7.70
N GLN A 955 -27.62 10.50 7.92
CA GLN A 955 -28.68 10.70 8.89
C GLN A 955 -28.23 10.28 10.29
N HIS A 956 -28.96 10.79 11.30
CA HIS A 956 -28.56 10.60 12.70
C HIS A 956 -28.82 9.18 13.20
N HIS A 957 -29.63 8.39 12.50
CA HIS A 957 -29.85 7.01 12.93
C HIS A 957 -28.63 6.14 12.69
N MET A 958 -27.62 6.65 11.98
CA MET A 958 -26.41 5.90 11.70
C MET A 958 -25.34 6.08 12.77
N ALA A 959 -25.60 6.89 13.79
CA ALA A 959 -24.61 7.15 14.82
C ALA A 959 -24.46 5.93 15.73
N PRO A 960 -23.24 5.45 15.96
CA PRO A 960 -23.04 4.38 16.95
C PRO A 960 -23.47 4.84 18.34
N THR A 961 -24.00 3.89 19.10
CA THR A 961 -24.52 4.22 20.43
C THR A 961 -23.40 4.58 21.38
N GLU A 962 -23.78 5.16 22.53
CA GLU A 962 -22.81 5.43 23.58
C GLU A 962 -22.15 4.15 24.07
N ASP A 963 -22.94 3.10 24.25
CA ASP A 963 -22.39 1.80 24.60
C ASP A 963 -21.53 1.23 23.48
N GLU A 964 -21.77 1.64 22.24
CA GLU A 964 -21.02 1.19 21.08
C GLU A 964 -19.64 1.86 21.06
N PHE A 965 -18.75 1.32 20.23
CA PHE A 965 -17.42 1.87 20.06
C PHE A 965 -17.49 3.30 19.55
N ASP A 966 -16.34 3.97 19.59
CA ASP A 966 -16.29 5.40 19.31
C ASP A 966 -16.75 5.72 17.89
N CYS A 967 -16.53 4.82 16.93
CA CYS A 967 -16.79 5.18 15.55
C CYS A 967 -16.99 3.92 14.71
N LYS A 968 -18.16 3.77 14.11
CA LYS A 968 -18.49 2.60 13.32
C LYS A 968 -18.00 2.79 11.88
N ALA A 969 -17.88 1.68 11.17
CA ALA A 969 -17.27 1.69 9.84
C ALA A 969 -18.10 0.88 8.86
N TRP A 970 -18.13 1.36 7.62
CA TRP A 970 -18.92 0.84 6.50
C TRP A 970 -17.99 0.52 5.34
N ALA A 971 -18.53 -0.12 4.31
CA ALA A 971 -17.76 -0.43 3.11
C ALA A 971 -18.46 0.18 1.91
N TYR A 972 -17.68 0.80 1.03
CA TYR A 972 -18.19 1.43 -0.17
C TYR A 972 -17.46 0.87 -1.38
N PHE A 973 -18.19 0.72 -2.49
CA PHE A 973 -17.71 -0.06 -3.62
C PHE A 973 -18.49 0.37 -4.85
N SER A 974 -18.04 -0.08 -6.02
CA SER A 974 -18.79 0.17 -7.25
C SER A 974 -19.92 -0.85 -7.30
N ASP A 975 -21.12 -0.43 -6.93
CA ASP A 975 -22.24 -1.36 -6.84
C ASP A 975 -22.73 -1.81 -8.20
N VAL A 976 -22.23 -1.24 -9.30
CA VAL A 976 -22.76 -1.57 -10.61
C VAL A 976 -22.56 -3.05 -10.91
N ASP A 977 -21.45 -3.64 -10.49
CA ASP A 977 -21.26 -5.09 -10.59
C ASP A 977 -20.30 -5.49 -9.48
N LEU A 978 -20.85 -5.96 -8.36
CA LEU A 978 -20.01 -6.29 -7.20
C LEU A 978 -19.02 -7.39 -7.53
N GLU A 979 -19.51 -8.49 -8.12
CA GLU A 979 -18.69 -9.69 -8.26
C GLU A 979 -17.49 -9.49 -9.18
N LYS A 980 -17.48 -8.44 -9.99
CA LYS A 980 -16.43 -8.28 -10.99
C LYS A 980 -15.48 -7.14 -10.69
N ASP A 981 -15.70 -6.36 -9.62
CA ASP A 981 -14.82 -5.25 -9.32
C ASP A 981 -14.27 -5.21 -7.90
N VAL A 982 -14.83 -5.97 -6.95
CA VAL A 982 -14.12 -6.21 -5.70
C VAL A 982 -12.90 -7.08 -5.96
N HIS A 983 -13.02 -8.05 -6.87
CA HIS A 983 -11.83 -8.71 -7.41
C HIS A 983 -10.94 -7.75 -8.15
N SER A 984 -11.48 -6.65 -8.66
CA SER A 984 -10.69 -5.57 -9.19
C SER A 984 -10.27 -4.57 -8.11
N GLY A 985 -10.73 -4.75 -6.88
CA GLY A 985 -10.23 -4.00 -5.74
C GLY A 985 -10.92 -2.70 -5.45
N LEU A 986 -11.94 -2.32 -6.19
CA LEU A 986 -12.56 -1.03 -5.96
C LEU A 986 -13.37 -1.04 -4.68
N ILE A 987 -12.70 -1.13 -3.53
CA ILE A 987 -13.36 -1.19 -2.24
C ILE A 987 -12.71 -0.18 -1.31
N GLY A 988 -13.47 0.32 -0.34
CA GLY A 988 -12.94 1.30 0.57
C GLY A 988 -13.72 1.51 1.84
N PRO A 989 -13.03 1.98 2.89
CA PRO A 989 -13.69 2.17 4.19
C PRO A 989 -14.33 3.53 4.45
N LEU A 990 -15.56 3.47 4.91
CA LEU A 990 -16.29 4.62 5.40
C LEU A 990 -16.25 4.60 6.92
N LEU A 991 -16.26 5.79 7.54
CA LEU A 991 -16.04 5.88 8.99
C LEU A 991 -16.99 6.93 9.56
N ILE A 992 -18.13 6.49 10.05
CA ILE A 992 -19.09 7.39 10.69
C ILE A 992 -18.85 7.30 12.19
N CYS A 993 -18.55 8.43 12.81
CA CYS A 993 -18.14 8.41 14.20
C CYS A 993 -19.06 9.32 15.01
N ARG A 994 -19.18 9.02 16.31
CA ARG A 994 -20.23 9.64 17.13
C ARG A 994 -19.83 11.04 17.59
N ALA A 995 -20.78 11.96 17.51
CA ALA A 995 -20.73 13.26 18.18
C ALA A 995 -19.51 14.05 17.67
N ASN A 996 -18.91 14.85 18.55
CA ASN A 996 -17.74 15.67 18.22
C ASN A 996 -16.53 15.03 18.87
N THR A 997 -15.86 14.14 18.11
CA THR A 997 -14.65 13.51 18.59
C THR A 997 -13.60 13.37 17.50
N LEU A 998 -13.73 14.12 16.41
CA LEU A 998 -12.79 14.09 15.29
C LEU A 998 -12.40 15.51 14.88
N ASN A 999 -12.02 16.32 15.86
CA ASN A 999 -11.66 17.70 15.60
C ASN A 999 -10.27 17.80 14.96
N ALA A 1000 -9.75 19.02 14.87
CA ALA A 1000 -8.43 19.33 14.32
C ALA A 1000 -8.36 19.09 12.82
N ALA A 1001 -7.31 19.60 12.18
CA ALA A 1001 -7.17 19.49 10.73
C ALA A 1001 -6.95 18.06 10.28
N HIS A 1002 -6.42 17.21 11.18
CA HIS A 1002 -6.18 15.81 10.83
C HIS A 1002 -7.48 15.07 10.51
N GLY A 1003 -8.60 15.52 11.06
CA GLY A 1003 -9.87 14.85 10.81
C GLY A 1003 -9.93 13.45 11.34
N ARG A 1004 -9.30 13.20 12.49
CA ARG A 1004 -9.31 11.89 13.12
C ARG A 1004 -9.35 12.08 14.63
N GLN A 1005 -9.57 10.98 15.35
CA GLN A 1005 -9.65 11.05 16.80
C GLN A 1005 -8.30 11.30 17.45
N VAL A 1006 -7.20 11.18 16.68
CA VAL A 1006 -5.81 11.28 17.10
C VAL A 1006 -5.51 10.53 18.40
N THR A 1007 -6.52 10.32 19.24
CA THR A 1007 -6.34 9.53 20.45
C THR A 1007 -6.02 8.08 20.12
N VAL A 1008 -6.59 7.55 19.03
CA VAL A 1008 -6.42 6.15 18.68
C VAL A 1008 -5.86 6.06 17.26
N GLN A 1009 -4.86 5.21 17.09
CA GLN A 1009 -4.27 4.90 15.81
C GLN A 1009 -5.06 3.77 15.16
N GLU A 1010 -5.50 3.98 13.93
CA GLU A 1010 -6.41 3.05 13.28
C GLU A 1010 -5.79 2.49 12.01
N PHE A 1011 -6.25 1.30 11.61
CA PHE A 1011 -5.80 0.64 10.40
C PHE A 1011 -6.96 -0.09 9.75
N ALA A 1012 -6.76 -0.47 8.49
CA ALA A 1012 -7.82 -1.07 7.69
C ALA A 1012 -7.42 -2.47 7.27
N LEU A 1013 -8.12 -3.47 7.80
CA LEU A 1013 -7.94 -4.86 7.43
C LEU A 1013 -9.11 -5.31 6.57
N PHE A 1014 -8.80 -5.79 5.37
CA PHE A 1014 -9.78 -6.20 4.38
C PHE A 1014 -9.31 -7.57 3.89
N PHE A 1015 -9.92 -8.64 4.40
CA PHE A 1015 -9.51 -9.99 4.07
C PHE A 1015 -10.31 -10.48 2.87
N THR A 1016 -9.63 -10.82 1.78
CA THR A 1016 -10.33 -11.27 0.58
C THR A 1016 -9.37 -12.01 -0.33
N ILE A 1017 -9.85 -13.08 -0.94
CA ILE A 1017 -9.12 -13.76 -2.00
C ILE A 1017 -9.46 -13.09 -3.32
N PHE A 1018 -8.44 -12.73 -4.08
CA PHE A 1018 -8.62 -12.07 -5.36
C PHE A 1018 -8.30 -13.05 -6.49
N ASP A 1019 -9.24 -13.20 -7.42
CA ASP A 1019 -9.14 -14.13 -8.53
C ASP A 1019 -9.06 -13.33 -9.82
N GLU A 1020 -7.99 -13.53 -10.58
CA GLU A 1020 -7.84 -12.82 -11.85
C GLU A 1020 -8.96 -13.16 -12.82
N THR A 1021 -9.33 -14.44 -12.90
CA THR A 1021 -10.44 -14.83 -13.76
C THR A 1021 -11.75 -14.20 -13.33
N LYS A 1022 -11.82 -13.72 -12.09
CA LYS A 1022 -13.01 -13.03 -11.58
C LYS A 1022 -12.92 -11.51 -11.70
N SER A 1023 -12.03 -11.01 -12.57
CA SER A 1023 -11.87 -9.58 -12.75
C SER A 1023 -11.79 -9.24 -14.23
N TRP A 1024 -12.13 -8.00 -14.56
CA TRP A 1024 -12.15 -7.55 -15.95
C TRP A 1024 -10.78 -7.67 -16.61
N TYR A 1025 -9.72 -7.72 -15.82
CA TYR A 1025 -8.36 -7.62 -16.32
C TYR A 1025 -7.71 -8.97 -16.57
N PHE A 1026 -8.48 -10.07 -16.46
CA PHE A 1026 -7.89 -11.38 -16.72
C PHE A 1026 -7.36 -11.49 -18.14
N THR A 1027 -8.12 -10.95 -19.10
CA THR A 1027 -7.63 -10.93 -20.48
C THR A 1027 -6.35 -10.13 -20.59
N GLU A 1028 -6.27 -9.00 -19.87
CA GLU A 1028 -5.05 -8.22 -19.82
C GLU A 1028 -3.95 -8.89 -19.00
N ASN A 1029 -4.29 -9.96 -18.27
CA ASN A 1029 -3.34 -10.63 -17.38
C ASN A 1029 -3.02 -12.04 -17.84
N VAL A 1030 -3.15 -12.32 -19.14
CA VAL A 1030 -2.65 -13.56 -19.71
C VAL A 1030 -1.25 -13.29 -20.26
N GLU A 1031 -0.72 -12.12 -19.91
CA GLU A 1031 0.56 -11.67 -20.47
C GLU A 1031 1.69 -12.62 -20.09
N ARG A 1032 1.73 -13.06 -18.83
CA ARG A 1032 2.78 -13.96 -18.39
C ARG A 1032 2.57 -15.34 -19.00
N ASN A 1033 3.67 -16.07 -19.15
CA ASN A 1033 3.63 -17.39 -19.77
C ASN A 1033 3.05 -18.40 -18.79
N CYS A 1034 1.95 -19.05 -19.19
CA CYS A 1034 1.31 -20.06 -18.37
C CYS A 1034 0.51 -21.04 -19.23
N THR A 1046 -3.30 -23.92 -16.84
CA THR A 1046 -4.14 -22.80 -17.24
C THR A 1046 -5.47 -22.85 -16.50
N LEU A 1047 -5.49 -22.28 -15.30
CA LEU A 1047 -6.69 -22.28 -14.46
C LEU A 1047 -6.57 -21.21 -13.40
N LYS A 1048 -7.69 -20.93 -12.74
CA LYS A 1048 -7.75 -19.86 -11.74
C LYS A 1048 -6.91 -20.18 -10.50
N GLU A 1049 -6.56 -21.45 -10.28
CA GLU A 1049 -5.76 -21.80 -9.12
C GLU A 1049 -4.40 -21.09 -9.16
N ASN A 1050 -3.83 -20.93 -10.34
CA ASN A 1050 -2.58 -20.19 -10.48
C ASN A 1050 -2.75 -18.70 -10.32
N TYR A 1051 -3.99 -18.19 -10.34
CA TYR A 1051 -4.27 -16.76 -10.25
C TYR A 1051 -5.09 -16.40 -9.02
N ARG A 1052 -5.04 -17.21 -7.97
CA ARG A 1052 -5.73 -16.94 -6.72
C ARG A 1052 -4.73 -16.36 -5.73
N PHE A 1053 -5.00 -15.15 -5.24
CA PHE A 1053 -4.13 -14.50 -4.27
C PHE A 1053 -4.93 -14.20 -3.02
N HIS A 1054 -4.60 -14.90 -1.94
CA HIS A 1054 -5.35 -14.81 -0.68
C HIS A 1054 -4.92 -13.56 0.07
N ALA A 1055 -5.39 -12.41 -0.38
CA ALA A 1055 -4.81 -11.17 0.07
C ALA A 1055 -5.48 -10.62 1.32
N ILE A 1056 -4.68 -9.90 2.10
CA ILE A 1056 -5.15 -8.95 3.10
C ILE A 1056 -4.78 -7.56 2.60
N ASN A 1057 -5.78 -6.74 2.29
CA ASN A 1057 -5.55 -5.43 1.69
C ASN A 1057 -4.63 -5.54 0.48
N GLY A 1058 -4.85 -6.55 -0.34
CA GLY A 1058 -4.11 -6.68 -1.59
C GLY A 1058 -2.69 -7.17 -1.47
N TYR A 1059 -2.29 -7.73 -0.33
CA TYR A 1059 -0.94 -8.25 -0.14
C TYR A 1059 -0.97 -9.58 0.61
N VAL A 1060 -0.15 -10.53 0.16
CA VAL A 1060 -0.22 -11.92 0.60
C VAL A 1060 1.00 -12.25 1.44
N MET A 1061 0.86 -12.16 2.77
CA MET A 1061 1.84 -12.62 3.76
C MET A 1061 3.24 -12.05 3.61
N ASP A 1062 3.82 -11.58 4.71
CA ASP A 1062 5.19 -11.09 4.74
C ASP A 1062 5.41 -9.97 3.73
N THR A 1063 4.35 -9.24 3.40
CA THR A 1063 4.43 -8.22 2.36
C THR A 1063 3.75 -6.91 2.71
N LEU A 1064 2.84 -6.88 3.69
CA LEU A 1064 2.05 -5.67 3.95
C LEU A 1064 2.79 -4.77 4.93
N PRO A 1065 3.29 -3.61 4.49
CA PRO A 1065 3.92 -2.67 5.42
C PRO A 1065 2.93 -1.65 5.96
N GLY A 1066 3.42 -0.65 6.67
CA GLY A 1066 2.59 0.41 7.19
C GLY A 1066 1.96 0.14 8.53
N LEU A 1067 2.01 -1.12 8.99
CA LEU A 1067 1.37 -1.51 10.24
C LEU A 1067 2.37 -1.31 11.36
N VAL A 1068 2.35 -0.12 11.96
CA VAL A 1068 3.16 0.21 13.12
C VAL A 1068 2.26 0.94 14.11
N MET A 1069 2.40 0.62 15.40
CA MET A 1069 1.48 1.20 16.38
C MET A 1069 2.17 1.33 17.72
N ALA A 1070 1.63 2.23 18.55
CA ALA A 1070 2.23 2.53 19.85
C ALA A 1070 1.70 1.59 20.91
N GLN A 1071 2.60 1.09 21.75
CA GLN A 1071 2.20 0.18 22.83
C GLN A 1071 1.44 0.91 23.93
N ASN A 1072 1.79 2.16 24.19
CA ASN A 1072 1.09 2.90 25.23
C ASN A 1072 -0.29 3.37 24.79
N GLN A 1073 -0.56 3.34 23.48
CA GLN A 1073 -1.77 3.93 22.92
C GLN A 1073 -2.70 2.84 22.43
N ARG A 1074 -3.97 2.91 22.85
CA ARG A 1074 -4.99 2.00 22.35
C ARG A 1074 -5.22 2.23 20.87
N ILE A 1075 -5.39 1.14 20.12
CA ILE A 1075 -5.48 1.22 18.66
C ILE A 1075 -6.74 0.50 18.19
N ARG A 1076 -7.13 0.81 16.95
CA ARG A 1076 -8.38 0.32 16.37
C ARG A 1076 -8.17 -0.13 14.93
N TRP A 1077 -8.75 -1.26 14.57
CA TRP A 1077 -8.69 -1.80 13.24
C TRP A 1077 -10.10 -1.88 12.67
N TYR A 1078 -10.17 -1.93 11.34
CA TYR A 1078 -11.42 -1.99 10.58
C TYR A 1078 -11.41 -3.28 9.76
N LEU A 1079 -12.07 -4.32 10.28
CA LEU A 1079 -12.03 -5.65 9.70
C LEU A 1079 -13.22 -5.86 8.78
N LEU A 1080 -12.93 -6.30 7.56
CA LEU A 1080 -13.96 -6.55 6.55
C LEU A 1080 -13.65 -7.83 5.80
N SER A 1081 -14.70 -8.46 5.29
CA SER A 1081 -14.61 -9.51 4.30
C SER A 1081 -15.57 -9.21 3.17
N MET A 1082 -15.09 -9.32 1.93
CA MET A 1082 -15.92 -9.11 0.76
C MET A 1082 -15.73 -10.27 -0.20
N GLY A 1083 -16.84 -10.89 -0.60
CA GLY A 1083 -16.77 -11.92 -1.62
C GLY A 1083 -17.62 -13.15 -1.40
N SER A 1084 -17.13 -14.28 -1.93
CA SER A 1084 -17.94 -15.46 -2.15
C SER A 1084 -18.20 -16.20 -0.84
N ASN A 1085 -18.76 -17.41 -0.98
CA ASN A 1085 -18.96 -18.30 0.14
C ASN A 1085 -17.64 -18.65 0.83
N GLU A 1086 -16.54 -18.66 0.07
CA GLU A 1086 -15.24 -18.99 0.64
C GLU A 1086 -14.81 -18.02 1.73
N ASN A 1087 -15.42 -16.83 1.78
CA ASN A 1087 -14.89 -15.72 2.59
C ASN A 1087 -15.40 -15.86 4.02
N ILE A 1088 -14.88 -16.87 4.70
CA ILE A 1088 -15.12 -17.10 6.12
C ILE A 1088 -13.82 -16.93 6.93
N HIS A 1089 -12.84 -16.22 6.37
CA HIS A 1089 -11.54 -16.05 7.02
C HIS A 1089 -11.69 -15.57 8.46
N SER A 1090 -11.19 -16.35 9.40
CA SER A 1090 -11.22 -16.00 10.80
C SER A 1090 -9.98 -15.18 11.15
N ILE A 1091 -10.08 -14.37 12.21
CA ILE A 1091 -9.04 -13.44 12.61
C ILE A 1091 -8.68 -13.67 14.06
N HIS A 1092 -7.40 -13.82 14.35
CA HIS A 1092 -6.94 -14.12 15.69
C HIS A 1092 -5.95 -13.05 16.15
N PHE A 1093 -6.19 -12.49 17.32
CA PHE A 1093 -5.37 -11.41 17.86
C PHE A 1093 -4.22 -12.11 18.58
N SER A 1094 -3.08 -12.25 17.89
CA SER A 1094 -1.98 -13.08 18.37
C SER A 1094 -1.32 -12.40 19.57
N GLY A 1095 -1.63 -12.89 20.76
CA GLY A 1095 -1.11 -12.32 21.99
C GLY A 1095 -1.96 -11.23 22.62
N HIS A 1096 -3.13 -10.93 22.05
CA HIS A 1096 -3.98 -9.88 22.59
C HIS A 1096 -5.43 -10.33 22.61
N VAL A 1097 -6.19 -9.70 23.52
CA VAL A 1097 -7.58 -10.05 23.76
C VAL A 1097 -8.27 -8.81 24.31
N PHE A 1098 -9.50 -8.58 23.87
CA PHE A 1098 -10.12 -7.29 24.16
C PHE A 1098 -11.57 -7.50 24.60
N SER A 1099 -12.29 -6.39 24.75
CA SER A 1099 -13.67 -6.38 25.21
C SER A 1099 -14.55 -5.75 24.13
N VAL A 1100 -15.55 -6.50 23.68
CA VAL A 1100 -16.60 -5.94 22.82
C VAL A 1100 -17.58 -5.16 23.68
N ARG A 1101 -18.19 -4.14 23.06
CA ARG A 1101 -19.06 -3.20 23.76
C ARG A 1101 -20.50 -3.22 23.28
N LYS A 1102 -20.88 -4.19 22.45
CA LYS A 1102 -22.26 -4.27 21.99
C LYS A 1102 -23.20 -4.55 23.16
N LYS A 1103 -24.27 -3.75 23.26
CA LYS A 1103 -25.25 -3.85 24.34
C LYS A 1103 -24.60 -3.57 25.69
N GLU A 1104 -23.74 -4.48 26.15
CA GLU A 1104 -23.01 -4.32 27.39
C GLU A 1104 -21.56 -4.72 27.16
N GLU A 1105 -20.81 -4.82 28.26
CA GLU A 1105 -19.39 -5.15 28.19
C GLU A 1105 -19.20 -6.66 28.18
N TYR A 1106 -18.61 -7.17 27.12
CA TYR A 1106 -18.23 -8.58 27.01
C TYR A 1106 -16.78 -8.63 26.52
N LYS A 1107 -16.22 -9.83 26.45
CA LYS A 1107 -14.83 -9.97 26.01
C LYS A 1107 -14.70 -11.05 24.94
N MET A 1108 -13.64 -10.94 24.14
CA MET A 1108 -13.47 -11.79 22.97
C MET A 1108 -12.01 -11.76 22.54
N ALA A 1109 -11.61 -12.81 21.81
CA ALA A 1109 -10.26 -12.87 21.27
C ALA A 1109 -10.12 -13.57 19.93
N VAL A 1110 -11.21 -13.99 19.28
CA VAL A 1110 -11.16 -14.45 17.90
C VAL A 1110 -12.44 -14.02 17.20
N TYR A 1111 -12.28 -13.45 16.00
CA TYR A 1111 -13.40 -12.85 15.28
C TYR A 1111 -13.63 -13.53 13.94
N ASN A 1112 -14.88 -13.52 13.50
CA ASN A 1112 -15.26 -14.04 12.20
C ASN A 1112 -15.36 -12.87 11.23
N LEU A 1113 -15.55 -13.19 9.96
CA LEU A 1113 -15.81 -12.19 8.93
C LEU A 1113 -16.89 -12.72 7.99
N TYR A 1114 -18.12 -12.33 8.25
CA TYR A 1114 -19.21 -12.60 7.34
C TYR A 1114 -19.20 -11.57 6.21
N PRO A 1115 -19.25 -11.99 4.95
CA PRO A 1115 -19.05 -11.02 3.85
C PRO A 1115 -19.98 -9.84 3.96
N GLY A 1116 -19.44 -8.65 3.73
CA GLY A 1116 -20.18 -7.42 3.74
C GLY A 1116 -20.16 -6.68 5.06
N VAL A 1117 -19.82 -7.34 6.15
CA VAL A 1117 -19.85 -6.73 7.46
C VAL A 1117 -18.52 -6.02 7.70
N PHE A 1118 -18.59 -4.71 7.89
CA PHE A 1118 -17.45 -3.88 8.24
C PHE A 1118 -17.51 -3.63 9.74
N GLU A 1119 -16.49 -4.07 10.48
CA GLU A 1119 -16.57 -4.02 11.94
C GLU A 1119 -15.29 -3.46 12.55
N THR A 1120 -15.47 -2.77 13.67
CA THR A 1120 -14.39 -2.10 14.37
C THR A 1120 -13.91 -2.96 15.54
N VAL A 1121 -12.59 -3.18 15.60
CA VAL A 1121 -12.00 -4.03 16.62
C VAL A 1121 -10.81 -3.31 17.23
N GLU A 1122 -10.33 -3.82 18.36
CA GLU A 1122 -9.24 -3.22 19.10
C GLU A 1122 -8.36 -4.33 19.67
N MET A 1123 -7.04 -4.13 19.64
CA MET A 1123 -6.15 -5.05 20.36
C MET A 1123 -4.92 -4.27 20.82
N LEU A 1124 -5.00 -3.75 22.04
CA LEU A 1124 -3.94 -2.88 22.54
C LEU A 1124 -2.66 -3.69 22.71
N PRO A 1125 -1.58 -3.33 22.04
CA PRO A 1125 -0.37 -4.17 22.04
C PRO A 1125 0.57 -3.86 23.20
N SER A 1126 0.18 -4.34 24.38
CA SER A 1126 1.01 -4.13 25.56
C SER A 1126 2.34 -4.87 25.45
N LYS A 1127 2.35 -5.99 24.74
CA LYS A 1127 3.57 -6.77 24.55
C LYS A 1127 4.26 -6.29 23.28
N VAL A 1128 5.50 -5.82 23.43
CA VAL A 1128 6.21 -5.18 22.34
C VAL A 1128 6.90 -6.24 21.49
N GLY A 1129 7.38 -5.83 20.33
CA GLY A 1129 8.01 -6.74 19.37
C GLY A 1129 7.06 -7.09 18.24
N ILE A 1130 7.63 -7.78 17.25
CA ILE A 1130 6.83 -8.22 16.12
C ILE A 1130 5.72 -9.17 16.62
N TRP A 1131 4.68 -9.30 15.83
CA TRP A 1131 3.60 -10.27 16.09
C TRP A 1131 3.14 -10.85 14.77
N ARG A 1132 1.91 -11.37 14.76
CA ARG A 1132 1.20 -11.77 13.55
C ARG A 1132 -0.27 -11.41 13.74
N ILE A 1133 -0.93 -10.96 12.65
CA ILE A 1133 -2.38 -10.77 12.67
C ILE A 1133 -2.98 -12.00 12.01
N GLU A 1134 -3.56 -12.87 12.83
CA GLU A 1134 -3.70 -14.27 12.49
C GLU A 1134 -5.03 -14.57 11.81
N CYS A 1135 -4.97 -15.33 10.72
CA CYS A 1135 -6.15 -15.90 10.08
C CYS A 1135 -6.16 -17.40 10.34
N LEU A 1136 -7.22 -17.89 10.98
CA LEU A 1136 -7.20 -19.21 11.59
C LEU A 1136 -7.35 -20.33 10.57
N ILE A 1137 -8.12 -20.11 9.51
CA ILE A 1137 -8.49 -21.21 8.61
C ILE A 1137 -7.23 -21.74 7.94
N GLY A 1138 -6.96 -23.02 8.13
CA GLY A 1138 -5.66 -23.57 7.79
C GLY A 1138 -5.34 -23.50 6.31
N GLU A 1139 -6.34 -23.72 5.45
CA GLU A 1139 -6.08 -23.58 4.04
C GLU A 1139 -5.71 -22.14 3.69
N HIS A 1140 -6.39 -21.16 4.30
CA HIS A 1140 -6.07 -19.77 4.01
C HIS A 1140 -4.72 -19.39 4.62
N LEU A 1141 -4.50 -19.77 5.88
CA LEU A 1141 -3.29 -19.34 6.56
C LEU A 1141 -2.05 -19.84 5.84
N GLN A 1142 -2.10 -21.08 5.33
CA GLN A 1142 -1.01 -21.53 4.47
C GLN A 1142 -1.04 -20.87 3.10
N ALA A 1143 -2.10 -20.15 2.77
CA ALA A 1143 -2.18 -19.42 1.51
C ALA A 1143 -1.81 -17.95 1.66
N GLY A 1144 -1.94 -17.37 2.85
CA GLY A 1144 -1.39 -16.05 3.08
C GLY A 1144 -2.28 -14.97 3.66
N MET A 1145 -3.41 -15.30 4.27
CA MET A 1145 -4.21 -14.27 4.94
C MET A 1145 -3.59 -13.75 6.22
N SER A 1146 -2.30 -13.92 6.45
CA SER A 1146 -1.71 -13.27 7.61
C SER A 1146 -0.35 -12.71 7.26
N THR A 1147 -0.07 -11.52 7.76
CA THR A 1147 1.22 -10.89 7.53
C THR A 1147 1.52 -9.95 8.69
N THR A 1148 2.81 -9.81 8.99
CA THR A 1148 3.27 -9.37 10.30
C THR A 1148 2.80 -7.95 10.62
N PHE A 1149 2.87 -7.61 11.90
CA PHE A 1149 2.68 -6.23 12.36
C PHE A 1149 3.50 -6.02 13.63
N LEU A 1150 4.09 -4.84 13.76
CA LEU A 1150 5.08 -4.56 14.81
C LEU A 1150 4.63 -3.41 15.69
N VAL A 1151 4.73 -3.59 17.00
CA VAL A 1151 4.52 -2.54 17.97
C VAL A 1151 5.83 -2.31 18.71
N TYR A 1152 6.27 -1.05 18.77
CA TYR A 1152 7.55 -0.70 19.37
C TYR A 1152 7.33 -0.19 20.79
N SER A 1153 8.41 0.29 21.39
CA SER A 1153 8.39 0.88 22.72
C SER A 1153 8.83 2.33 22.64
N LYS A 1154 8.09 3.20 23.31
CA LYS A 1154 8.47 4.60 23.39
C LYS A 1154 9.54 4.87 24.43
N LYS A 1155 9.95 3.86 25.19
CA LYS A 1155 10.98 4.08 26.20
C LYS A 1155 12.36 4.21 25.58
N CYS A 1156 12.63 3.46 24.50
CA CYS A 1156 13.96 3.41 23.93
C CYS A 1156 14.04 4.34 22.72
N GLN A 1157 15.00 5.27 22.75
CA GLN A 1157 15.29 6.14 21.61
C GLN A 1157 16.78 6.42 21.46
N THR A 1158 17.65 5.54 21.94
CA THR A 1158 19.06 5.86 22.04
C THR A 1158 19.68 6.05 20.65
N PRO A 1159 20.69 6.91 20.53
CA PRO A 1159 21.31 7.15 19.22
C PRO A 1159 21.88 5.87 18.63
N LEU A 1160 21.68 5.71 17.32
CA LEU A 1160 22.21 4.55 16.62
C LEU A 1160 23.71 4.55 16.60
N GLY A 1161 24.35 5.66 16.94
CA GLY A 1161 25.77 5.65 17.22
C GLY A 1161 26.70 6.06 16.10
N MET A 1162 26.32 7.08 15.32
CA MET A 1162 27.24 7.64 14.34
C MET A 1162 28.42 8.29 15.04
N ALA A 1163 28.16 9.00 16.14
CA ALA A 1163 29.24 9.60 16.92
C ALA A 1163 30.06 8.57 17.66
N SER A 1164 29.44 7.46 18.06
CA SER A 1164 30.17 6.43 18.80
C SER A 1164 31.16 5.68 17.94
N GLY A 1165 31.16 5.90 16.63
CA GLY A 1165 31.99 5.14 15.72
C GLY A 1165 31.43 3.77 15.39
N HIS A 1166 30.30 3.39 15.99
CA HIS A 1166 29.71 2.09 15.74
C HIS A 1166 29.34 1.93 14.27
N ILE A 1167 28.76 2.97 13.68
CA ILE A 1167 28.54 3.00 12.24
C ILE A 1167 29.83 3.49 11.61
N ARG A 1168 30.60 2.56 11.07
CA ARG A 1168 31.93 2.86 10.56
C ARG A 1168 31.85 3.86 9.41
N ASP A 1169 33.01 4.43 9.07
CA ASP A 1169 33.04 5.53 8.12
C ASP A 1169 32.74 5.09 6.70
N PHE A 1170 32.98 3.83 6.37
CA PHE A 1170 32.77 3.37 5.00
C PHE A 1170 31.29 3.32 4.62
N GLN A 1171 30.40 3.13 5.60
CA GLN A 1171 28.99 2.96 5.29
C GLN A 1171 28.40 4.18 4.62
N ILE A 1172 28.60 5.36 5.22
CA ILE A 1172 28.01 6.58 4.67
C ILE A 1172 28.63 6.85 3.30
N THR A 1173 27.79 7.26 2.35
CA THR A 1173 28.27 7.50 1.01
C THR A 1173 27.47 8.63 0.37
N ALA A 1174 28.16 9.41 -0.47
CA ALA A 1174 27.56 10.47 -1.27
C ALA A 1174 28.50 10.73 -2.44
N SER A 1175 28.34 11.87 -3.10
CA SER A 1175 29.15 12.20 -4.27
C SER A 1175 29.69 13.62 -4.18
N GLY A 1176 30.89 13.83 -4.73
CA GLY A 1176 31.46 15.16 -4.86
C GLY A 1176 32.42 15.61 -3.78
N GLN A 1177 33.46 14.82 -3.52
CA GLN A 1177 34.43 15.19 -2.49
C GLN A 1177 35.34 16.32 -2.96
N TYR A 1178 36.16 16.04 -3.98
CA TYR A 1178 36.90 17.03 -4.78
C TYR A 1178 37.87 17.88 -3.98
N GLY A 1179 37.85 17.76 -2.66
CA GLY A 1179 38.66 18.61 -1.81
C GLY A 1179 39.11 17.85 -0.58
N GLN A 1180 39.27 16.54 -0.75
CA GLN A 1180 39.44 15.57 0.32
C GLN A 1180 38.28 15.61 1.29
N TRP A 1181 37.20 16.30 0.93
CA TRP A 1181 36.00 16.38 1.76
C TRP A 1181 35.17 15.11 1.63
N ALA A 1182 35.53 14.09 2.39
CA ALA A 1182 34.72 12.89 2.41
C ALA A 1182 33.46 13.12 3.25
N PRO A 1183 32.37 12.41 2.95
CA PRO A 1183 31.21 12.44 3.84
C PRO A 1183 31.42 11.64 5.11
N LYS A 1184 32.45 10.80 5.16
CA LYS A 1184 32.69 9.85 6.23
C LYS A 1184 32.94 10.52 7.57
N LEU A 1185 32.98 11.85 7.59
CA LEU A 1185 33.19 12.61 8.81
C LEU A 1185 31.99 13.51 9.09
N ALA A 1186 30.79 13.02 8.79
CA ALA A 1186 29.57 13.76 9.03
C ALA A 1186 28.95 13.44 10.39
N ARG A 1187 29.78 13.17 11.39
CA ARG A 1187 29.30 12.76 12.71
C ARG A 1187 29.15 13.97 13.63
N LEU A 1188 28.19 13.88 14.54
CA LEU A 1188 27.84 15.01 15.38
C LEU A 1188 28.86 15.21 16.49
N HIS A 1189 29.02 16.47 16.90
CA HIS A 1189 30.03 16.94 17.84
C HIS A 1189 31.46 16.81 17.33
N TYR A 1190 31.64 16.35 16.10
CA TYR A 1190 32.96 16.32 15.50
C TYR A 1190 33.50 17.73 15.38
N SER A 1191 34.78 17.91 15.67
CA SER A 1191 35.44 19.21 15.57
C SER A 1191 36.85 19.02 15.04
N GLY A 1192 37.39 20.10 14.46
CA GLY A 1192 38.76 20.10 13.99
C GLY A 1192 38.93 20.22 12.49
N SER A 1193 39.28 21.43 12.02
CA SER A 1193 39.54 21.70 10.61
C SER A 1193 38.36 21.32 9.72
N ILE A 1194 38.55 20.33 8.85
CA ILE A 1194 37.52 19.89 7.94
C ILE A 1194 36.77 18.76 8.64
N ASN A 1195 35.56 19.05 9.13
CA ASN A 1195 34.91 18.15 10.07
C ASN A 1195 33.45 17.84 9.72
N ALA A 1196 33.07 17.88 8.45
CA ALA A 1196 31.67 17.66 8.12
C ALA A 1196 31.54 17.22 6.67
N TRP A 1197 30.29 16.98 6.27
CA TRP A 1197 29.95 16.61 4.90
C TRP A 1197 29.59 17.89 4.14
N SER A 1198 30.36 18.22 3.12
CA SER A 1198 30.16 19.44 2.37
C SER A 1198 30.15 19.18 0.89
N THR A 1199 29.17 19.77 0.22
CA THR A 1199 29.15 19.90 -1.23
C THR A 1199 28.62 21.28 -1.59
N LYS A 1200 29.06 21.79 -2.73
CA LYS A 1200 28.58 23.06 -3.24
C LYS A 1200 27.37 22.91 -4.15
N GLU A 1201 27.19 21.73 -4.74
CA GLU A 1201 26.03 21.49 -5.59
C GLU A 1201 24.76 21.48 -4.74
N PRO A 1202 23.71 22.20 -5.13
CA PRO A 1202 22.48 22.20 -4.33
C PRO A 1202 21.81 20.85 -4.22
N PHE A 1203 22.14 19.89 -5.10
CA PHE A 1203 21.49 18.59 -5.12
C PHE A 1203 22.46 17.55 -4.56
N SER A 1204 22.18 17.07 -3.35
CA SER A 1204 23.08 16.15 -2.65
C SER A 1204 22.26 15.07 -1.97
N TRP A 1205 22.91 13.92 -1.73
CA TRP A 1205 22.21 12.76 -1.17
C TRP A 1205 23.17 11.97 -0.29
N ILE A 1206 23.01 12.11 1.03
CA ILE A 1206 23.87 11.48 2.03
C ILE A 1206 23.20 10.21 2.52
N LYS A 1207 23.89 9.07 2.40
CA LYS A 1207 23.27 7.75 2.55
C LYS A 1207 23.79 7.09 3.82
N VAL A 1208 22.98 7.10 4.87
CA VAL A 1208 23.36 6.49 6.16
C VAL A 1208 23.05 5.01 6.03
N ASP A 1209 23.94 4.29 5.35
CA ASP A 1209 23.71 2.89 5.04
C ASP A 1209 23.76 2.07 6.33
N LEU A 1210 22.61 1.91 6.99
CA LEU A 1210 22.60 1.27 8.30
C LEU A 1210 22.92 -0.21 8.22
N LEU A 1211 22.47 -0.89 7.16
CA LEU A 1211 22.66 -2.32 6.94
C LEU A 1211 21.86 -3.21 7.89
N ALA A 1212 20.96 -2.65 8.69
CA ALA A 1212 20.15 -3.46 9.60
C ALA A 1212 18.86 -2.73 9.91
N PRO A 1213 17.71 -3.18 9.41
CA PRO A 1213 16.47 -2.42 9.56
C PRO A 1213 16.12 -2.19 11.01
N MET A 1214 16.05 -0.92 11.41
CA MET A 1214 15.61 -0.61 12.76
C MET A 1214 14.65 0.56 12.80
N ILE A 1215 14.19 0.83 14.02
CA ILE A 1215 13.17 1.82 14.28
C ILE A 1215 13.85 3.16 14.50
N ILE A 1216 13.70 4.06 13.55
CA ILE A 1216 14.32 5.37 13.58
C ILE A 1216 13.32 6.34 14.21
N HIS A 1217 13.64 6.85 15.39
CA HIS A 1217 12.76 7.71 16.15
C HIS A 1217 12.98 9.19 15.89
N GLY A 1218 14.13 9.57 15.33
CA GLY A 1218 14.38 10.98 15.09
C GLY A 1218 15.76 11.21 14.51
N ILE A 1219 16.06 12.47 14.25
CA ILE A 1219 17.33 12.88 13.69
C ILE A 1219 17.84 14.09 14.46
N LYS A 1220 19.14 14.13 14.68
CA LYS A 1220 19.79 15.24 15.37
C LYS A 1220 21.06 15.61 14.63
N THR A 1221 21.23 16.88 14.32
CA THR A 1221 22.37 17.32 13.55
C THR A 1221 22.65 18.78 13.85
N GLN A 1222 23.87 19.20 13.54
CA GLN A 1222 24.29 20.58 13.68
C GLN A 1222 25.00 21.02 12.41
N GLY A 1223 25.33 22.30 12.35
CA GLY A 1223 26.05 22.87 11.22
C GLY A 1223 27.55 22.78 11.40
N ALA A 1224 28.27 23.56 10.61
CA ALA A 1224 29.72 23.53 10.59
C ALA A 1224 30.26 24.94 10.44
N ARG A 1225 31.51 25.12 10.84
CA ARG A 1225 32.21 26.39 10.69
C ARG A 1225 33.51 26.14 9.94
N GLN A 1226 33.74 26.90 8.88
CA GLN A 1226 34.97 26.83 8.11
C GLN A 1226 35.56 28.22 8.02
N LYS A 1227 36.83 28.35 8.41
CA LYS A 1227 37.44 29.66 8.63
C LYS A 1227 36.60 30.46 9.59
N PHE A 1228 35.83 31.42 9.07
CA PHE A 1228 34.85 32.15 9.85
C PHE A 1228 33.43 31.96 9.35
N SER A 1229 33.24 31.44 8.14
CA SER A 1229 31.92 31.21 7.60
C SER A 1229 31.21 30.09 8.36
N SER A 1230 29.89 30.23 8.45
CA SER A 1230 29.01 29.20 9.01
C SER A 1230 28.22 28.57 7.87
N LEU A 1231 28.23 27.25 7.81
CA LEU A 1231 27.57 26.50 6.75
C LEU A 1231 26.64 25.47 7.38
N TYR A 1232 25.47 25.30 6.80
CA TYR A 1232 24.49 24.36 7.34
C TYR A 1232 23.42 24.13 6.28
N ILE A 1233 22.34 23.47 6.68
CA ILE A 1233 21.18 23.22 5.82
C ILE A 1233 19.95 23.71 6.56
N SER A 1234 19.22 24.64 5.94
CA SER A 1234 18.10 25.28 6.62
C SER A 1234 16.81 24.47 6.53
N GLN A 1235 16.58 23.77 5.43
CA GLN A 1235 15.36 22.99 5.26
C GLN A 1235 15.69 21.74 4.48
N PHE A 1236 15.09 20.61 4.86
CA PHE A 1236 15.37 19.37 4.15
C PHE A 1236 14.21 18.40 4.31
N ILE A 1237 14.21 17.40 3.42
CA ILE A 1237 13.28 16.29 3.46
C ILE A 1237 14.10 15.02 3.70
N ILE A 1238 13.42 13.97 4.15
CA ILE A 1238 14.10 12.73 4.51
C ILE A 1238 13.54 11.61 3.65
N MET A 1239 14.39 10.65 3.29
CA MET A 1239 14.01 9.51 2.48
C MET A 1239 14.48 8.24 3.17
N TYR A 1240 13.54 7.36 3.52
CA TYR A 1240 13.88 6.15 4.26
C TYR A 1240 13.47 4.92 3.49
N SER A 1241 14.33 3.91 3.53
CA SER A 1241 14.15 2.72 2.73
C SER A 1241 14.62 1.50 3.49
N LEU A 1242 13.99 0.36 3.21
CA LEU A 1242 14.38 -0.91 3.78
C LEU A 1242 15.13 -1.79 2.81
N ASP A 1243 14.94 -1.59 1.50
CA ASP A 1243 15.55 -2.44 0.49
C ASP A 1243 16.53 -1.70 -0.41
N GLY A 1244 16.50 -0.38 -0.44
CA GLY A 1244 17.38 0.35 -1.31
C GLY A 1244 16.89 0.53 -2.73
N LYS A 1245 15.70 0.03 -3.06
CA LYS A 1245 15.08 0.29 -4.35
C LYS A 1245 13.80 1.11 -4.19
N LYS A 1246 12.83 0.62 -3.43
CA LYS A 1246 11.68 1.44 -3.05
C LYS A 1246 12.14 2.45 -2.01
N TRP A 1247 11.72 3.70 -2.18
CA TRP A 1247 12.23 4.75 -1.31
C TRP A 1247 11.13 5.79 -1.15
N GLN A 1248 10.65 5.96 0.07
CA GLN A 1248 9.49 6.79 0.36
C GLN A 1248 9.85 7.91 1.31
N THR A 1249 9.43 9.12 0.95
CA THR A 1249 9.67 10.27 1.80
C THR A 1249 8.66 10.28 2.94
N TYR A 1250 9.14 10.61 4.13
CA TYR A 1250 8.29 10.75 5.30
C TYR A 1250 7.18 11.75 5.04
N ARG A 1251 5.93 11.27 5.06
CA ARG A 1251 4.75 12.10 4.85
C ARG A 1251 3.87 12.18 6.08
N GLY A 1252 4.41 11.85 7.25
CA GLY A 1252 3.60 11.70 8.45
C GLY A 1252 2.95 13.00 8.88
N ASN A 1253 2.13 12.87 9.93
CA ASN A 1253 1.41 13.98 10.55
C ASN A 1253 0.43 14.65 9.60
N SER A 1254 0.19 14.07 8.43
CA SER A 1254 -0.82 14.54 7.48
C SER A 1254 -0.58 16.01 7.17
N THR A 1255 -1.67 16.77 6.96
CA THR A 1255 -1.67 18.20 6.64
C THR A 1255 -0.57 18.60 5.66
N GLY A 1256 -0.34 17.78 4.64
CA GLY A 1256 0.66 18.08 3.64
C GLY A 1256 1.08 16.88 2.81
N THR A 1257 1.61 17.14 1.61
CA THR A 1257 2.08 16.04 0.76
C THR A 1257 3.23 15.28 1.40
N LEU A 1258 4.21 16.00 1.93
CA LEU A 1258 5.33 15.40 2.65
C LEU A 1258 5.85 16.44 3.63
N MET A 1259 6.69 15.99 4.56
CA MET A 1259 7.19 16.88 5.59
C MET A 1259 8.51 17.49 5.16
N VAL A 1260 8.58 18.82 5.24
CA VAL A 1260 9.80 19.57 4.97
C VAL A 1260 10.40 19.93 6.32
N PHE A 1261 11.48 19.24 6.69
CA PHE A 1261 12.03 19.36 8.03
C PHE A 1261 12.64 20.74 8.23
N PHE A 1262 12.35 21.33 9.38
CA PHE A 1262 13.00 22.59 9.77
C PHE A 1262 14.44 22.28 10.13
N GLY A 1263 15.37 22.62 9.26
CA GLY A 1263 16.77 22.34 9.47
C GLY A 1263 17.39 23.23 10.53
N ASN A 1264 18.71 23.38 10.46
CA ASN A 1264 19.43 24.20 11.42
C ASN A 1264 19.89 25.50 10.77
N VAL A 1265 19.96 26.55 11.61
CA VAL A 1265 20.37 27.88 11.19
C VAL A 1265 21.65 28.34 11.84
N ASP A 1266 22.21 27.55 12.75
CA ASP A 1266 23.46 27.89 13.42
C ASP A 1266 24.18 26.61 13.80
N SER A 1267 25.51 26.70 13.88
CA SER A 1267 26.32 25.52 14.14
C SER A 1267 26.19 25.01 15.57
N SER A 1268 25.59 25.78 16.48
CA SER A 1268 25.48 25.40 17.89
C SER A 1268 24.03 25.34 18.36
N GLY A 1269 23.09 25.13 17.44
CA GLY A 1269 21.68 25.13 17.82
C GLY A 1269 21.26 23.88 18.55
N ILE A 1270 20.23 24.05 19.38
CA ILE A 1270 19.62 22.94 20.13
C ILE A 1270 18.39 22.52 19.33
N LYS A 1271 18.51 21.43 18.58
CA LYS A 1271 17.44 20.98 17.69
C LYS A 1271 16.82 19.72 18.26
N HIS A 1272 15.57 19.83 18.73
CA HIS A 1272 14.83 18.71 19.31
C HIS A 1272 13.87 18.17 18.26
N ASN A 1273 14.40 17.36 17.34
CA ASN A 1273 13.59 16.73 16.31
C ASN A 1273 13.08 15.38 16.77
N ILE A 1274 11.80 15.12 16.50
CA ILE A 1274 11.16 13.83 16.77
C ILE A 1274 10.37 13.43 15.54
N PHE A 1275 10.00 12.15 15.48
CA PHE A 1275 9.11 11.63 14.46
C PHE A 1275 7.82 11.19 15.13
N ASN A 1276 6.69 11.72 14.67
CA ASN A 1276 5.42 11.28 15.22
C ASN A 1276 5.17 9.83 14.79
N PRO A 1277 5.08 9.52 13.50
CA PRO A 1277 5.19 8.13 13.09
C PRO A 1277 6.65 7.77 12.85
N PRO A 1278 7.24 6.95 13.71
CA PRO A 1278 8.68 6.70 13.59
C PRO A 1278 9.00 5.87 12.37
N ILE A 1279 10.06 6.28 11.67
CA ILE A 1279 10.46 5.55 10.48
C ILE A 1279 10.83 4.13 10.88
N ILE A 1280 10.61 3.19 9.97
CA ILE A 1280 11.14 1.85 10.13
C ILE A 1280 11.92 1.52 8.87
N ALA A 1281 13.24 1.55 8.96
CA ALA A 1281 14.05 1.39 7.75
C ALA A 1281 15.52 1.19 8.12
N ARG A 1282 16.33 1.03 7.08
CA ARG A 1282 17.77 0.85 7.23
C ARG A 1282 18.57 1.78 6.33
N TYR A 1283 17.92 2.67 5.60
CA TYR A 1283 18.58 3.82 4.98
C TYR A 1283 17.74 5.04 5.32
N ILE A 1284 18.33 5.99 6.02
CA ILE A 1284 17.67 7.25 6.27
C ILE A 1284 18.59 8.33 5.70
N ARG A 1285 18.18 8.90 4.57
CA ARG A 1285 19.02 9.74 3.74
C ARG A 1285 18.42 11.14 3.68
N LEU A 1286 19.29 12.15 3.73
CA LEU A 1286 18.88 13.53 3.92
C LEU A 1286 19.01 14.26 2.59
N HIS A 1287 17.87 14.75 2.07
CA HIS A 1287 17.87 15.54 0.85
C HIS A 1287 17.63 16.99 1.22
N PRO A 1288 18.61 17.88 1.04
CA PRO A 1288 18.42 19.29 1.43
C PRO A 1288 17.71 20.09 0.36
N THR A 1289 16.94 21.08 0.82
CA THR A 1289 16.21 21.97 -0.06
C THR A 1289 16.76 23.39 -0.04
N HIS A 1290 16.82 24.03 1.13
CA HIS A 1290 17.28 25.40 1.27
C HIS A 1290 18.48 25.44 2.19
N TYR A 1291 19.56 26.05 1.73
CA TYR A 1291 20.79 26.07 2.52
C TYR A 1291 21.56 27.35 2.22
N SER A 1292 22.59 27.58 3.03
CA SER A 1292 23.41 28.79 2.96
C SER A 1292 24.81 28.43 2.48
N ILE A 1293 25.32 29.22 1.53
CA ILE A 1293 26.61 29.00 0.88
C ILE A 1293 26.68 27.59 0.30
N ARG A 1294 26.99 26.62 1.15
CA ARG A 1294 27.13 25.23 0.72
C ARG A 1294 26.46 24.33 1.75
N SER A 1295 26.45 23.04 1.46
CA SER A 1295 25.99 22.04 2.40
C SER A 1295 27.20 21.53 3.19
N THR A 1296 27.21 21.73 4.50
CA THR A 1296 28.28 21.22 5.36
C THR A 1296 27.64 20.86 6.70
N LEU A 1297 27.38 19.58 6.89
CA LEU A 1297 26.55 19.11 7.99
C LEU A 1297 27.17 17.89 8.67
N ARG A 1298 26.76 17.68 9.92
CA ARG A 1298 27.17 16.55 10.75
C ARG A 1298 25.91 16.01 11.42
N MET A 1299 25.60 14.73 11.20
CA MET A 1299 24.30 14.21 11.59
C MET A 1299 24.39 12.91 12.39
N GLU A 1300 23.43 12.72 13.29
CA GLU A 1300 23.40 11.62 14.24
C GLU A 1300 21.97 11.14 14.43
N LEU A 1301 21.72 9.87 14.15
CA LEU A 1301 20.38 9.29 14.23
C LEU A 1301 20.02 8.96 15.66
N MET A 1302 18.72 9.04 15.97
CA MET A 1302 18.17 8.49 17.20
C MET A 1302 17.26 7.33 16.82
N GLY A 1303 17.48 6.17 17.43
CA GLY A 1303 16.73 5.01 17.05
C GLY A 1303 16.69 3.94 18.11
N CYS A 1304 16.39 2.72 17.66
CA CYS A 1304 16.28 1.54 18.51
C CYS A 1304 16.25 0.33 17.61
N ASP A 1305 16.58 -0.83 18.18
CA ASP A 1305 16.51 -2.06 17.41
C ASP A 1305 15.06 -2.47 17.19
N LEU A 1306 14.85 -3.39 16.25
CA LEU A 1306 13.50 -3.66 15.77
C LEU A 1306 12.59 -4.14 16.89
N ASN A 1307 13.13 -4.82 17.89
CA ASN A 1307 12.34 -5.39 18.97
C ASN A 1307 12.12 -4.43 20.12
N SER A 1308 12.79 -3.28 20.14
CA SER A 1308 12.57 -2.25 21.14
C SER A 1308 12.88 -2.75 22.54
N CYS A 1309 14.14 -3.16 22.74
CA CYS A 1309 14.61 -3.65 24.03
C CYS A 1309 15.91 -2.99 24.48
N SER A 1310 16.75 -2.57 23.54
CA SER A 1310 18.09 -2.07 23.83
C SER A 1310 17.99 -0.69 24.46
N MET A 1311 18.11 -0.63 25.78
CA MET A 1311 17.99 0.60 26.54
C MET A 1311 18.62 0.38 27.91
N PRO A 1312 19.44 1.32 28.40
CA PRO A 1312 19.96 1.18 29.76
C PRO A 1312 18.85 1.10 30.79
N LEU A 1313 19.01 0.19 31.74
CA LEU A 1313 18.06 0.02 32.82
C LEU A 1313 18.19 1.10 33.88
N GLY A 1314 19.41 1.58 34.12
CA GLY A 1314 19.64 2.57 35.16
C GLY A 1314 20.80 2.25 36.07
N MET A 1315 21.76 1.44 35.60
CA MET A 1315 22.98 1.23 36.37
C MET A 1315 23.74 2.52 36.51
N GLU A 1316 23.77 3.34 35.46
CA GLU A 1316 24.39 4.66 35.54
C GLU A 1316 23.71 5.50 36.61
N SER A 1317 22.39 5.43 36.70
CA SER A 1317 21.66 6.12 37.76
C SER A 1317 21.63 5.25 39.01
N LYS A 1318 20.83 5.68 39.99
CA LYS A 1318 20.71 4.98 41.26
C LYS A 1318 19.59 3.94 41.26
N ALA A 1319 19.14 3.51 40.07
CA ALA A 1319 18.15 2.45 40.00
C ALA A 1319 18.65 1.18 40.68
N ILE A 1320 19.97 1.01 40.73
CA ILE A 1320 20.60 -0.10 41.44
C ILE A 1320 21.12 0.47 42.75
N SER A 1321 20.71 -0.12 43.87
CA SER A 1321 21.20 0.36 45.15
C SER A 1321 22.71 0.10 45.27
N ASP A 1322 23.38 0.98 46.01
CA ASP A 1322 24.82 0.88 46.15
C ASP A 1322 25.23 -0.45 46.78
N ALA A 1323 24.39 -0.98 47.66
CA ALA A 1323 24.68 -2.27 48.28
C ALA A 1323 24.64 -3.42 47.29
N GLN A 1324 23.96 -3.25 46.15
CA GLN A 1324 23.93 -4.32 45.16
C GLN A 1324 25.24 -4.44 44.39
N ILE A 1325 25.94 -3.33 44.19
CA ILE A 1325 27.23 -3.35 43.50
C ILE A 1325 28.32 -3.59 44.52
N THR A 1326 29.09 -4.66 44.32
CA THR A 1326 30.16 -5.01 45.25
C THR A 1326 31.38 -5.50 44.48
N ALA A 1327 32.51 -5.53 45.17
CA ALA A 1327 33.77 -5.92 44.57
C ALA A 1327 34.47 -6.96 45.45
N SER A 1328 35.35 -7.73 44.82
CA SER A 1328 36.22 -8.62 45.57
C SER A 1328 37.10 -7.82 46.53
N SER A 1329 37.65 -6.70 46.05
CA SER A 1329 38.36 -5.76 46.90
C SER A 1329 38.14 -4.36 46.33
N TYR A 1330 38.18 -3.38 47.22
CA TYR A 1330 37.82 -2.01 46.87
C TYR A 1330 38.71 -1.04 47.62
N PHE A 1331 39.42 -0.19 46.88
CA PHE A 1331 40.42 0.67 47.50
C PHE A 1331 39.76 1.82 48.24
N THR A 1332 39.58 1.67 49.55
CA THR A 1332 38.94 2.69 50.37
C THR A 1332 39.83 3.00 51.56
N ASN A 1333 40.21 4.26 51.70
CA ASN A 1333 40.99 4.74 52.86
C ASN A 1333 40.79 6.24 52.97
N MET A 1334 41.67 6.90 53.74
CA MET A 1334 41.55 8.34 53.94
C MET A 1334 41.70 9.09 52.62
N PHE A 1335 42.65 8.67 51.79
CA PHE A 1335 42.91 9.33 50.51
C PHE A 1335 42.14 8.71 49.35
N ALA A 1336 42.01 7.39 49.32
CA ALA A 1336 41.31 6.71 48.24
C ALA A 1336 39.91 6.29 48.69
N THR A 1337 38.90 6.66 47.90
CA THR A 1337 37.51 6.34 48.18
C THR A 1337 36.91 5.57 47.01
N TRP A 1338 37.66 4.60 46.49
CA TRP A 1338 37.25 3.86 45.30
C TRP A 1338 36.29 2.74 45.70
N SER A 1339 35.08 3.15 46.09
CA SER A 1339 34.05 2.19 46.44
C SER A 1339 33.50 1.52 45.19
N PRO A 1340 33.04 0.27 45.30
CA PRO A 1340 32.49 -0.41 44.11
C PRO A 1340 31.28 0.29 43.51
N SER A 1341 30.45 0.95 44.33
CA SER A 1341 29.27 1.62 43.84
C SER A 1341 29.59 2.85 42.98
N LYS A 1342 30.83 3.30 42.97
CA LYS A 1342 31.25 4.43 42.16
C LYS A 1342 31.62 4.05 40.74
N ALA A 1343 31.34 2.81 40.32
CA ALA A 1343 31.59 2.37 38.96
C ALA A 1343 30.50 2.79 37.98
N ARG A 1344 29.64 3.73 38.38
CA ARG A 1344 28.56 4.18 37.50
C ARG A 1344 29.11 4.88 36.27
N LEU A 1345 28.37 4.79 35.17
CA LEU A 1345 28.80 5.41 33.93
C LEU A 1345 28.80 6.93 34.06
N HIS A 1346 29.84 7.56 33.52
CA HIS A 1346 30.02 9.00 33.48
C HIS A 1346 30.08 9.64 34.86
N LEU A 1347 30.36 8.86 35.90
CA LEU A 1347 30.52 9.43 37.23
C LEU A 1347 31.78 10.28 37.27
N GLN A 1348 31.68 11.48 37.85
CA GLN A 1348 32.79 12.41 37.95
C GLN A 1348 32.96 12.86 39.39
N GLY A 1349 34.22 13.06 39.79
CA GLY A 1349 34.52 13.51 41.13
C GLY A 1349 35.64 12.76 41.80
N ARG A 1350 35.67 12.77 43.14
CA ARG A 1350 36.69 12.07 43.90
C ARG A 1350 36.57 10.57 43.70
N SER A 1351 37.59 9.96 43.10
CA SER A 1351 37.61 8.53 42.79
C SER A 1351 36.38 8.15 41.96
N ASN A 1352 36.31 8.74 40.77
CA ASN A 1352 35.14 8.57 39.91
C ASN A 1352 35.19 7.24 39.17
N ALA A 1353 35.43 6.16 39.92
CA ALA A 1353 35.52 4.81 39.38
C ALA A 1353 35.73 3.85 40.54
N TRP A 1354 35.79 2.55 40.25
CA TRP A 1354 36.13 1.57 41.27
C TRP A 1354 37.61 1.19 41.13
N ARG A 1355 38.31 1.16 42.25
CA ARG A 1355 39.66 0.63 42.30
C ARG A 1355 39.78 -0.36 43.44
N PRO A 1356 40.47 -1.48 43.25
CA PRO A 1356 40.58 -2.48 44.29
C PRO A 1356 41.64 -2.14 45.33
N GLN A 1357 41.51 -2.76 46.49
CA GLN A 1357 42.53 -2.65 47.52
C GLN A 1357 43.89 -3.07 46.98
N VAL A 1358 43.94 -4.22 46.30
CA VAL A 1358 45.13 -4.71 45.63
C VAL A 1358 44.78 -4.86 44.15
N ASN A 1359 45.60 -4.26 43.29
CA ASN A 1359 45.37 -4.30 41.85
C ASN A 1359 45.96 -5.59 41.31
N ASN A 1360 45.12 -6.61 41.21
CA ASN A 1360 45.53 -7.95 40.80
C ASN A 1360 44.53 -8.47 39.78
N PRO A 1361 44.97 -9.38 38.90
CA PRO A 1361 44.07 -9.86 37.83
C PRO A 1361 42.85 -10.62 38.34
N LYS A 1362 42.87 -11.09 39.58
CA LYS A 1362 41.74 -11.83 40.12
C LYS A 1362 40.57 -10.93 40.54
N GLU A 1363 40.65 -9.63 40.28
CA GLU A 1363 39.57 -8.74 40.64
C GLU A 1363 38.34 -8.99 39.77
N TRP A 1364 37.19 -8.59 40.29
CA TRP A 1364 35.88 -8.98 39.80
C TRP A 1364 34.78 -8.27 40.57
N LEU A 1365 33.75 -7.85 39.81
CA LEU A 1365 32.69 -6.98 40.28
C LEU A 1365 31.35 -7.67 40.12
N GLN A 1366 30.48 -7.50 41.12
CA GLN A 1366 29.15 -8.09 41.16
C GLN A 1366 28.13 -6.97 41.10
N VAL A 1367 27.13 -7.15 40.24
CA VAL A 1367 25.95 -6.30 40.20
C VAL A 1367 24.72 -7.17 40.36
N ASP A 1368 23.83 -6.77 41.25
CA ASP A 1368 22.60 -7.48 41.52
C ASP A 1368 21.45 -6.79 40.79
N PHE A 1369 20.57 -7.59 40.19
CA PHE A 1369 19.46 -7.05 39.44
C PHE A 1369 18.14 -7.54 40.00
N GLN A 1370 18.17 -8.36 41.06
CA GLN A 1370 17.03 -8.92 41.77
C GLN A 1370 16.32 -10.03 41.00
N LYS A 1371 16.69 -10.24 39.74
CA LYS A 1371 16.09 -11.30 38.92
C LYS A 1371 16.77 -11.28 37.55
N THR A 1372 16.41 -12.26 36.73
CA THR A 1372 17.01 -12.38 35.40
C THR A 1372 16.50 -11.29 34.46
N MET A 1373 17.43 -10.54 33.88
CA MET A 1373 17.13 -9.50 32.90
C MET A 1373 17.87 -9.79 31.60
N LYS A 1374 17.22 -9.54 30.47
CA LYS A 1374 17.81 -9.74 29.16
C LYS A 1374 18.68 -8.55 28.80
N VAL A 1375 19.99 -8.77 28.68
CA VAL A 1375 20.94 -7.73 28.30
C VAL A 1375 21.59 -8.13 26.99
N THR A 1376 21.49 -7.24 25.99
CA THR A 1376 22.12 -7.46 24.69
C THR A 1376 23.23 -6.48 24.39
N GLY A 1377 23.38 -5.42 25.18
CA GLY A 1377 24.45 -4.47 24.95
C GLY A 1377 25.08 -4.01 26.24
N VAL A 1378 26.40 -3.90 26.26
CA VAL A 1378 27.14 -3.46 27.44
C VAL A 1378 28.12 -2.39 27.02
N THR A 1379 28.13 -1.28 27.76
CA THR A 1379 28.99 -0.15 27.45
C THR A 1379 30.08 -0.03 28.51
N THR A 1380 31.33 -0.06 28.07
CA THR A 1380 32.48 0.09 28.95
C THR A 1380 33.27 1.33 28.58
N GLN A 1381 33.98 1.88 29.56
CA GLN A 1381 34.65 3.15 29.35
C GLN A 1381 35.76 3.31 30.38
N GLY A 1382 36.89 3.85 29.94
CA GLY A 1382 37.99 4.15 30.84
C GLY A 1382 37.71 5.39 31.66
N VAL A 1383 38.65 5.69 32.56
CA VAL A 1383 38.52 6.82 33.47
C VAL A 1383 39.82 7.61 33.46
N LYS A 1384 39.74 8.85 33.93
CA LYS A 1384 40.91 9.71 34.04
C LYS A 1384 40.98 10.28 35.45
N SER A 1385 42.17 10.27 36.03
CA SER A 1385 42.40 10.84 37.35
C SER A 1385 43.89 11.00 37.55
N LEU A 1386 44.26 11.90 38.45
CA LEU A 1386 45.66 12.20 38.76
C LEU A 1386 46.45 12.51 37.50
N LEU A 1387 45.79 13.19 36.54
CA LEU A 1387 46.40 13.55 35.27
C LEU A 1387 46.93 12.33 34.51
N THR A 1388 46.18 11.23 34.56
CA THR A 1388 46.53 10.04 33.80
C THR A 1388 45.27 9.27 33.47
N SER A 1389 45.37 8.43 32.44
CA SER A 1389 44.25 7.67 31.90
C SER A 1389 44.40 6.20 32.27
N MET A 1390 43.32 5.62 32.80
CA MET A 1390 43.30 4.27 33.33
C MET A 1390 42.13 3.50 32.71
N TYR A 1391 42.39 2.29 32.21
CA TYR A 1391 41.31 1.53 31.60
C TYR A 1391 41.68 0.05 31.49
N VAL A 1392 40.70 -0.82 31.73
CA VAL A 1392 40.90 -2.27 31.67
C VAL A 1392 40.69 -2.74 30.23
N LYS A 1393 41.63 -3.56 29.73
CA LYS A 1393 41.57 -4.01 28.35
C LYS A 1393 41.14 -5.46 28.19
N GLU A 1394 41.09 -6.23 29.27
CA GLU A 1394 40.75 -7.65 29.24
C GLU A 1394 39.62 -7.89 30.22
N PHE A 1395 38.53 -8.51 29.77
CA PHE A 1395 37.39 -8.77 30.63
C PHE A 1395 36.64 -10.01 30.18
N LEU A 1396 36.07 -10.72 31.14
CA LEU A 1396 35.17 -11.83 30.88
C LEU A 1396 33.91 -11.70 31.73
N ILE A 1397 32.83 -12.33 31.28
CA ILE A 1397 31.52 -12.18 31.89
C ILE A 1397 31.10 -13.52 32.49
N SER A 1398 30.38 -13.46 33.60
CA SER A 1398 29.79 -14.65 34.21
C SER A 1398 28.48 -14.29 34.88
N SER A 1399 27.67 -15.30 35.14
CA SER A 1399 26.37 -15.12 35.75
C SER A 1399 26.15 -16.17 36.83
N SER A 1400 25.45 -15.78 37.89
CA SER A 1400 25.10 -16.71 38.96
C SER A 1400 23.86 -16.20 39.68
N GLN A 1401 23.21 -17.14 40.37
CA GLN A 1401 21.98 -16.83 41.11
C GLN A 1401 22.23 -16.51 42.57
N ASP A 1402 23.29 -17.06 43.16
CA ASP A 1402 23.55 -16.88 44.59
C ASP A 1402 25.00 -16.56 44.92
N GLY A 1403 25.90 -16.55 43.94
CA GLY A 1403 27.29 -16.28 44.19
C GLY A 1403 28.12 -17.49 44.58
N HIS A 1404 27.48 -18.65 44.80
CA HIS A 1404 28.16 -19.89 45.09
C HIS A 1404 28.35 -20.75 43.85
N GLN A 1405 27.29 -20.93 43.07
CA GLN A 1405 27.39 -21.67 41.83
C GLN A 1405 28.21 -20.86 40.81
N TRP A 1406 29.11 -21.55 40.11
CA TRP A 1406 30.11 -20.91 39.26
C TRP A 1406 29.79 -21.21 37.80
N THR A 1407 29.24 -20.24 37.09
CA THR A 1407 29.03 -20.34 35.65
C THR A 1407 29.54 -19.08 34.96
N LEU A 1408 30.57 -19.25 34.13
CA LEU A 1408 31.04 -18.17 33.29
C LEU A 1408 30.12 -18.03 32.07
N PHE A 1409 29.99 -16.81 31.56
CA PHE A 1409 29.19 -16.59 30.37
C PHE A 1409 29.93 -17.15 29.16
N PHE A 1410 29.52 -18.32 28.69
CA PHE A 1410 30.19 -18.95 27.56
C PHE A 1410 30.08 -18.09 26.31
N GLN A 1411 31.22 -17.88 25.65
CA GLN A 1411 31.29 -17.04 24.46
C GLN A 1411 32.02 -17.85 23.38
N ASN A 1412 31.25 -18.61 22.61
CA ASN A 1412 31.79 -19.50 21.58
C ASN A 1412 32.84 -20.46 22.15
N GLY A 1413 32.58 -20.94 23.37
CA GLY A 1413 33.47 -21.89 23.99
C GLY A 1413 34.78 -21.32 24.48
N LYS A 1414 34.91 -20.00 24.54
CA LYS A 1414 36.16 -19.36 24.95
C LYS A 1414 35.82 -18.03 25.60
N VAL A 1415 36.85 -17.34 26.09
CA VAL A 1415 36.72 -15.97 26.57
C VAL A 1415 37.34 -15.05 25.53
N LYS A 1416 36.52 -14.14 25.01
CA LYS A 1416 36.96 -13.24 23.95
C LYS A 1416 37.90 -12.18 24.52
N VAL A 1417 39.05 -12.00 23.87
CA VAL A 1417 40.09 -11.09 24.34
C VAL A 1417 40.14 -9.91 23.38
N PHE A 1418 39.54 -8.79 23.79
CA PHE A 1418 39.56 -7.60 22.98
C PHE A 1418 40.74 -6.69 23.30
N GLN A 1419 41.09 -5.84 22.34
CA GLN A 1419 41.95 -4.70 22.60
C GLN A 1419 41.17 -3.62 23.35
N GLY A 1420 39.99 -3.27 22.85
CA GLY A 1420 39.06 -2.42 23.58
C GLY A 1420 39.32 -0.95 23.31
N ASN A 1421 39.23 -0.15 24.37
CA ASN A 1421 39.40 1.30 24.26
C ASN A 1421 40.84 1.65 23.90
N GLN A 1422 41.01 2.84 23.33
CA GLN A 1422 42.32 3.44 23.20
C GLN A 1422 42.47 4.73 24.00
N ASP A 1423 41.36 5.29 24.48
CA ASP A 1423 41.41 6.41 25.42
C ASP A 1423 40.46 6.16 26.59
N SER A 1424 40.31 7.15 27.47
CA SER A 1424 39.48 7.02 28.66
C SER A 1424 38.21 7.85 28.58
N PHE A 1425 37.90 8.43 27.43
CA PHE A 1425 36.76 9.33 27.28
C PHE A 1425 35.61 8.73 26.50
N THR A 1426 35.87 7.84 25.55
CA THR A 1426 34.83 7.31 24.68
C THR A 1426 34.34 5.97 25.22
N PRO A 1427 33.06 5.86 25.59
CA PRO A 1427 32.51 4.56 25.97
C PRO A 1427 32.14 3.75 24.73
N VAL A 1428 32.51 2.47 24.73
CA VAL A 1428 32.25 1.59 23.61
C VAL A 1428 31.19 0.58 24.01
N VAL A 1429 30.37 0.19 23.03
CA VAL A 1429 29.25 -0.72 23.25
C VAL A 1429 29.58 -2.04 22.56
N ASN A 1430 29.43 -3.14 23.31
CA ASN A 1430 29.61 -4.48 22.78
C ASN A 1430 28.30 -5.26 22.92
N SER A 1431 27.95 -5.99 21.87
CA SER A 1431 26.67 -6.68 21.80
C SER A 1431 26.79 -8.10 22.31
N LEU A 1432 25.74 -8.55 23.00
CA LEU A 1432 25.64 -9.92 23.48
C LEU A 1432 24.39 -10.55 22.88
N ASP A 1433 24.57 -11.34 21.83
CA ASP A 1433 23.43 -12.01 21.20
C ASP A 1433 22.72 -12.94 22.18
N PRO A 1434 23.39 -13.81 22.92
CA PRO A 1434 22.74 -14.50 24.02
C PRO A 1434 22.58 -13.58 25.21
N PRO A 1435 21.36 -13.22 25.57
CA PRO A 1435 21.15 -12.34 26.73
C PRO A 1435 21.69 -12.98 28.00
N LEU A 1436 22.26 -12.16 28.86
CA LEU A 1436 22.71 -12.65 30.15
C LEU A 1436 21.52 -12.94 31.05
N LEU A 1437 21.75 -13.81 32.03
CA LEU A 1437 20.67 -14.28 32.88
C LEU A 1437 21.03 -14.06 34.35
N THR A 1438 20.22 -14.63 35.25
CA THR A 1438 20.48 -14.65 36.69
C THR A 1438 20.42 -13.26 37.32
N ARG A 1439 20.27 -13.21 38.64
CA ARG A 1439 20.24 -11.96 39.38
C ARG A 1439 21.62 -11.42 39.69
N TYR A 1440 22.65 -12.26 39.66
CA TYR A 1440 24.02 -11.87 39.95
C TYR A 1440 24.81 -11.85 38.65
N LEU A 1441 25.26 -10.66 38.25
CA LEU A 1441 26.06 -10.52 37.04
C LEU A 1441 27.48 -10.11 37.43
N ARG A 1442 28.46 -10.83 36.89
CA ARG A 1442 29.83 -10.74 37.35
C ARG A 1442 30.72 -10.36 36.17
N ILE A 1443 31.59 -9.38 36.39
CA ILE A 1443 32.59 -8.98 35.40
C ILE A 1443 33.97 -9.22 36.00
N HIS A 1444 34.83 -9.92 35.26
CA HIS A 1444 36.18 -10.24 35.72
C HIS A 1444 37.20 -9.62 34.77
N PRO A 1445 37.82 -8.50 35.15
CA PRO A 1445 38.93 -7.97 34.35
C PRO A 1445 40.19 -8.81 34.52
N GLN A 1446 41.10 -8.69 33.55
CA GLN A 1446 42.37 -9.40 33.60
C GLN A 1446 43.57 -8.47 33.60
N SER A 1447 43.64 -7.52 32.67
CA SER A 1447 44.77 -6.60 32.62
C SER A 1447 44.26 -5.17 32.40
N TRP A 1448 45.04 -4.22 32.90
CA TRP A 1448 44.61 -2.84 33.00
C TRP A 1448 45.68 -1.92 32.44
N VAL A 1449 45.34 -0.64 32.33
CA VAL A 1449 46.25 0.40 31.88
C VAL A 1449 46.26 1.50 32.94
N HIS A 1450 47.39 1.62 33.62
CA HIS A 1450 47.83 2.65 34.57
C HIS A 1450 47.20 2.59 35.95
N GLN A 1451 46.07 1.88 36.08
CA GLN A 1451 45.38 1.39 37.29
C GLN A 1451 44.14 0.66 36.80
N ILE A 1452 43.42 0.06 37.74
CA ILE A 1452 42.24 -0.74 37.46
C ILE A 1452 41.01 0.12 37.72
N ALA A 1453 40.35 0.57 36.66
CA ALA A 1453 39.17 1.41 36.82
C ALA A 1453 38.37 1.42 35.51
N LEU A 1454 37.04 1.40 35.64
CA LEU A 1454 36.15 1.38 34.48
C LEU A 1454 34.82 2.01 34.86
N ARG A 1455 34.05 2.38 33.84
CA ARG A 1455 32.68 2.84 33.99
C ARG A 1455 31.77 1.97 33.13
N MET A 1456 30.70 1.45 33.74
CA MET A 1456 29.92 0.39 33.12
C MET A 1456 28.45 0.79 33.08
N GLU A 1457 27.77 0.41 32.01
CA GLU A 1457 26.32 0.51 31.90
C GLU A 1457 25.85 -0.45 30.82
N VAL A 1458 24.74 -1.13 31.09
CA VAL A 1458 24.27 -2.23 30.25
C VAL A 1458 23.04 -1.77 29.47
N LEU A 1459 22.68 -2.55 28.46
CA LEU A 1459 21.51 -2.29 27.63
C LEU A 1459 20.66 -3.55 27.52
N GLY A 1460 19.38 -3.43 27.80
CA GLY A 1460 18.48 -4.56 27.71
C GLY A 1460 17.13 -4.23 28.32
N CYS A 1461 16.30 -5.27 28.45
CA CYS A 1461 14.96 -5.13 29.02
C CYS A 1461 14.56 -6.46 29.66
N GLU A 1462 13.26 -6.59 29.97
CA GLU A 1462 12.71 -7.74 30.68
C GLU A 1462 12.23 -8.78 29.68
N ALA A 1463 12.65 -10.03 29.88
CA ALA A 1463 12.17 -11.11 29.04
C ALA A 1463 12.34 -12.42 29.78
N GLN A 1464 11.56 -13.42 29.35
CA GLN A 1464 11.59 -14.76 29.94
C GLN A 1464 10.93 -15.70 28.95
N ILE B 2 34.73 21.01 -13.57
CA ILE B 2 34.34 22.39 -13.86
C ILE B 2 34.78 22.78 -15.27
N VAL B 3 36.07 22.68 -15.54
CA VAL B 3 36.58 22.94 -16.89
C VAL B 3 36.32 21.70 -17.73
N LEU B 4 35.61 21.86 -18.84
CA LEU B 4 35.19 20.76 -19.68
C LEU B 4 35.99 20.75 -20.97
N THR B 5 36.53 19.60 -21.33
CA THR B 5 37.31 19.43 -22.55
C THR B 5 36.69 18.31 -23.38
N GLN B 6 36.59 18.54 -24.69
CA GLN B 6 35.96 17.62 -25.61
C GLN B 6 37.02 17.00 -26.52
N PHE B 7 37.05 15.66 -26.57
CA PHE B 7 37.99 14.92 -27.39
C PHE B 7 37.24 14.04 -28.38
N PRO B 8 37.50 14.15 -29.68
CA PRO B 8 38.42 15.08 -30.34
C PRO B 8 37.79 16.46 -30.50
N GLY B 9 38.58 17.46 -30.90
CA GLY B 9 38.03 18.79 -31.11
C GLY B 9 37.03 18.84 -32.26
N THR B 10 37.25 18.05 -33.30
CA THR B 10 36.35 18.03 -34.45
C THR B 10 36.52 16.69 -35.16
N LEU B 11 35.41 16.07 -35.52
CA LEU B 11 35.44 14.75 -36.15
C LEU B 11 34.61 14.76 -37.42
N SER B 12 35.10 14.07 -38.44
CA SER B 12 34.40 13.88 -39.70
C SER B 12 34.15 12.39 -39.89
N LEU B 13 32.90 12.03 -40.16
CA LEU B 13 32.52 10.63 -40.27
C LEU B 13 31.38 10.49 -41.26
N SER B 14 31.41 9.41 -42.04
CA SER B 14 30.30 9.12 -42.94
C SER B 14 29.04 8.83 -42.14
N PRO B 15 27.87 9.25 -42.61
CA PRO B 15 26.64 9.02 -41.85
C PRO B 15 26.34 7.55 -41.69
N GLY B 16 25.73 7.21 -40.55
CA GLY B 16 25.31 5.86 -40.26
C GLY B 16 26.26 5.07 -39.39
N GLU B 17 27.44 5.61 -39.08
CA GLU B 17 28.41 4.90 -38.28
C GLU B 17 28.49 5.48 -36.88
N ARG B 18 28.88 4.63 -35.93
CA ARG B 18 29.04 5.06 -34.55
C ARG B 18 30.09 6.15 -34.44
N ALA B 19 29.81 7.14 -33.60
CA ALA B 19 30.77 8.17 -33.27
C ALA B 19 30.83 8.33 -31.76
N THR B 20 32.04 8.43 -31.21
CA THR B 20 32.27 8.54 -29.79
C THR B 20 32.97 9.85 -29.49
N LEU B 21 32.39 10.62 -28.57
CA LEU B 21 32.95 11.91 -28.14
C LEU B 21 33.17 11.85 -26.64
N SER B 22 34.41 12.08 -26.21
CA SER B 22 34.78 11.99 -24.81
C SER B 22 34.82 13.38 -24.18
N CYS B 23 34.46 13.43 -22.90
CA CYS B 23 34.43 14.66 -22.13
C CYS B 23 35.25 14.46 -20.87
N ARG B 24 36.15 15.40 -20.60
CA ARG B 24 37.00 15.34 -19.42
C ARG B 24 36.79 16.60 -18.57
N ALA B 25 36.80 16.42 -17.26
CA ALA B 25 36.61 17.52 -16.33
C ALA B 25 37.75 17.52 -15.32
N SER B 26 37.67 18.45 -14.37
CA SER B 26 38.63 18.56 -13.29
C SER B 26 38.10 18.09 -11.95
N GLN B 27 36.85 17.67 -11.88
CA GLN B 27 36.13 17.58 -10.63
C GLN B 27 35.42 16.23 -10.61
N SER B 28 35.39 15.59 -9.46
CA SER B 28 34.82 14.24 -9.37
C SER B 28 33.32 14.36 -9.25
N VAL B 29 32.64 14.47 -10.38
CA VAL B 29 31.23 14.85 -10.41
C VAL B 29 30.40 13.64 -10.80
N ALA B 30 29.18 13.60 -10.27
CA ALA B 30 28.27 12.52 -10.60
C ALA B 30 27.90 12.60 -12.08
N SER B 31 27.63 11.44 -12.67
CA SER B 31 27.18 11.41 -14.06
C SER B 31 25.79 12.01 -14.22
N ALA B 32 25.07 12.25 -13.12
CA ALA B 32 23.78 12.93 -13.22
C ALA B 32 23.93 14.37 -13.65
N TYR B 33 25.01 15.04 -13.22
CA TYR B 33 25.23 16.43 -13.53
C TYR B 33 26.00 16.64 -14.83
N LEU B 34 25.96 15.68 -15.74
CA LEU B 34 26.66 15.77 -17.01
C LEU B 34 25.70 15.34 -18.11
N ALA B 35 25.58 16.16 -19.16
CA ALA B 35 24.65 15.85 -20.25
C ALA B 35 25.28 16.24 -21.58
N TRP B 36 24.51 16.06 -22.65
CA TRP B 36 24.98 16.28 -24.01
C TRP B 36 23.91 17.00 -24.82
N TYR B 37 24.26 18.18 -25.34
CA TYR B 37 23.40 18.99 -26.18
C TYR B 37 23.89 18.91 -27.63
N GLN B 38 22.99 19.25 -28.55
CA GLN B 38 23.27 19.26 -29.99
C GLN B 38 22.84 20.59 -30.59
N GLN B 39 23.68 21.18 -31.44
CA GLN B 39 23.37 22.44 -32.10
C GLN B 39 23.61 22.34 -33.59
N LYS B 40 22.58 22.63 -34.37
CA LYS B 40 22.65 22.79 -35.82
C LYS B 40 23.26 24.16 -36.13
N PRO B 41 24.09 24.28 -37.17
CA PRO B 41 24.74 25.58 -37.43
C PRO B 41 23.73 26.70 -37.67
N GLY B 42 24.04 27.87 -37.11
CA GLY B 42 23.19 29.04 -37.27
C GLY B 42 21.80 28.88 -36.71
N GLN B 43 21.64 28.12 -35.63
CA GLN B 43 20.33 27.82 -35.07
C GLN B 43 20.46 27.67 -33.57
N ALA B 44 19.32 27.58 -32.89
CA ALA B 44 19.35 27.23 -31.49
C ALA B 44 19.78 25.77 -31.33
N PRO B 45 20.48 25.43 -30.24
CA PRO B 45 20.85 24.03 -29.99
C PRO B 45 19.69 23.23 -29.46
N ARG B 46 19.93 21.97 -29.10
CA ARG B 46 18.88 21.06 -28.68
C ARG B 46 19.39 20.06 -27.66
N LEU B 47 18.53 19.69 -26.71
CA LEU B 47 18.88 18.67 -25.73
C LEU B 47 18.89 17.29 -26.40
N LEU B 48 19.97 16.55 -26.18
CA LEU B 48 20.13 15.22 -26.76
C LEU B 48 20.07 14.14 -25.71
N ILE B 49 20.93 14.20 -24.69
CA ILE B 49 21.00 13.16 -23.67
C ILE B 49 21.11 13.83 -22.31
N TYR B 50 20.29 13.37 -21.36
CA TYR B 50 20.29 13.91 -20.01
C TYR B 50 20.83 12.86 -19.04
N GLY B 51 21.47 13.33 -17.97
CA GLY B 51 21.99 12.45 -16.95
C GLY B 51 23.16 11.60 -17.38
N ALA B 52 23.71 11.82 -18.57
CA ALA B 52 24.87 11.12 -19.13
C ALA B 52 24.58 9.66 -19.43
N SER B 53 23.38 9.17 -19.11
CA SER B 53 23.04 7.78 -19.38
C SER B 53 21.66 7.58 -19.95
N SER B 54 20.74 8.53 -19.78
CA SER B 54 19.35 8.38 -20.21
C SER B 54 19.05 9.34 -21.33
N ARG B 55 18.20 8.91 -22.26
CA ARG B 55 17.85 9.71 -23.42
C ARG B 55 16.66 10.62 -23.10
N ALA B 56 16.65 11.79 -23.74
CA ALA B 56 15.64 12.80 -23.47
C ALA B 56 14.35 12.50 -24.21
N THR B 57 13.47 13.50 -24.30
CA THR B 57 12.15 13.32 -24.88
C THR B 57 12.23 13.00 -26.37
N ASP B 58 11.59 11.89 -26.76
CA ASP B 58 11.42 11.49 -28.16
C ASP B 58 12.71 11.53 -28.97
N ILE B 59 13.78 10.94 -28.46
CA ILE B 59 15.02 10.78 -29.20
C ILE B 59 15.21 9.28 -29.45
N PRO B 60 15.45 8.84 -30.68
CA PRO B 60 15.62 7.40 -30.93
C PRO B 60 16.83 6.85 -30.19
N HIS B 61 16.76 5.54 -29.94
CA HIS B 61 17.71 4.78 -29.14
C HIS B 61 19.09 4.66 -29.79
N ARG B 62 19.30 5.35 -30.91
CA ARG B 62 20.59 5.35 -31.57
C ARG B 62 21.68 5.92 -30.67
N PHE B 63 21.38 6.98 -29.94
CA PHE B 63 22.36 7.60 -29.06
C PHE B 63 22.47 6.87 -27.74
N SER B 64 23.56 7.14 -27.02
CA SER B 64 23.77 6.58 -25.69
C SER B 64 24.86 7.40 -25.02
N GLY B 65 24.90 7.30 -23.69
CA GLY B 65 25.93 7.94 -22.92
C GLY B 65 26.48 6.99 -21.87
N SER B 66 27.68 7.31 -21.39
CA SER B 66 28.34 6.48 -20.40
C SER B 66 29.40 7.31 -19.69
N GLY B 67 29.95 6.75 -18.63
CA GLY B 67 31.03 7.37 -17.88
C GLY B 67 30.55 7.99 -16.58
N SER B 68 31.53 8.45 -15.81
CA SER B 68 31.25 9.06 -14.51
C SER B 68 32.50 9.76 -14.01
N GLY B 69 32.32 10.52 -12.94
CA GLY B 69 33.42 11.00 -12.12
C GLY B 69 34.20 12.12 -12.75
N THR B 70 35.05 11.76 -13.72
CA THR B 70 35.82 12.72 -14.47
C THR B 70 35.90 12.38 -15.95
N ASP B 71 35.33 11.27 -16.39
CA ASP B 71 35.39 10.89 -17.80
C ASP B 71 34.01 10.48 -18.26
N PHE B 72 33.54 11.10 -19.34
CA PHE B 72 32.22 10.82 -19.89
C PHE B 72 32.34 10.56 -21.39
N THR B 73 31.35 9.89 -21.95
CA THR B 73 31.41 9.51 -23.35
C THR B 73 30.01 9.49 -23.95
N LEU B 74 29.84 10.18 -25.06
CA LEU B 74 28.61 10.14 -25.84
C LEU B 74 28.87 9.29 -27.08
N THR B 75 28.07 8.25 -27.25
CA THR B 75 28.26 7.29 -28.34
C THR B 75 26.99 7.22 -29.15
N ILE B 76 27.10 7.50 -30.44
CA ILE B 76 25.96 7.41 -31.35
C ILE B 76 26.20 6.18 -32.24
N SER B 77 25.33 5.18 -32.11
CA SER B 77 25.50 3.94 -32.84
C SER B 77 25.42 4.17 -34.35
N ARG B 78 24.45 4.96 -34.79
CA ARG B 78 24.32 5.32 -36.19
C ARG B 78 23.92 6.78 -36.28
N LEU B 79 24.68 7.55 -37.05
CA LEU B 79 24.46 8.99 -37.15
C LEU B 79 23.93 9.33 -38.54
N GLU B 80 22.92 10.20 -38.59
CA GLU B 80 22.34 10.67 -39.83
C GLU B 80 22.47 12.18 -39.93
N PRO B 81 22.46 12.72 -41.16
CA PRO B 81 22.59 14.17 -41.34
C PRO B 81 21.57 15.00 -40.56
N GLU B 82 20.47 14.40 -40.10
CA GLU B 82 19.58 15.15 -39.22
C GLU B 82 20.25 15.50 -37.90
N ASP B 83 21.28 14.77 -37.51
CA ASP B 83 21.96 14.98 -36.25
C ASP B 83 23.43 15.36 -36.41
N PHE B 84 23.93 15.46 -37.64
CA PHE B 84 25.28 15.96 -37.86
C PHE B 84 25.33 17.42 -37.43
N ALA B 85 25.92 17.69 -36.28
CA ALA B 85 25.85 19.01 -35.68
C ALA B 85 27.06 19.17 -34.75
N VAL B 86 27.02 20.21 -33.93
CA VAL B 86 28.08 20.44 -32.94
C VAL B 86 27.54 19.99 -31.59
N TYR B 87 28.28 19.11 -30.92
CA TYR B 87 27.80 18.47 -29.70
C TYR B 87 28.58 18.95 -28.48
N TYR B 88 27.87 19.14 -27.38
CA TYR B 88 28.44 19.66 -26.15
C TYR B 88 28.12 18.78 -24.95
N CYS B 89 29.15 18.11 -24.42
CA CYS B 89 29.10 17.67 -23.04
C CYS B 89 29.09 18.89 -22.15
N GLN B 90 28.33 18.82 -21.06
CA GLN B 90 28.28 19.99 -20.19
C GLN B 90 27.72 19.64 -18.82
N GLN B 91 28.26 20.31 -17.82
CA GLN B 91 27.76 20.32 -16.45
C GLN B 91 26.89 21.55 -16.27
N TYR B 92 25.82 21.42 -15.48
CA TYR B 92 24.75 22.40 -15.51
C TYR B 92 24.24 22.70 -14.11
N GLY B 93 23.64 23.87 -13.97
CA GLY B 93 22.72 24.11 -12.88
C GLY B 93 23.35 24.15 -11.50
N THR B 94 23.86 22.99 -11.07
CA THR B 94 24.31 22.81 -9.71
C THR B 94 25.64 23.52 -9.46
N SER B 95 26.02 23.59 -8.18
CA SER B 95 27.12 24.41 -7.68
C SER B 95 26.96 25.88 -8.01
N ALA B 96 25.75 26.29 -8.42
CA ALA B 96 25.38 27.67 -8.72
C ALA B 96 26.04 28.19 -9.99
N LEU B 97 26.93 27.41 -10.60
CA LEU B 97 27.65 27.82 -11.79
C LEU B 97 27.45 26.79 -12.89
N LEU B 98 27.62 27.24 -14.14
CA LEU B 98 27.42 26.40 -15.30
C LEU B 98 28.50 26.72 -16.34
N THR B 99 28.85 25.72 -17.13
CA THR B 99 29.67 25.95 -18.30
C THR B 99 29.45 24.82 -19.30
N PHE B 100 29.81 25.09 -20.54
CA PHE B 100 29.59 24.16 -21.64
C PHE B 100 30.92 23.62 -22.15
N GLY B 101 30.81 22.63 -23.04
CA GLY B 101 31.97 22.00 -23.60
C GLY B 101 32.58 22.81 -24.72
N GLY B 102 33.64 22.26 -25.30
CA GLY B 102 34.35 22.93 -26.37
C GLY B 102 33.64 22.93 -27.70
N GLY B 103 32.54 22.19 -27.82
CA GLY B 103 31.79 22.18 -29.05
C GLY B 103 32.47 21.45 -30.17
N THR B 104 32.53 20.12 -30.08
CA THR B 104 33.09 19.32 -31.16
C THR B 104 32.12 19.31 -32.33
N LYS B 105 32.48 20.04 -33.39
CA LYS B 105 31.70 20.00 -34.62
C LYS B 105 31.86 18.64 -35.28
N VAL B 106 30.74 18.03 -35.65
CA VAL B 106 30.73 16.74 -36.33
C VAL B 106 30.57 16.99 -37.82
N GLU B 107 31.45 16.38 -38.61
CA GLU B 107 31.50 16.62 -40.04
C GLU B 107 31.21 15.32 -40.80
N ILE B 108 30.88 15.48 -42.07
CA ILE B 108 30.65 14.36 -42.98
C ILE B 108 31.87 14.20 -43.86
N LYS B 109 32.35 12.96 -44.00
CA LYS B 109 33.51 12.72 -44.83
C LYS B 109 33.20 13.07 -46.29
N ARG B 110 34.07 13.87 -46.89
CA ARG B 110 33.93 14.28 -48.27
C ARG B 110 35.14 13.81 -49.07
N THR B 111 34.88 13.31 -50.28
CA THR B 111 35.95 12.79 -51.10
C THR B 111 36.92 13.89 -51.50
N VAL B 112 38.16 13.50 -51.76
CA VAL B 112 39.21 14.44 -52.11
C VAL B 112 39.04 14.86 -53.55
N ALA B 113 38.42 16.01 -53.77
CA ALA B 113 38.17 16.55 -55.10
C ALA B 113 39.12 17.71 -55.37
N ALA B 114 39.00 18.27 -56.57
CA ALA B 114 39.87 19.37 -56.98
C ALA B 114 39.39 20.68 -56.38
N PRO B 115 40.22 21.39 -55.62
CA PRO B 115 39.80 22.69 -55.09
C PRO B 115 39.76 23.75 -56.19
N SER B 116 39.00 24.81 -55.92
CA SER B 116 38.84 25.91 -56.85
C SER B 116 39.44 27.17 -56.24
N VAL B 117 40.21 27.91 -57.04
CA VAL B 117 40.91 29.10 -56.60
C VAL B 117 40.60 30.26 -57.55
N PHE B 118 40.28 31.42 -56.97
CA PHE B 118 40.01 32.64 -57.71
C PHE B 118 40.80 33.78 -57.10
N ILE B 119 41.34 34.64 -57.95
CA ILE B 119 42.07 35.82 -57.49
C ILE B 119 41.65 37.02 -58.33
N PHE B 120 41.34 38.13 -57.66
CA PHE B 120 40.88 39.32 -58.37
C PHE B 120 41.52 40.57 -57.76
N PRO B 121 42.33 41.29 -58.53
CA PRO B 121 42.77 42.62 -58.12
C PRO B 121 41.62 43.59 -58.23
N PRO B 122 41.69 44.73 -57.53
CA PRO B 122 40.60 45.72 -57.61
C PRO B 122 40.53 46.31 -59.02
N SER B 123 39.40 46.09 -59.69
CA SER B 123 39.20 46.61 -61.02
C SER B 123 39.05 48.14 -60.97
N ASP B 124 38.85 48.74 -62.15
CA ASP B 124 38.82 50.19 -62.24
C ASP B 124 37.69 50.78 -61.39
N GLU B 125 36.53 50.12 -61.39
CA GLU B 125 35.41 50.60 -60.57
C GLU B 125 35.78 50.59 -59.10
N GLN B 126 36.56 49.59 -58.67
CA GLN B 126 37.08 49.57 -57.31
C GLN B 126 38.05 50.72 -57.09
N LEU B 127 38.88 51.03 -58.08
CA LEU B 127 39.88 52.08 -57.90
C LEU B 127 39.23 53.45 -57.73
N LYS B 128 38.28 53.79 -58.60
CA LYS B 128 37.58 55.06 -58.43
C LYS B 128 36.57 55.04 -57.28
N SER B 129 36.26 53.87 -56.71
CA SER B 129 35.50 53.85 -55.48
C SER B 129 36.34 54.25 -54.27
N GLY B 130 37.66 54.24 -54.41
CA GLY B 130 38.57 54.54 -53.33
C GLY B 130 38.97 53.34 -52.49
N THR B 131 38.28 52.22 -52.64
CA THR B 131 38.56 51.00 -51.89
C THR B 131 39.15 49.99 -52.88
N ALA B 132 40.48 49.98 -52.98
CA ALA B 132 41.17 49.09 -53.91
C ALA B 132 41.59 47.82 -53.18
N SER B 133 40.60 46.98 -52.92
CA SER B 133 40.80 45.75 -52.14
C SER B 133 41.13 44.59 -53.08
N VAL B 134 42.32 44.03 -52.92
CA VAL B 134 42.69 42.80 -53.62
C VAL B 134 42.06 41.62 -52.88
N VAL B 135 41.42 40.73 -53.63
CA VAL B 135 40.68 39.63 -53.02
C VAL B 135 41.16 38.31 -53.60
N CYS B 136 41.20 37.28 -52.77
CA CYS B 136 41.35 35.92 -53.30
C CYS B 136 40.50 34.95 -52.50
N LEU B 137 39.81 34.07 -53.22
CA LEU B 137 38.86 33.12 -52.64
C LEU B 137 39.24 31.71 -53.05
N LEU B 138 38.92 30.76 -52.18
CA LEU B 138 39.18 29.35 -52.47
C LEU B 138 38.04 28.52 -51.89
N ASN B 139 37.70 27.44 -52.61
CA ASN B 139 36.48 26.69 -52.36
C ASN B 139 36.72 25.21 -52.59
N ASN B 140 35.87 24.39 -51.96
CA ASN B 140 35.85 22.93 -52.05
C ASN B 140 37.27 22.35 -52.01
N PHE B 141 37.93 22.56 -50.88
CA PHE B 141 39.35 22.28 -50.77
C PHE B 141 39.58 21.12 -49.81
N TYR B 142 40.86 20.84 -49.53
CA TYR B 142 41.37 20.00 -48.43
C TYR B 142 42.73 20.53 -47.99
N PRO B 143 42.92 20.74 -46.68
CA PRO B 143 41.96 20.55 -45.59
C PRO B 143 41.20 21.83 -45.25
N ARG B 144 40.36 21.80 -44.22
CA ARG B 144 39.65 23.00 -43.79
C ARG B 144 40.61 24.07 -43.30
N GLU B 145 41.65 23.67 -42.57
CA GLU B 145 42.59 24.58 -41.95
C GLU B 145 43.77 24.93 -42.86
N ALA B 146 43.58 24.86 -44.18
CA ALA B 146 44.63 25.25 -45.13
C ALA B 146 44.86 26.75 -45.01
N LYS B 147 45.99 27.12 -44.41
CA LYS B 147 46.27 28.51 -44.08
C LYS B 147 47.08 29.16 -45.21
N VAL B 148 46.55 30.23 -45.77
CA VAL B 148 47.28 31.03 -46.75
C VAL B 148 47.44 32.44 -46.19
N GLN B 149 48.48 33.14 -46.67
CA GLN B 149 48.82 34.46 -46.18
C GLN B 149 49.14 35.38 -47.34
N TRP B 150 48.98 36.68 -47.12
CA TRP B 150 49.22 37.67 -48.16
C TRP B 150 50.74 37.88 -48.30
N LYS B 151 51.31 37.06 -49.16
CA LYS B 151 52.72 37.01 -49.53
C LYS B 151 52.95 37.81 -50.81
N VAL B 152 53.60 38.96 -50.70
CA VAL B 152 53.93 39.75 -51.88
C VAL B 152 55.41 40.14 -51.83
N ASP B 153 56.19 39.58 -52.74
CA ASP B 153 57.60 39.93 -52.91
C ASP B 153 58.36 39.82 -51.59
N ASN B 154 58.26 38.64 -50.96
CA ASN B 154 58.83 38.38 -49.64
C ASN B 154 58.31 39.39 -48.61
N ALA B 155 57.04 39.77 -48.72
CA ALA B 155 56.43 40.77 -47.84
C ALA B 155 55.19 40.18 -47.23
N LEU B 156 55.08 40.28 -45.90
CA LEU B 156 53.85 39.97 -45.19
C LEU B 156 52.84 41.10 -45.37
N GLN B 157 51.57 40.74 -45.49
CA GLN B 157 50.48 41.67 -45.25
C GLN B 157 49.61 41.09 -44.15
N SER B 158 49.63 41.74 -42.99
CA SER B 158 48.96 41.21 -41.80
C SER B 158 48.53 42.37 -40.92
N GLY B 159 47.60 42.08 -40.01
CA GLY B 159 47.03 43.10 -39.14
C GLY B 159 46.07 44.05 -39.82
N ASN B 160 45.81 43.85 -41.10
CA ASN B 160 44.88 44.71 -41.84
C ASN B 160 43.87 43.95 -42.69
N SER B 161 44.17 42.71 -43.08
CA SER B 161 43.28 41.92 -43.91
C SER B 161 42.23 41.22 -43.06
N GLN B 162 41.25 40.63 -43.74
CA GLN B 162 40.22 39.83 -43.08
C GLN B 162 39.91 38.63 -43.95
N GLU B 163 39.30 37.63 -43.33
CA GLU B 163 38.97 36.39 -44.02
C GLU B 163 37.63 35.87 -43.50
N SER B 164 36.75 35.53 -44.44
CA SER B 164 35.44 34.98 -44.14
C SER B 164 35.42 33.51 -44.51
N VAL B 165 34.98 32.67 -43.57
CA VAL B 165 34.92 31.23 -43.77
C VAL B 165 33.46 30.78 -43.74
N THR B 166 33.04 30.08 -44.79
CA THR B 166 31.68 29.60 -44.87
C THR B 166 31.46 28.42 -43.93
N GLU B 167 30.25 28.33 -43.39
CA GLU B 167 29.90 27.20 -42.55
C GLU B 167 29.83 25.92 -43.38
N GLN B 168 30.06 24.79 -42.72
CA GLN B 168 30.00 23.52 -43.42
C GLN B 168 28.61 23.30 -44.00
N ASP B 169 28.57 22.89 -45.27
CA ASP B 169 27.30 22.67 -45.94
C ASP B 169 26.55 21.51 -45.29
N SER B 170 25.26 21.71 -45.06
CA SER B 170 24.43 20.66 -44.48
C SER B 170 24.15 19.54 -45.46
N LYS B 171 24.44 19.73 -46.74
CA LYS B 171 24.18 18.71 -47.75
C LYS B 171 25.44 18.16 -48.40
N ASP B 172 26.36 19.03 -48.83
CA ASP B 172 27.58 18.59 -49.50
C ASP B 172 28.82 18.73 -48.62
N SER B 173 28.68 19.23 -47.39
CA SER B 173 29.80 19.37 -46.46
C SER B 173 30.93 20.20 -47.06
N THR B 174 30.59 21.17 -47.90
CA THR B 174 31.60 21.99 -48.55
C THR B 174 32.10 23.08 -47.60
N TYR B 175 33.23 23.66 -47.97
CA TYR B 175 33.83 24.75 -47.21
C TYR B 175 34.37 25.77 -48.20
N SER B 176 34.41 27.03 -47.77
CA SER B 176 34.92 28.09 -48.63
C SER B 176 35.51 29.20 -47.76
N LEU B 177 36.59 29.79 -48.24
CA LEU B 177 37.29 30.86 -47.55
C LEU B 177 37.54 32.00 -48.52
N SER B 178 37.45 33.23 -48.01
CA SER B 178 37.65 34.44 -48.82
C SER B 178 38.52 35.40 -48.03
N SER B 179 39.64 35.82 -48.63
CA SER B 179 40.56 36.76 -47.99
C SER B 179 40.52 38.08 -48.75
N THR B 180 40.27 39.16 -48.01
CA THR B 180 40.13 40.50 -48.56
C THR B 180 41.00 41.47 -47.78
N LEU B 181 41.45 42.52 -48.45
CA LEU B 181 42.27 43.56 -47.84
C LEU B 181 41.43 44.80 -47.55
N THR B 182 41.57 45.34 -46.34
CA THR B 182 40.91 46.58 -45.95
C THR B 182 41.96 47.69 -46.00
N LEU B 183 42.11 48.30 -47.17
CA LEU B 183 43.14 49.31 -47.38
C LEU B 183 42.66 50.33 -48.40
N SER B 184 43.33 51.48 -48.43
CA SER B 184 42.98 52.55 -49.34
C SER B 184 43.52 52.27 -50.74
N LYS B 185 43.17 53.14 -51.68
CA LYS B 185 43.60 52.96 -53.07
C LYS B 185 45.11 53.07 -53.21
N ALA B 186 45.70 54.11 -52.63
CA ALA B 186 47.14 54.34 -52.80
C ALA B 186 47.97 53.22 -52.20
N ASP B 187 47.54 52.70 -51.04
CA ASP B 187 48.27 51.61 -50.41
C ASP B 187 48.29 50.37 -51.30
N TYR B 188 47.26 50.18 -52.12
CA TYR B 188 47.29 49.12 -53.13
C TYR B 188 48.15 49.52 -54.32
N GLU B 189 48.09 50.79 -54.71
CA GLU B 189 48.74 51.23 -55.95
C GLU B 189 50.26 51.22 -55.83
N LYS B 190 50.79 51.44 -54.64
CA LYS B 190 52.24 51.48 -54.48
C LYS B 190 52.88 50.14 -54.85
N HIS B 191 52.25 49.04 -54.45
CA HIS B 191 52.74 47.73 -54.86
C HIS B 191 52.38 47.45 -56.32
N LYS B 192 53.08 46.49 -56.91
CA LYS B 192 52.91 46.18 -58.32
C LYS B 192 52.41 44.77 -58.57
N VAL B 193 52.83 43.80 -57.77
CA VAL B 193 52.42 42.41 -57.91
C VAL B 193 51.46 42.09 -56.77
N TYR B 194 50.35 41.43 -57.10
CA TYR B 194 49.31 41.11 -56.14
C TYR B 194 48.94 39.64 -56.25
N ALA B 195 49.10 38.91 -55.14
CA ALA B 195 48.78 37.49 -55.09
C ALA B 195 48.88 37.01 -53.65
N CYS B 196 48.11 35.98 -53.33
CA CYS B 196 48.19 35.29 -52.05
C CYS B 196 48.67 33.86 -52.29
N GLU B 197 49.48 33.36 -51.37
CA GLU B 197 50.18 32.10 -51.58
C GLU B 197 49.19 30.95 -51.74
N VAL B 198 49.55 29.99 -52.60
CA VAL B 198 48.70 28.86 -52.93
C VAL B 198 49.38 27.57 -52.48
N THR B 199 48.67 26.80 -51.65
CA THR B 199 49.16 25.51 -51.17
C THR B 199 48.12 24.44 -51.49
N HIS B 200 48.57 23.36 -52.12
CA HIS B 200 47.69 22.25 -52.49
C HIS B 200 48.45 20.95 -52.33
N GLN B 201 47.71 19.85 -52.22
CA GLN B 201 48.33 18.54 -52.07
C GLN B 201 49.17 18.19 -53.30
N GLY B 202 48.70 18.55 -54.48
CA GLY B 202 49.44 18.30 -55.70
C GLY B 202 49.74 19.57 -56.49
N PHE B 211 47.89 38.18 -64.24
CA PHE B 211 47.68 39.05 -63.08
C PHE B 211 48.50 40.33 -63.22
N ASN B 212 47.87 41.36 -63.77
CA ASN B 212 48.49 42.66 -63.95
C ASN B 212 47.65 43.73 -63.25
N ARG B 213 48.30 44.83 -62.90
CA ARG B 213 47.64 45.94 -62.22
C ARG B 213 46.44 46.45 -63.00
N GLN C 1 3.98 23.32 -26.63
CA GLN C 1 3.33 24.56 -27.01
C GLN C 1 3.93 25.70 -26.16
N VAL C 2 4.86 25.34 -25.28
CA VAL C 2 5.55 26.34 -24.48
C VAL C 2 6.43 27.20 -25.39
N GLN C 3 6.37 28.51 -25.17
CA GLN C 3 7.09 29.47 -25.99
C GLN C 3 8.05 30.28 -25.13
N LEU C 4 9.24 30.54 -25.66
CA LEU C 4 10.28 31.28 -24.97
C LEU C 4 10.75 32.45 -25.82
N VAL C 5 9.80 33.28 -26.24
CA VAL C 5 10.08 34.26 -27.29
C VAL C 5 11.02 35.35 -26.77
N GLN C 6 11.82 35.89 -27.69
CA GLN C 6 12.76 36.96 -27.38
C GLN C 6 12.61 38.09 -28.40
N SER C 7 13.18 39.24 -28.05
CA SER C 7 13.18 40.38 -28.95
C SER C 7 14.15 40.15 -30.10
N GLY C 8 14.08 41.04 -31.10
CA GLY C 8 14.91 40.95 -32.27
C GLY C 8 16.31 41.49 -32.06
N ALA C 9 17.02 41.67 -33.16
CA ALA C 9 18.39 42.16 -33.10
C ALA C 9 18.43 43.57 -32.52
N GLU C 10 19.33 43.78 -31.56
CA GLU C 10 19.48 45.06 -30.89
C GLU C 10 20.93 45.51 -31.02
N VAL C 11 21.12 46.81 -31.26
CA VAL C 11 22.43 47.39 -31.47
C VAL C 11 22.65 48.48 -30.43
N LYS C 12 23.79 48.41 -29.75
CA LYS C 12 24.13 49.40 -28.73
C LYS C 12 25.62 49.71 -28.80
N LYS C 13 25.99 50.85 -28.26
CA LYS C 13 27.39 51.26 -28.21
C LYS C 13 28.06 50.72 -26.96
N PRO C 14 29.39 50.52 -27.01
CA PRO C 14 30.10 50.03 -25.82
C PRO C 14 29.99 51.01 -24.67
N GLY C 15 30.00 50.47 -23.46
CA GLY C 15 29.91 51.26 -22.24
C GLY C 15 28.51 51.42 -21.69
N ALA C 16 27.49 51.19 -22.51
CA ALA C 16 26.11 51.29 -22.06
C ALA C 16 25.63 49.92 -21.60
N SER C 17 24.33 49.80 -21.34
CA SER C 17 23.72 48.55 -20.91
C SER C 17 22.56 48.23 -21.83
N VAL C 18 22.58 47.04 -22.44
CA VAL C 18 21.50 46.58 -23.30
C VAL C 18 20.66 45.58 -22.53
N LYS C 19 19.35 45.78 -22.54
CA LYS C 19 18.43 44.89 -21.84
C LYS C 19 17.68 44.04 -22.87
N VAL C 20 17.73 42.73 -22.69
CA VAL C 20 17.04 41.79 -23.55
C VAL C 20 16.00 41.04 -22.72
N SER C 21 14.83 40.82 -23.31
CA SER C 21 13.70 40.20 -22.65
C SER C 21 13.49 38.79 -23.16
N CYS C 22 12.88 37.97 -22.30
CA CYS C 22 12.53 36.58 -22.63
C CYS C 22 11.13 36.35 -22.07
N LYS C 23 10.13 36.39 -22.95
CA LYS C 23 8.75 36.17 -22.54
C LYS C 23 8.44 34.69 -22.60
N THR C 24 7.98 34.15 -21.47
CA THR C 24 7.62 32.75 -21.33
C THR C 24 6.12 32.60 -21.50
N SER C 25 5.71 31.50 -22.12
CA SER C 25 4.30 31.20 -22.29
C SER C 25 4.11 29.69 -22.18
N GLY C 26 3.04 29.29 -21.49
CA GLY C 26 2.72 27.88 -21.36
C GLY C 26 2.94 27.26 -19.99
N TYR C 27 2.97 28.06 -18.94
CA TYR C 27 3.13 27.56 -17.58
C TYR C 27 2.76 28.65 -16.60
N ASN C 28 2.21 28.25 -15.45
CA ASN C 28 1.94 29.22 -14.41
C ASN C 28 3.27 29.79 -13.92
N PHE C 29 3.24 31.07 -13.54
CA PHE C 29 4.46 31.85 -13.34
C PHE C 29 5.49 31.12 -12.48
N THR C 30 5.05 30.26 -11.57
CA THR C 30 5.94 29.50 -10.70
C THR C 30 5.63 28.02 -10.79
N GLY C 31 6.66 27.19 -10.61
CA GLY C 31 6.47 25.75 -10.53
C GLY C 31 6.80 25.20 -9.15
N TYR C 32 6.43 25.96 -8.12
CA TYR C 32 6.77 25.69 -6.72
C TYR C 32 8.28 25.73 -6.48
N SER C 33 8.67 25.61 -5.22
CA SER C 33 10.07 25.74 -4.80
C SER C 33 10.89 24.48 -5.06
N ALA C 34 10.43 23.61 -5.95
CA ALA C 34 10.98 22.27 -6.09
C ALA C 34 10.99 21.56 -4.74
N SER C 35 9.96 21.84 -3.94
CA SER C 35 9.83 21.19 -2.65
C SER C 35 9.77 19.68 -2.80
N GLY C 36 9.34 19.20 -3.96
CA GLY C 36 9.39 17.79 -4.28
C GLY C 36 10.35 17.48 -5.39
N HIS C 37 10.96 18.52 -5.98
CA HIS C 37 11.87 18.37 -7.10
C HIS C 37 11.18 17.66 -8.27
N ILE C 38 10.11 18.27 -8.78
CA ILE C 38 9.25 17.63 -9.78
C ILE C 38 9.28 18.38 -11.11
N PHE C 39 8.88 19.64 -11.09
CA PHE C 39 8.81 20.50 -12.27
C PHE C 39 9.62 21.76 -11.97
N THR C 40 10.74 21.92 -12.67
CA THR C 40 11.65 23.04 -12.45
C THR C 40 11.87 23.88 -13.70
N ALA C 41 10.85 24.01 -14.55
CA ALA C 41 10.98 24.88 -15.71
C ALA C 41 10.95 26.35 -15.33
N TYR C 42 10.68 26.68 -14.08
CA TYR C 42 10.67 28.09 -13.69
C TYR C 42 12.03 28.73 -13.88
N SER C 43 13.09 28.00 -13.54
CA SER C 43 14.43 28.56 -13.51
C SER C 43 14.83 28.97 -14.92
N VAL C 44 14.95 30.27 -15.16
CA VAL C 44 15.35 30.78 -16.45
C VAL C 44 16.87 30.95 -16.45
N HIS C 45 17.53 30.27 -17.39
CA HIS C 45 18.98 30.28 -17.52
C HIS C 45 19.35 31.06 -18.76
N TRP C 46 20.12 32.12 -18.59
CA TRP C 46 20.60 32.86 -19.75
C TRP C 46 21.77 32.12 -20.39
N VAL C 47 22.02 32.45 -21.66
CA VAL C 47 23.19 31.89 -22.32
C VAL C 47 23.50 32.76 -23.54
N ARG C 48 24.78 32.87 -23.88
CA ARG C 48 25.21 33.60 -25.06
C ARG C 48 26.18 32.74 -25.86
N GLN C 49 26.21 32.98 -27.17
CA GLN C 49 27.08 32.21 -28.06
C GLN C 49 27.57 33.12 -29.18
N ALA C 50 28.89 33.17 -29.36
CA ALA C 50 29.50 34.00 -30.38
C ALA C 50 29.68 33.22 -31.67
N PRO C 51 29.79 33.93 -32.81
CA PRO C 51 30.00 33.22 -34.08
C PRO C 51 31.24 32.35 -34.09
N GLY C 52 32.30 32.76 -33.40
CA GLY C 52 33.55 32.03 -33.39
C GLY C 52 33.77 31.13 -32.19
N GLN C 53 32.75 30.90 -31.36
CA GLN C 53 32.94 30.06 -30.18
C GLN C 53 31.62 29.42 -29.77
N GLY C 54 31.72 28.39 -28.93
CA GLY C 54 30.55 27.72 -28.41
C GLY C 54 29.87 28.52 -27.32
N LEU C 55 28.69 28.05 -26.94
CA LEU C 55 27.86 28.80 -26.01
C LEU C 55 28.47 28.79 -24.61
N GLU C 56 28.18 29.84 -23.84
CA GLU C 56 28.75 30.02 -22.52
C GLU C 56 27.72 30.66 -21.61
N TRP C 57 27.70 30.25 -20.35
CA TRP C 57 26.63 30.59 -19.43
C TRP C 57 26.68 32.08 -19.07
N MET C 58 25.54 32.58 -18.61
CA MET C 58 25.45 33.94 -18.07
C MET C 58 24.90 33.99 -16.67
N GLY C 59 23.82 33.29 -16.38
CA GLY C 59 23.18 33.41 -15.09
C GLY C 59 21.92 32.57 -15.01
N ARG C 60 21.43 32.44 -13.79
CA ARG C 60 20.20 31.74 -13.45
C ARG C 60 19.32 32.66 -12.62
N ILE C 61 18.03 32.64 -12.91
CA ILE C 61 17.04 33.37 -12.13
C ILE C 61 15.88 32.45 -11.81
N ASN C 62 15.50 32.40 -10.53
CA ASN C 62 14.35 31.65 -10.09
C ASN C 62 13.18 32.61 -9.96
N PRO C 63 12.11 32.44 -10.72
CA PRO C 63 10.95 33.32 -10.56
C PRO C 63 10.21 33.08 -9.26
N ASN C 64 10.35 31.90 -8.65
CA ASN C 64 9.56 31.55 -7.48
C ASN C 64 9.85 32.51 -6.33
N SER C 65 11.12 32.80 -6.08
CA SER C 65 11.51 33.63 -4.95
C SER C 65 12.42 34.80 -5.33
N GLY C 66 12.81 34.90 -6.59
CA GLY C 66 13.72 35.96 -7.01
C GLY C 66 15.18 35.68 -6.78
N ALA C 67 15.53 34.49 -6.30
CA ALA C 67 16.93 34.13 -6.14
C ALA C 67 17.62 34.07 -7.50
N THR C 68 18.94 34.24 -7.49
CA THR C 68 19.67 34.22 -8.75
C THR C 68 21.13 33.91 -8.49
N ASP C 69 21.81 33.48 -9.55
CA ASP C 69 23.25 33.28 -9.57
C ASP C 69 23.78 33.76 -10.91
N TYR C 70 25.07 34.11 -10.95
CA TYR C 70 25.67 34.59 -12.19
C TYR C 70 27.02 33.93 -12.39
N ALA C 71 27.41 33.79 -13.65
CA ALA C 71 28.76 33.32 -13.95
C ALA C 71 29.78 34.31 -13.43
N HIS C 72 30.93 33.80 -13.00
CA HIS C 72 31.93 34.65 -12.35
C HIS C 72 32.43 35.76 -13.26
N LYS C 73 32.28 35.61 -14.58
CA LYS C 73 32.74 36.64 -15.49
C LYS C 73 31.82 37.86 -15.48
N PHE C 74 30.56 37.68 -15.13
CA PHE C 74 29.55 38.71 -15.32
C PHE C 74 28.87 39.09 -14.00
N GLN C 75 29.64 39.10 -12.91
CA GLN C 75 29.07 39.48 -11.62
C GLN C 75 28.62 40.94 -11.63
N GLY C 76 29.45 41.84 -12.16
CA GLY C 76 29.09 43.23 -12.33
C GLY C 76 28.77 43.62 -13.75
N ARG C 77 28.82 42.70 -14.70
CA ARG C 77 28.56 42.98 -16.11
C ARG C 77 27.16 42.59 -16.55
N VAL C 78 26.52 41.63 -15.87
CA VAL C 78 25.17 41.19 -16.18
C VAL C 78 24.34 41.26 -14.91
N THR C 79 23.11 41.76 -15.04
CA THR C 79 22.16 41.76 -13.93
C THR C 79 20.82 41.23 -14.43
N MET C 80 20.03 40.71 -13.49
CA MET C 80 18.86 39.91 -13.82
C MET C 80 17.65 40.40 -13.03
N SER C 81 16.47 40.29 -13.65
CA SER C 81 15.24 40.70 -12.98
C SER C 81 14.06 39.97 -13.57
N ARG C 82 12.98 39.88 -12.79
CA ARG C 82 11.75 39.24 -13.23
C ARG C 82 10.60 40.24 -13.22
N ASP C 83 9.67 40.02 -14.13
CA ASP C 83 8.45 40.82 -14.19
C ASP C 83 7.53 40.46 -13.01
N THR C 84 6.41 41.17 -12.92
CA THR C 84 5.43 40.88 -11.89
C THR C 84 4.46 39.79 -12.34
N SER C 85 3.76 40.03 -13.44
CA SER C 85 2.75 39.11 -13.92
C SER C 85 2.78 38.90 -15.44
N ILE C 86 3.70 39.53 -16.15
CA ILE C 86 3.72 39.46 -17.61
C ILE C 86 4.53 38.26 -18.11
N SER C 87 5.15 37.50 -17.21
CA SER C 87 5.90 36.29 -17.55
C SER C 87 7.02 36.59 -18.55
N THR C 88 7.88 37.54 -18.18
CA THR C 88 9.01 37.91 -19.01
C THR C 88 10.21 38.23 -18.12
N ALA C 89 11.33 37.57 -18.39
CA ALA C 89 12.57 37.79 -17.68
C ALA C 89 13.40 38.85 -18.39
N TYR C 90 14.07 39.71 -17.61
CA TYR C 90 14.83 40.82 -18.15
C TYR C 90 16.29 40.68 -17.74
N MET C 91 17.19 40.64 -18.72
CA MET C 91 18.62 40.65 -18.45
C MET C 91 19.21 41.96 -18.95
N GLU C 92 20.08 42.57 -18.16
CA GLU C 92 20.74 43.82 -18.53
C GLU C 92 22.24 43.56 -18.57
N LEU C 93 22.81 43.62 -19.77
CA LEU C 93 24.24 43.46 -19.98
C LEU C 93 24.87 44.85 -19.98
N SER C 94 25.62 45.15 -18.92
CA SER C 94 26.25 46.44 -18.75
C SER C 94 27.73 46.38 -19.13
N ARG C 95 28.36 47.55 -19.16
CA ARG C 95 29.77 47.67 -19.52
C ARG C 95 30.07 46.97 -20.84
N LEU C 96 29.29 47.32 -21.86
CA LEU C 96 29.35 46.63 -23.13
C LEU C 96 30.74 46.72 -23.74
N THR C 97 31.17 45.65 -24.39
CA THR C 97 32.41 45.60 -25.13
C THR C 97 32.13 45.12 -26.55
N SER C 98 33.01 45.50 -27.47
CA SER C 98 32.79 45.23 -28.89
C SER C 98 32.70 43.74 -29.20
N ASP C 99 33.20 42.88 -28.32
CA ASP C 99 33.12 41.44 -28.53
C ASP C 99 31.75 40.86 -28.21
N ASP C 100 30.87 41.64 -27.57
CA ASP C 100 29.61 41.11 -27.10
C ASP C 100 28.64 40.80 -28.23
N THR C 101 28.94 41.19 -29.47
CA THR C 101 28.08 40.85 -30.60
C THR C 101 27.99 39.33 -30.71
N ALA C 102 26.77 38.80 -30.62
CA ALA C 102 26.57 37.36 -30.54
C ALA C 102 25.07 37.07 -30.59
N MET C 103 24.73 35.81 -30.29
CA MET C 103 23.35 35.35 -30.19
C MET C 103 23.06 35.02 -28.73
N TYR C 104 22.02 35.62 -28.18
CA TYR C 104 21.68 35.48 -26.77
C TYR C 104 20.34 34.73 -26.64
N TYR C 105 20.36 33.60 -25.93
CA TYR C 105 19.19 32.78 -25.71
C TYR C 105 18.82 32.74 -24.24
N CYS C 106 17.56 32.37 -23.98
CA CYS C 106 17.04 32.12 -22.64
C CYS C 106 16.51 30.68 -22.56
N ALA C 107 16.60 30.09 -21.38
CA ALA C 107 16.40 28.66 -21.20
C ALA C 107 15.59 28.39 -19.95
N ARG C 108 15.14 27.14 -19.80
CA ARG C 108 14.59 26.65 -18.55
C ARG C 108 14.89 25.15 -18.43
N ALA C 109 14.71 24.62 -17.23
CA ALA C 109 15.13 23.26 -16.89
C ALA C 109 13.93 22.34 -16.69
N ASP C 110 13.48 21.71 -17.78
CA ASP C 110 12.29 20.85 -17.75
C ASP C 110 12.48 19.68 -18.72
N ASN C 111 12.74 18.49 -18.16
CA ASN C 111 12.72 17.24 -18.90
C ASN C 111 12.65 16.07 -17.93
N TYR C 112 13.82 15.56 -17.50
CA TYR C 112 13.90 14.47 -16.54
C TYR C 112 15.07 14.70 -15.61
N PHE C 113 15.43 13.67 -14.85
CA PHE C 113 16.69 13.66 -14.11
C PHE C 113 17.04 12.21 -13.83
N ASP C 114 18.27 11.81 -14.16
CA ASP C 114 18.72 10.42 -14.03
C ASP C 114 19.66 10.32 -12.83
N ILE C 115 19.06 10.14 -11.65
CA ILE C 115 19.79 9.83 -10.42
C ILE C 115 19.02 8.70 -9.76
N VAL C 116 19.46 8.28 -8.58
CA VAL C 116 18.90 7.11 -7.89
C VAL C 116 17.37 7.13 -7.83
N THR C 117 16.78 8.25 -7.41
CA THR C 117 15.33 8.47 -7.52
C THR C 117 15.05 9.97 -7.42
N GLY C 118 15.04 10.64 -8.56
CA GLY C 118 14.78 12.08 -8.58
C GLY C 118 14.28 12.55 -9.92
N TYR C 119 13.11 13.18 -9.93
CA TYR C 119 12.39 13.49 -11.16
C TYR C 119 12.25 15.00 -11.34
N THR C 120 13.23 15.74 -10.83
CA THR C 120 13.32 17.15 -11.18
C THR C 120 14.00 17.27 -12.54
N SER C 121 14.37 18.48 -12.92
CA SER C 121 15.04 18.69 -14.20
C SER C 121 16.06 19.80 -14.04
N HIS C 122 17.31 19.49 -14.37
CA HIS C 122 18.36 20.50 -14.47
C HIS C 122 18.90 20.55 -15.90
N TYR C 123 18.01 20.45 -16.88
CA TYR C 123 18.42 20.36 -18.27
C TYR C 123 17.53 21.24 -19.13
N PHE C 124 18.14 21.94 -20.09
CA PHE C 124 17.42 22.86 -20.94
C PHE C 124 16.75 22.10 -22.09
N ASP C 125 15.43 22.26 -22.20
CA ASP C 125 14.69 21.72 -23.32
C ASP C 125 13.80 22.77 -23.96
N TYR C 126 13.80 23.99 -23.42
CA TYR C 126 12.99 25.08 -23.93
C TYR C 126 13.88 26.29 -24.20
N TRP C 127 13.65 26.93 -25.35
CA TRP C 127 14.62 27.78 -26.05
C TRP C 127 14.02 28.60 -27.17
N GLY C 128 14.24 29.91 -27.12
CA GLY C 128 13.65 30.83 -28.08
C GLY C 128 14.48 30.95 -29.35
N ARG C 129 14.14 31.96 -30.14
CA ARG C 129 14.77 32.12 -31.44
C ARG C 129 16.24 32.53 -31.33
N GLY C 130 16.52 33.50 -30.47
CA GLY C 130 17.87 34.02 -30.34
C GLY C 130 18.00 35.49 -30.68
N THR C 131 18.41 36.29 -29.70
CA THR C 131 18.55 37.73 -29.88
C THR C 131 19.95 38.03 -30.43
N LEU C 132 20.02 38.68 -31.59
CA LEU C 132 21.31 39.08 -32.16
C LEU C 132 21.68 40.44 -31.59
N VAL C 133 22.73 40.48 -30.77
CA VAL C 133 23.17 41.73 -30.14
C VAL C 133 24.45 42.19 -30.84
N THR C 134 24.42 43.42 -31.34
CA THR C 134 25.56 44.05 -32.00
C THR C 134 26.02 45.24 -31.17
N VAL C 135 27.29 45.24 -30.78
CA VAL C 135 27.87 46.31 -29.97
C VAL C 135 29.07 46.87 -30.71
N SER C 136 29.04 48.17 -30.99
CA SER C 136 30.13 48.86 -31.64
C SER C 136 29.87 50.36 -31.54
N SER C 137 30.94 51.13 -31.31
CA SER C 137 30.80 52.57 -31.19
C SER C 137 30.45 53.24 -32.51
N ALA C 138 30.65 52.55 -33.63
CA ALA C 138 30.29 53.11 -34.92
C ALA C 138 28.79 53.23 -35.07
N SER C 139 28.36 54.20 -35.86
CA SER C 139 26.95 54.38 -36.19
C SER C 139 26.60 53.59 -37.44
N THR C 140 25.34 53.69 -37.86
CA THR C 140 24.88 52.92 -39.01
C THR C 140 25.55 53.39 -40.30
N LYS C 141 25.88 52.44 -41.17
CA LYS C 141 26.48 52.71 -42.46
C LYS C 141 25.74 51.92 -43.53
N GLY C 142 25.61 52.52 -44.71
CA GLY C 142 24.82 51.94 -45.78
C GLY C 142 25.57 50.88 -46.57
N PRO C 143 25.04 50.54 -47.74
CA PRO C 143 25.55 49.43 -48.56
C PRO C 143 26.72 49.80 -49.47
N SER C 144 27.91 49.90 -48.89
CA SER C 144 29.10 50.11 -49.68
C SER C 144 29.44 48.82 -50.41
N VAL C 145 28.61 48.44 -51.37
CA VAL C 145 28.73 47.16 -52.05
C VAL C 145 29.51 47.37 -53.35
N PHE C 146 30.45 46.46 -53.61
CA PHE C 146 31.26 46.51 -54.81
C PHE C 146 31.23 45.16 -55.52
N PRO C 147 31.20 45.16 -56.84
CA PRO C 147 31.18 43.90 -57.59
C PRO C 147 32.55 43.29 -57.74
N LEU C 148 32.56 41.98 -58.01
CA LEU C 148 33.77 41.19 -58.19
C LEU C 148 33.53 40.30 -59.41
N ALA C 149 34.02 40.75 -60.58
CA ALA C 149 33.89 40.04 -61.83
C ALA C 149 35.26 39.62 -62.36
N PRO C 150 35.36 38.48 -63.03
CA PRO C 150 36.64 38.10 -63.63
C PRO C 150 37.09 39.14 -64.66
N CYS C 151 38.40 39.33 -64.74
CA CYS C 151 38.96 40.27 -65.69
C CYS C 151 38.64 39.83 -67.12
N SER C 152 38.30 40.82 -67.97
CA SER C 152 37.93 40.50 -69.34
C SER C 152 39.08 39.86 -70.10
N ARG C 153 40.31 40.20 -69.75
CA ARG C 153 41.50 39.62 -70.39
C ARG C 153 41.98 38.34 -69.71
N SER C 154 41.31 37.89 -68.65
CA SER C 154 41.71 36.69 -67.94
C SER C 154 40.57 35.68 -67.85
N THR C 155 39.61 35.74 -68.77
CA THR C 155 38.43 34.86 -68.74
C THR C 155 38.59 33.81 -69.84
N SER C 156 39.11 32.64 -69.46
CA SER C 156 39.22 31.51 -70.37
C SER C 156 38.71 30.19 -69.80
N GLU C 157 38.65 30.04 -68.48
CA GLU C 157 38.08 28.83 -67.89
C GLU C 157 36.56 28.80 -68.10
N SER C 158 36.04 27.59 -68.27
CA SER C 158 34.60 27.43 -68.46
C SER C 158 33.82 27.92 -67.24
N THR C 159 34.35 27.70 -66.05
CA THR C 159 33.71 28.11 -64.81
C THR C 159 34.29 29.44 -64.35
N ALA C 160 33.41 30.39 -64.04
CA ALA C 160 33.82 31.71 -63.58
C ALA C 160 33.02 32.07 -62.33
N ALA C 161 33.70 32.62 -61.34
CA ALA C 161 33.07 33.02 -60.09
C ALA C 161 32.73 34.50 -60.10
N LEU C 162 31.49 34.82 -59.73
CA LEU C 162 31.04 36.19 -59.57
C LEU C 162 30.79 36.46 -58.10
N GLY C 163 31.01 37.69 -57.67
CA GLY C 163 30.81 38.04 -56.27
C GLY C 163 30.37 39.48 -56.10
N CYS C 164 29.83 39.76 -54.91
CA CYS C 164 29.64 41.14 -54.46
C CYS C 164 30.00 41.26 -52.98
N LEU C 165 30.69 42.33 -52.65
CA LEU C 165 31.21 42.58 -51.32
C LEU C 165 30.50 43.78 -50.71
N VAL C 166 29.75 43.55 -49.64
CA VAL C 166 29.19 44.61 -48.83
C VAL C 166 30.21 44.93 -47.75
N LYS C 167 30.88 46.07 -47.88
CA LYS C 167 32.00 46.44 -47.03
C LYS C 167 31.63 47.61 -46.14
N ASP C 168 32.16 47.58 -44.92
CA ASP C 168 32.04 48.68 -43.97
C ASP C 168 30.58 48.99 -43.62
N TYR C 169 29.68 48.07 -43.91
CA TYR C 169 28.28 48.24 -43.58
C TYR C 169 28.03 47.95 -42.10
N PHE C 170 26.97 48.55 -41.57
CA PHE C 170 26.66 48.47 -40.15
C PHE C 170 25.24 48.97 -39.91
N PRO C 171 24.50 48.38 -38.97
CA PRO C 171 24.83 47.20 -38.16
C PRO C 171 24.14 45.93 -38.64
N GLU C 172 24.30 44.85 -37.89
CA GLU C 172 23.57 43.62 -38.17
C GLU C 172 22.11 43.78 -37.81
N PRO C 173 21.21 43.01 -38.44
CA PRO C 173 21.44 42.00 -39.48
C PRO C 173 21.26 42.55 -40.90
N VAL C 174 22.03 42.02 -41.87
CA VAL C 174 21.99 42.48 -43.25
C VAL C 174 21.94 41.26 -44.15
N THR C 175 21.09 41.29 -45.18
CA THR C 175 20.85 40.16 -46.05
C THR C 175 21.37 40.44 -47.45
N VAL C 176 21.83 39.39 -48.13
CA VAL C 176 22.23 39.49 -49.53
C VAL C 176 21.64 38.31 -50.29
N SER C 177 20.87 38.60 -51.34
CA SER C 177 20.37 37.62 -52.27
C SER C 177 21.12 37.73 -53.60
N TRP C 178 21.02 36.68 -54.40
CA TRP C 178 21.76 36.61 -55.67
C TRP C 178 20.80 36.54 -56.84
N ASN C 179 21.23 37.14 -57.95
CA ASN C 179 20.47 37.20 -59.20
C ASN C 179 19.09 37.80 -58.99
N SER C 180 18.94 38.62 -57.94
CA SER C 180 17.65 39.15 -57.52
C SER C 180 16.65 38.03 -57.23
N GLY C 181 17.14 36.89 -56.77
CA GLY C 181 16.30 35.74 -56.49
C GLY C 181 15.97 34.89 -57.68
N ALA C 182 16.47 35.21 -58.87
CA ALA C 182 16.14 34.44 -60.06
C ALA C 182 16.83 33.10 -60.12
N LEU C 183 17.98 32.95 -59.45
CA LEU C 183 18.74 31.71 -59.49
C LEU C 183 19.30 31.40 -58.12
N THR C 184 19.21 30.12 -57.73
CA THR C 184 19.76 29.64 -56.47
C THR C 184 20.98 28.75 -56.65
N SER C 185 21.28 28.32 -57.86
CA SER C 185 22.40 27.41 -58.09
C SER C 185 23.72 28.10 -57.83
N GLY C 186 24.59 27.43 -57.08
CA GLY C 186 25.91 27.98 -56.80
C GLY C 186 25.92 29.22 -55.96
N VAL C 187 24.80 29.57 -55.33
CA VAL C 187 24.72 30.78 -54.51
C VAL C 187 25.28 30.47 -53.13
N HIS C 188 26.29 31.23 -52.72
CA HIS C 188 26.91 31.09 -51.41
C HIS C 188 27.04 32.47 -50.78
N THR C 189 26.98 32.50 -49.45
CA THR C 189 27.08 33.74 -48.70
C THR C 189 28.08 33.55 -47.56
N PHE C 190 29.15 34.35 -47.58
CA PHE C 190 30.15 34.28 -46.52
C PHE C 190 29.64 34.98 -45.26
N PRO C 191 29.95 34.44 -44.08
CA PRO C 191 29.51 35.10 -42.84
C PRO C 191 30.17 36.45 -42.66
N ALA C 192 29.45 37.35 -41.99
CA ALA C 192 29.99 38.69 -41.71
C ALA C 192 31.22 38.59 -40.81
N VAL C 193 32.27 39.31 -41.19
CA VAL C 193 33.50 39.36 -40.42
C VAL C 193 33.75 40.83 -40.05
N LEU C 194 34.15 41.05 -38.80
CA LEU C 194 34.46 42.40 -38.34
C LEU C 194 35.85 42.78 -38.82
N GLN C 195 35.92 43.72 -39.76
CA GLN C 195 37.20 44.12 -40.33
C GLN C 195 38.03 44.87 -39.28
N SER C 196 39.27 45.18 -39.68
CA SER C 196 40.10 46.05 -38.86
C SER C 196 39.50 47.44 -38.74
N SER C 197 38.69 47.87 -39.72
CA SER C 197 38.01 49.15 -39.66
C SER C 197 36.91 49.20 -38.61
N GLY C 198 36.52 48.05 -38.06
CA GLY C 198 35.48 47.99 -37.05
C GLY C 198 34.07 47.79 -37.59
N LEU C 199 33.90 47.83 -38.90
CA LEU C 199 32.59 47.60 -39.51
C LEU C 199 32.54 46.24 -40.18
N TYR C 200 31.34 45.87 -40.61
CA TYR C 200 31.09 44.52 -41.08
C TYR C 200 31.45 44.36 -42.55
N SER C 201 31.92 43.17 -42.90
CA SER C 201 32.23 42.82 -44.28
C SER C 201 31.54 41.51 -44.62
N LEU C 202 30.82 41.50 -45.74
CA LEU C 202 30.14 40.30 -46.21
C LEU C 202 30.44 40.13 -47.70
N SER C 203 30.52 38.88 -48.12
CA SER C 203 30.75 38.55 -49.52
C SER C 203 29.78 37.47 -49.94
N SER C 204 29.08 37.70 -51.05
CA SER C 204 28.15 36.72 -51.60
C SER C 204 28.57 36.40 -53.03
N VAL C 205 28.67 35.11 -53.33
CA VAL C 205 29.26 34.66 -54.60
C VAL C 205 28.34 33.65 -55.27
N VAL C 206 28.54 33.53 -56.58
CA VAL C 206 27.95 32.47 -57.40
C VAL C 206 29.08 31.85 -58.21
N THR C 207 29.21 30.53 -58.12
CA THR C 207 30.27 29.81 -58.81
C THR C 207 29.82 29.20 -60.13
N VAL C 208 28.62 29.54 -60.59
CA VAL C 208 28.08 28.98 -61.82
C VAL C 208 28.93 29.45 -62.99
N PRO C 209 29.11 28.63 -64.03
CA PRO C 209 29.85 29.08 -65.21
C PRO C 209 29.21 30.28 -65.89
N SER C 210 29.28 31.45 -65.23
CA SER C 210 28.69 32.65 -65.80
C SER C 210 29.35 33.03 -67.13
N SER C 211 30.63 32.69 -67.31
CA SER C 211 31.30 32.94 -68.58
C SER C 211 30.72 32.07 -69.69
N SER C 212 30.40 30.80 -69.38
CA SER C 212 29.82 29.91 -70.39
C SER C 212 28.45 30.40 -70.83
N LEU C 213 27.62 30.83 -69.88
CA LEU C 213 26.30 31.33 -70.19
C LEU C 213 26.38 32.78 -70.69
N GLY C 214 25.37 33.16 -71.47
CA GLY C 214 25.29 34.52 -71.95
C GLY C 214 24.99 35.50 -70.83
N THR C 215 24.75 36.76 -71.23
CA THR C 215 24.46 37.80 -70.26
C THR C 215 23.16 37.47 -69.53
N LYS C 216 23.26 37.26 -68.23
CA LYS C 216 22.11 36.94 -67.39
C LYS C 216 22.13 37.86 -66.18
N THR C 217 20.94 38.10 -65.62
CA THR C 217 20.80 39.07 -64.54
C THR C 217 21.46 38.57 -63.26
N TYR C 218 22.79 38.51 -63.26
CA TYR C 218 23.56 38.24 -62.05
C TYR C 218 23.63 39.51 -61.22
N THR C 219 22.45 40.04 -60.91
CA THR C 219 22.30 41.28 -60.16
C THR C 219 21.98 40.89 -58.72
N CYS C 220 22.99 40.97 -57.86
CA CYS C 220 22.81 40.61 -56.46
C CYS C 220 22.20 41.79 -55.70
N ASN C 221 21.33 41.45 -54.74
CA ASN C 221 20.58 42.43 -53.97
C ASN C 221 21.07 42.45 -52.54
N VAL C 222 21.27 43.64 -52.00
CA VAL C 222 21.70 43.86 -50.62
C VAL C 222 20.59 44.59 -49.89
N ASP C 223 20.18 44.04 -48.75
CA ASP C 223 19.09 44.58 -47.95
C ASP C 223 19.60 44.87 -46.56
N HIS C 224 19.48 46.12 -46.13
CA HIS C 224 19.94 46.60 -44.83
C HIS C 224 18.71 47.12 -44.10
N LYS C 225 18.18 46.31 -43.19
CA LYS C 225 16.99 46.70 -42.44
C LYS C 225 17.23 47.90 -41.52
N PRO C 226 18.30 47.98 -40.73
CA PRO C 226 18.48 49.16 -39.87
C PRO C 226 18.51 50.48 -40.65
N SER C 227 19.08 50.47 -41.85
CA SER C 227 19.06 51.65 -42.72
C SER C 227 17.95 51.61 -43.76
N ASN C 228 17.19 50.51 -43.83
CA ASN C 228 16.05 50.38 -44.75
C ASN C 228 16.46 50.63 -46.20
N THR C 229 17.56 50.02 -46.63
CA THR C 229 18.01 50.22 -48.00
C THR C 229 18.08 48.89 -48.76
N LYS C 230 17.70 48.95 -50.04
CA LYS C 230 17.82 47.83 -50.96
C LYS C 230 18.62 48.29 -52.17
N VAL C 231 19.71 47.58 -52.46
CA VAL C 231 20.57 47.92 -53.59
C VAL C 231 20.74 46.67 -54.45
N ASP C 232 20.26 46.72 -55.68
CA ASP C 232 20.46 45.65 -56.65
C ASP C 232 21.55 46.08 -57.62
N LYS C 233 22.64 45.30 -57.67
CA LYS C 233 23.80 45.68 -58.46
C LYS C 233 24.21 44.50 -59.34
N ARG C 234 24.39 44.78 -60.64
CA ARG C 234 24.77 43.77 -61.61
C ARG C 234 26.29 43.76 -61.76
N VAL C 235 26.88 42.58 -61.69
CA VAL C 235 28.32 42.46 -61.75
C VAL C 235 28.80 42.54 -63.21
#